data_6IC4
#
_entry.id   6IC4
#
_cell.length_a   1
_cell.length_b   1
_cell.length_c   1
_cell.angle_alpha   90
_cell.angle_beta   90
_cell.angle_gamma   90
#
_symmetry.space_group_name_H-M   'P 1'
#
loop_
_entity.id
_entity.type
_entity.pdbx_description
1 polymer 'Toluene tolerance efflux transporter (ABC superfamily, PerI-bind)'
2 polymer 'ABC transporter permease'
3 polymer 'ABC transporter ATP-binding protein'
4 polymer Ttg2E
#
loop_
_entity_poly.entity_id
_entity_poly.type
_entity_poly.pdbx_seq_one_letter_code
_entity_poly.pdbx_strand_id
1 'polypeptide(L)'
;AVGIFVIIFGIALFFLAMKVSGLVGTNLSDGYTMKAQFDNVNGLKPRAKVTMSGVTIGRVDSITLDPVTRLATVTFDLDG
KLTSFNAEQLKEVQKNALDELRYSSDYTQATPAQQKTMEQQLISNMNSITSIDEDAYIMVATNGLLGEKYLKIVPGGGLN
YLKRGDTISNTQGTMDLEDLISK
;
A,B,C,D,E,F
2 'polypeptide(L)'
;MNTIAWLGRLVIERIRGIGVAALMLLQIIFSLPSAGGFGRFVYQMHRVGVMSLLIITVSGLFIGLVLGLQGYSILVNVGS
ESMLGTMVSLTLLRELAPVVAALLFAGRAGSALTAEIGSMKQSEQLASMEMIGVDPLKQIVSPRLWAGIVSLPMLTVIFA
AIGIVGGKLVGVDFLGVDEGSFWSGMQNNVQFGHDVVNGIIKSIVFALLCTWIAVFQGYACDPTPEGIATAMTRTVVYSS
LCVLGFDFVLTAVMFGG
;
G,H
3 'polypeptide(L)'
;LIEVKNLSFNRGERVIYDNISLNIRRGQITAIMGPSGTGKTTLLRLIGGQLVPDQGEVLLDGKDIAQMSRQRARMGMLFQ
SGALFTDMSVYENVAFPIRAHTLSENLIAELVALKLESVGLRGTEQLMPTELSGGMNRRVALARAIALDPDLIMYDEPFA
GQDPIVKGVLTRLIRSLREALDLTTIIVSHDVPETLSIADYIYVVAEGKIQGEGTPEELQAYASPFVKQFLTG
;
I,J
4 'polypeptide(L)'
;VQYLNQELVVSGKIDFENAEQQYQAGLAIIKKQTSFPLIVDLKQLEHGNTLALAVLVQWLRQTPQKSGLHFKNVPEKMLK
IIQACHLQEDLHL
;
K,L
#
# COMPACT_ATOMS: atom_id res chain seq x y z
N ALA A 1 10.03 12.36 -32.70
CA ALA A 1 8.82 12.97 -33.21
C ALA A 1 8.82 14.47 -33.00
N VAL A 2 9.96 14.99 -32.53
CA VAL A 2 10.15 16.39 -32.16
C VAL A 2 8.89 17.14 -31.72
N GLY A 3 8.18 16.58 -30.75
CA GLY A 3 6.87 17.06 -30.38
C GLY A 3 6.01 15.99 -29.73
N ILE A 4 5.77 16.14 -28.43
CA ILE A 4 4.94 15.20 -27.70
C ILE A 4 5.65 13.86 -27.55
N PHE A 5 5.79 13.14 -28.65
CA PHE A 5 6.25 11.75 -28.55
C PHE A 5 7.77 11.67 -28.84
N VAL A 6 8.50 12.75 -28.55
CA VAL A 6 9.96 12.76 -28.74
C VAL A 6 10.66 12.46 -27.40
N ILE A 7 9.92 12.67 -26.72
CA ILE A 7 10.50 12.36 -25.43
C ILE A 7 10.73 10.85 -25.23
N ILE A 8 9.83 10.03 -25.77
CA ILE A 8 9.99 8.57 -25.73
C ILE A 8 11.31 8.17 -26.33
N PHE A 9 11.72 8.83 -27.42
CA PHE A 9 13.01 8.56 -28.00
C PHE A 9 14.14 8.96 -27.06
N GLY A 10 14.04 10.14 -26.46
CA GLY A 10 15.13 10.68 -25.67
C GLY A 10 15.38 9.84 -24.39
N ILE A 11 14.30 9.34 -23.75
CA ILE A 11 14.47 8.67 -22.45
C ILE A 11 15.00 7.21 -22.64
N ALA A 12 14.94 6.70 -23.87
CA ALA A 12 15.48 5.37 -24.22
C ALA A 12 17.00 5.27 -24.00
N LEU A 13 17.68 6.42 -24.09
CA LEU A 13 19.12 6.46 -23.88
C LEU A 13 19.54 6.60 -22.41
N PHE A 14 18.58 6.86 -21.51
CA PHE A 14 18.85 6.93 -20.07
C PHE A 14 18.19 5.75 -19.33
N PHE A 15 17.28 5.07 -20.01
CA PHE A 15 16.69 3.82 -19.48
C PHE A 15 17.74 2.71 -19.23
N LEU A 16 18.61 2.46 -20.20
CA LEU A 16 19.75 1.55 -19.96
C LEU A 16 20.90 2.25 -19.22
N ALA A 17 20.86 3.25 -18.22
CA ALA A 17 22.05 3.80 -17.56
C ALA A 17 22.46 2.94 -16.37
N MET A 18 21.60 1.99 -16.03
CA MET A 18 21.89 1.03 -14.99
C MET A 18 22.08 -0.33 -15.65
N LYS A 19 22.57 -0.31 -16.89
CA LYS A 19 22.96 -1.52 -17.61
C LYS A 19 24.38 -1.96 -17.27
N VAL A 20 25.27 -0.99 -17.05
CA VAL A 20 26.65 -1.29 -16.69
C VAL A 20 26.68 -1.85 -15.26
N SER A 21 25.94 -1.20 -14.37
CA SER A 21 25.76 -1.75 -13.05
C SER A 21 24.41 -2.44 -12.96
N GLY A 22 24.25 -3.50 -13.74
CA GLY A 22 22.98 -4.22 -13.73
C GLY A 22 23.23 -5.63 -13.22
N LEU A 23 24.47 -6.07 -13.37
CA LEU A 23 24.87 -7.39 -12.91
C LEU A 23 26.18 -7.36 -12.15
N VAL A 24 27.28 -7.10 -12.87
CA VAL A 24 28.59 -7.26 -12.26
C VAL A 24 29.43 -5.98 -12.24
N GLY A 25 29.87 -5.55 -13.42
CA GLY A 25 30.87 -4.50 -13.53
C GLY A 25 31.17 -4.04 -14.95
N THR A 26 31.87 -4.87 -15.72
CA THR A 26 32.44 -6.13 -15.24
C THR A 26 33.80 -5.96 -14.57
N ASN A 27 34.25 -7.02 -13.90
CA ASN A 27 35.51 -7.01 -13.21
C ASN A 27 36.06 -8.42 -12.99
N LEU A 28 35.68 -9.38 -13.85
CA LEU A 28 36.08 -10.76 -13.66
C LEU A 28 37.51 -10.93 -14.19
N SER A 29 37.87 -10.14 -15.22
CA SER A 29 39.23 -10.18 -15.73
C SER A 29 40.29 -9.62 -14.75
N ASP A 30 39.94 -8.78 -13.75
CA ASP A 30 40.86 -8.34 -12.70
C ASP A 30 40.86 -9.24 -11.47
N GLY A 31 39.98 -10.25 -11.43
CA GLY A 31 39.97 -11.18 -10.30
C GLY A 31 40.85 -12.41 -10.55
N TYR A 32 40.57 -13.50 -9.82
CA TYR A 32 41.37 -14.73 -9.86
C TYR A 32 40.43 -15.89 -10.02
N THR A 33 40.79 -16.88 -10.84
CA THR A 33 39.98 -18.11 -10.83
C THR A 33 40.85 -19.29 -10.51
N MET A 34 40.38 -20.11 -9.58
CA MET A 34 41.18 -21.22 -9.07
C MET A 34 40.29 -22.41 -8.90
N LYS A 35 40.84 -23.61 -8.98
CA LYS A 35 40.01 -24.78 -8.74
C LYS A 35 40.66 -25.72 -7.74
N ALA A 36 39.85 -26.56 -7.12
CA ALA A 36 40.28 -27.53 -6.13
C ALA A 36 39.39 -28.78 -6.12
N GLN A 37 39.91 -29.93 -5.66
CA GLN A 37 39.02 -31.10 -5.50
C GLN A 37 38.62 -31.27 -4.04
N PHE A 38 37.34 -31.59 -3.82
CA PHE A 38 36.77 -31.85 -2.50
C PHE A 38 36.22 -33.28 -2.45
N ASP A 39 36.34 -34.01 -1.33
CA ASP A 39 35.71 -35.33 -1.36
C ASP A 39 34.35 -35.42 -0.65
N ASN A 40 34.13 -34.61 0.38
CA ASN A 40 32.85 -34.67 1.12
C ASN A 40 32.57 -33.35 1.85
N VAL A 41 31.74 -32.48 1.26
CA VAL A 41 31.34 -31.25 1.94
C VAL A 41 29.91 -31.14 2.47
N ASN A 42 29.78 -30.97 3.78
CA ASN A 42 28.46 -30.88 4.40
C ASN A 42 27.95 -29.44 4.24
N GLY A 43 26.98 -29.22 3.39
CA GLY A 43 26.40 -27.89 3.20
C GLY A 43 26.98 -27.00 2.08
N LEU A 44 27.40 -27.57 0.94
CA LEU A 44 27.89 -26.72 -0.16
C LEU A 44 26.73 -26.02 -0.84
N LYS A 45 26.81 -24.70 -0.92
CA LYS A 45 25.76 -23.87 -1.49
C LYS A 45 26.32 -23.12 -2.69
N PRO A 46 25.48 -22.80 -3.67
CA PRO A 46 25.99 -21.97 -4.74
C PRO A 46 26.27 -20.61 -4.11
N ARG A 47 27.35 -19.96 -4.50
CA ARG A 47 27.81 -18.67 -3.97
C ARG A 47 28.04 -18.64 -2.44
N ALA A 48 28.59 -19.72 -1.86
CA ALA A 48 28.91 -19.76 -0.43
C ALA A 48 30.16 -18.92 -0.23
N LYS A 49 30.32 -18.20 0.87
CA LYS A 49 31.44 -17.30 1.08
C LYS A 49 32.75 -18.03 1.32
N VAL A 50 33.78 -17.52 0.66
CA VAL A 50 35.16 -17.98 0.73
C VAL A 50 36.03 -16.88 1.28
N THR A 51 36.84 -17.24 2.26
CA THR A 51 37.60 -16.26 3.01
C THR A 51 39.09 -16.48 3.05
N MET A 52 39.78 -15.47 3.59
CA MET A 52 41.21 -15.56 3.89
C MET A 52 41.51 -14.79 5.15
N SER A 53 41.80 -15.49 6.24
CA SER A 53 42.15 -14.81 7.49
C SER A 53 40.99 -13.92 7.96
N GLY A 54 39.77 -14.43 7.80
CA GLY A 54 38.55 -13.82 8.33
C GLY A 54 37.94 -12.78 7.38
N VAL A 55 38.51 -12.61 6.18
CA VAL A 55 38.05 -11.60 5.21
C VAL A 55 37.50 -12.26 3.95
N THR A 56 36.25 -11.98 3.57
CA THR A 56 35.76 -12.63 2.35
C THR A 56 36.48 -12.13 1.10
N ILE A 57 36.98 -13.07 0.31
CA ILE A 57 37.74 -12.78 -0.89
C ILE A 57 36.98 -13.16 -2.15
N GLY A 58 35.94 -13.99 -1.97
CA GLY A 58 35.11 -14.37 -3.09
C GLY A 58 34.03 -15.36 -2.71
N ARG A 59 33.45 -15.99 -3.74
CA ARG A 59 32.34 -16.92 -3.57
C ARG A 59 32.45 -18.17 -4.43
N VAL A 60 31.76 -19.24 -4.07
CA VAL A 60 31.77 -20.45 -4.88
C VAL A 60 31.01 -20.28 -6.20
N ASP A 61 31.66 -20.56 -7.33
CA ASP A 61 31.06 -20.35 -8.65
C ASP A 61 30.12 -21.49 -8.96
N SER A 62 30.71 -22.69 -9.06
CA SER A 62 30.02 -23.90 -9.51
C SER A 62 30.79 -25.14 -9.06
N ILE A 63 30.27 -26.32 -9.36
CA ILE A 63 30.92 -27.57 -8.95
C ILE A 63 30.56 -28.74 -9.89
N THR A 64 31.60 -29.44 -10.36
CA THR A 64 31.48 -30.61 -11.23
C THR A 64 31.98 -31.87 -10.50
N LEU A 65 31.10 -32.85 -10.33
CA LEU A 65 31.43 -34.09 -9.59
C LEU A 65 31.78 -35.26 -10.50
N ASP A 66 32.83 -35.99 -10.10
CA ASP A 66 33.14 -37.29 -10.67
C ASP A 66 32.93 -38.34 -9.58
N PRO A 67 31.80 -39.10 -9.62
CA PRO A 67 31.42 -40.15 -8.67
C PRO A 67 32.44 -41.26 -8.51
N VAL A 68 33.16 -41.62 -9.58
CA VAL A 68 33.93 -42.85 -9.50
C VAL A 68 35.14 -42.64 -8.60
N THR A 69 35.79 -41.49 -8.78
CA THR A 69 36.97 -41.11 -8.01
C THR A 69 36.60 -40.27 -6.78
N ARG A 70 35.35 -39.80 -6.74
CA ARG A 70 34.78 -38.95 -5.70
C ARG A 70 35.51 -37.61 -5.57
N LEU A 71 35.71 -36.97 -6.72
CA LEU A 71 36.43 -35.70 -6.80
C LEU A 71 35.49 -34.58 -7.26
N ALA A 72 35.06 -33.64 -6.40
CA ALA A 72 34.28 -32.47 -6.78
C ALA A 72 35.10 -31.23 -7.09
N THR A 73 35.14 -30.93 -8.37
CA THR A 73 35.91 -29.85 -8.98
C THR A 73 35.15 -28.55 -8.75
N VAL A 74 35.53 -27.84 -7.72
CA VAL A 74 34.83 -26.61 -7.42
C VAL A 74 35.53 -25.45 -8.07
N THR A 75 34.79 -24.67 -8.84
CA THR A 75 35.35 -23.50 -9.48
C THR A 75 35.13 -22.34 -8.51
N PHE A 76 36.17 -21.55 -8.24
CA PHE A 76 36.07 -20.39 -7.35
C PHE A 76 36.12 -19.04 -8.07
N ASP A 77 35.23 -18.09 -7.72
CA ASP A 77 35.20 -16.74 -8.32
C ASP A 77 35.70 -15.71 -7.31
N LEU A 78 36.98 -15.34 -7.41
CA LEU A 78 37.58 -14.35 -6.50
C LEU A 78 37.59 -12.93 -7.06
N ASP A 79 37.47 -11.90 -6.23
CA ASP A 79 37.43 -10.56 -6.82
C ASP A 79 38.85 -10.01 -6.90
N GLY A 80 38.99 -8.76 -7.36
CA GLY A 80 40.31 -8.13 -7.49
C GLY A 80 40.74 -7.23 -6.35
N LYS A 81 40.45 -7.57 -5.09
CA LYS A 81 40.90 -6.66 -4.03
C LYS A 81 42.31 -7.09 -3.56
N LEU A 82 42.73 -8.29 -3.94
CA LEU A 82 44.03 -8.80 -3.57
C LEU A 82 45.04 -8.35 -4.59
N THR A 83 45.55 -7.19 -4.23
CA THR A 83 46.57 -6.47 -4.94
C THR A 83 47.84 -7.28 -4.65
N SER A 84 48.06 -7.57 -3.36
CA SER A 84 49.16 -8.40 -2.86
C SER A 84 50.32 -7.65 -3.40
N PHE A 85 51.12 -8.28 -4.23
CA PHE A 85 52.33 -7.55 -4.61
C PHE A 85 52.16 -6.52 -5.73
N ASN A 86 52.49 -5.28 -5.40
CA ASN A 86 52.42 -4.13 -6.30
C ASN A 86 53.66 -4.04 -7.15
N ALA A 87 53.76 -3.01 -7.98
CA ALA A 87 54.79 -3.00 -9.01
C ALA A 87 56.21 -3.03 -8.43
N GLU A 88 56.43 -2.37 -7.29
CA GLU A 88 57.78 -2.37 -6.76
C GLU A 88 58.05 -3.68 -6.02
N GLN A 89 56.99 -4.31 -5.51
CA GLN A 89 57.14 -5.52 -4.71
C GLN A 89 57.23 -6.71 -5.65
N LEU A 90 56.71 -6.57 -6.87
CA LEU A 90 56.83 -7.59 -7.89
C LEU A 90 58.28 -7.67 -8.37
N LYS A 91 58.97 -6.52 -8.39
CA LYS A 91 60.38 -6.48 -8.73
C LYS A 91 61.19 -7.19 -7.66
N GLU A 92 60.76 -7.11 -6.39
CA GLU A 92 61.43 -7.84 -5.32
C GLU A 92 61.24 -9.35 -5.46
N VAL A 93 60.07 -9.77 -5.96
CA VAL A 93 59.86 -11.19 -6.17
C VAL A 93 60.76 -11.73 -7.26
N GLN A 94 61.00 -10.94 -8.30
CA GLN A 94 61.88 -11.43 -9.33
C GLN A 94 63.28 -11.69 -8.83
N LYS A 95 63.78 -10.88 -7.89
CA LYS A 95 65.15 -11.08 -7.45
C LYS A 95 65.19 -12.11 -6.33
N ASN A 96 64.13 -12.16 -5.52
CA ASN A 96 64.17 -13.04 -4.36
C ASN A 96 63.95 -14.47 -4.80
N ALA A 97 63.07 -14.68 -5.78
CA ALA A 97 62.82 -16.02 -6.27
C ALA A 97 64.01 -16.51 -7.07
N LEU A 98 64.71 -15.60 -7.75
CA LEU A 98 65.94 -15.98 -8.41
C LEU A 98 66.99 -16.38 -7.39
N ASP A 99 67.10 -15.66 -6.29
CA ASP A 99 68.11 -16.03 -5.32
C ASP A 99 67.75 -17.35 -4.64
N GLU A 100 66.45 -17.66 -4.48
CA GLU A 100 66.13 -18.94 -3.85
C GLU A 100 66.50 -20.10 -4.77
N LEU A 101 66.36 -19.89 -6.09
CA LEU A 101 66.80 -20.86 -7.09
C LEU A 101 68.33 -21.00 -7.08
N ARG A 102 69.04 -19.87 -7.01
CA ARG A 102 70.50 -19.88 -7.01
C ARG A 102 71.14 -20.37 -5.71
N TYR A 103 70.38 -20.39 -4.62
CA TYR A 103 70.87 -21.05 -3.41
C TYR A 103 71.05 -22.57 -3.53
N SER A 104 70.20 -23.23 -4.31
CA SER A 104 70.36 -24.65 -4.58
C SER A 104 71.52 -25.00 -5.50
N SER A 105 71.94 -26.28 -5.43
CA SER A 105 73.11 -26.78 -6.14
C SER A 105 72.91 -26.87 -7.66
N ASP A 106 71.65 -26.85 -8.11
CA ASP A 106 71.36 -26.93 -9.55
C ASP A 106 71.75 -25.65 -10.29
N TYR A 107 71.59 -24.51 -9.61
CA TYR A 107 71.76 -23.21 -10.23
C TYR A 107 72.86 -22.40 -9.53
N THR A 108 73.53 -22.98 -8.55
CA THR A 108 74.65 -22.27 -7.95
C THR A 108 75.87 -22.24 -8.89
N GLN A 109 76.13 -23.36 -9.55
CA GLN A 109 77.31 -23.53 -10.39
C GLN A 109 76.95 -23.36 -11.88
N ALA A 110 75.72 -22.92 -12.16
CA ALA A 110 75.21 -22.70 -13.51
C ALA A 110 75.88 -21.52 -14.22
N THR A 111 75.85 -21.56 -15.55
CA THR A 111 76.40 -20.48 -16.36
C THR A 111 75.50 -19.27 -16.11
N PRO A 112 76.00 -18.04 -15.89
CA PRO A 112 75.17 -16.87 -15.60
C PRO A 112 74.02 -16.70 -16.61
N ALA A 113 74.24 -17.09 -17.87
CA ALA A 113 73.20 -17.04 -18.90
C ALA A 113 72.00 -17.92 -18.53
N GLN A 114 72.30 -19.08 -17.96
CA GLN A 114 71.33 -20.08 -17.54
C GLN A 114 70.61 -19.59 -16.30
N GLN A 115 71.32 -18.82 -15.46
CA GLN A 115 70.67 -18.21 -14.29
C GLN A 115 69.71 -17.14 -14.74
N LYS A 116 70.09 -16.39 -15.76
CA LYS A 116 69.22 -15.39 -16.39
C LYS A 116 68.08 -15.97 -17.20
N THR A 117 68.21 -17.22 -17.68
CA THR A 117 67.08 -17.89 -18.29
C THR A 117 66.00 -18.18 -17.25
N MET A 118 66.38 -18.57 -16.02
CA MET A 118 65.38 -18.77 -15.00
C MET A 118 64.76 -17.43 -14.58
N GLU A 119 65.52 -16.33 -14.66
CA GLU A 119 64.94 -15.03 -14.35
C GLU A 119 63.96 -14.64 -15.45
N GLN A 120 64.27 -15.04 -16.68
CA GLN A 120 63.48 -14.63 -17.83
C GLN A 120 62.12 -15.31 -17.72
N GLN A 121 62.14 -16.54 -17.21
CA GLN A 121 60.92 -17.30 -16.98
C GLN A 121 60.06 -16.61 -15.91
N LEU A 122 60.68 -15.98 -14.89
CA LEU A 122 59.87 -15.28 -13.91
C LEU A 122 59.25 -14.03 -14.54
N ILE A 123 60.02 -13.37 -15.41
CA ILE A 123 59.59 -12.13 -16.05
C ILE A 123 58.47 -12.40 -17.03
N SER A 124 58.60 -13.49 -17.80
CA SER A 124 57.71 -13.78 -18.91
C SER A 124 56.38 -14.26 -18.40
N ASN A 125 56.36 -14.80 -17.17
CA ASN A 125 55.12 -15.32 -16.62
C ASN A 125 54.48 -14.29 -15.70
N MET A 126 55.12 -13.12 -15.57
CA MET A 126 54.68 -12.16 -14.56
C MET A 126 53.32 -11.55 -14.87
N ASN A 127 52.95 -11.48 -16.14
CA ASN A 127 51.61 -11.03 -16.51
C ASN A 127 50.49 -11.98 -16.04
N SER A 128 50.80 -13.29 -15.92
CA SER A 128 49.83 -14.25 -15.40
C SER A 128 49.89 -14.40 -13.86
N ILE A 129 51.06 -14.12 -13.29
CA ILE A 129 51.28 -14.21 -11.84
C ILE A 129 50.53 -13.11 -11.06
N THR A 130 50.73 -11.85 -11.45
CA THR A 130 50.25 -10.71 -10.68
C THR A 130 48.79 -10.87 -10.26
N SER A 131 48.55 -11.10 -8.97
CA SER A 131 49.57 -11.42 -7.98
C SER A 131 49.03 -12.44 -6.96
N ILE A 132 49.36 -13.70 -7.15
CA ILE A 132 48.86 -14.75 -6.25
C ILE A 132 49.86 -15.90 -6.09
N ASP A 133 50.01 -16.36 -4.85
CA ASP A 133 50.89 -17.48 -4.58
C ASP A 133 50.31 -18.82 -5.03
N GLU A 134 51.18 -19.78 -5.37
CA GLU A 134 50.72 -21.08 -5.89
C GLU A 134 50.21 -22.06 -4.82
N ASP A 135 51.05 -22.40 -3.86
CA ASP A 135 50.78 -23.51 -2.96
C ASP A 135 49.95 -23.00 -1.77
N ALA A 136 48.62 -22.87 -1.97
CA ALA A 136 47.68 -22.58 -0.88
C ALA A 136 47.10 -23.85 -0.21
N TYR A 137 46.56 -23.67 1.00
CA TYR A 137 45.87 -24.75 1.69
C TYR A 137 44.37 -24.52 2.00
N ILE A 138 43.53 -25.54 1.78
CA ILE A 138 42.10 -25.48 2.12
C ILE A 138 41.54 -26.24 3.35
N MET A 139 40.76 -25.48 4.15
CA MET A 139 40.07 -25.94 5.36
C MET A 139 38.72 -25.20 5.58
N VAL A 140 37.64 -25.98 5.76
CA VAL A 140 36.28 -25.46 5.98
C VAL A 140 36.02 -25.01 7.43
N ALA A 141 35.98 -23.68 7.65
CA ALA A 141 35.87 -23.05 8.97
C ALA A 141 34.38 -22.91 9.28
N THR A 142 33.96 -22.58 10.51
CA THR A 142 32.51 -22.43 10.78
C THR A 142 32.21 -21.01 11.29
N ASN A 143 31.42 -20.21 10.52
CA ASN A 143 31.16 -18.82 10.94
C ASN A 143 30.05 -18.78 12.00
N GLY A 144 29.09 -19.69 11.89
CA GLY A 144 27.98 -19.84 12.81
C GLY A 144 28.30 -20.89 13.87
N LEU A 145 27.30 -21.68 14.25
CA LEU A 145 27.49 -22.65 15.32
C LEU A 145 27.17 -24.11 14.95
N LEU A 146 27.12 -24.41 13.64
CA LEU A 146 26.83 -25.74 13.15
C LEU A 146 26.92 -25.65 11.65
N GLY A 147 26.13 -24.76 11.10
CA GLY A 147 26.12 -24.61 9.67
C GLY A 147 26.80 -23.27 9.48
N GLU A 148 26.53 -22.61 8.36
CA GLU A 148 27.10 -21.30 8.05
C GLU A 148 28.61 -21.43 7.97
N LYS A 149 28.98 -22.36 7.09
CA LYS A 149 30.37 -22.69 6.80
C LYS A 149 30.99 -21.57 5.97
N TYR A 150 32.29 -21.39 6.17
CA TYR A 150 33.14 -20.35 5.64
C TYR A 150 34.44 -20.97 5.14
N LEU A 151 34.65 -21.01 3.83
CA LEU A 151 35.74 -21.80 3.28
C LEU A 151 37.05 -21.03 3.38
N LYS A 152 38.02 -21.51 4.17
CA LYS A 152 39.19 -20.70 4.44
C LYS A 152 40.42 -21.07 3.60
N ILE A 153 41.05 -20.01 3.06
CA ILE A 153 42.34 -20.14 2.40
C ILE A 153 43.52 -19.72 3.28
N VAL A 154 44.51 -20.59 3.32
CA VAL A 154 45.72 -20.38 4.07
C VAL A 154 46.87 -20.54 3.10
N PRO A 155 47.31 -19.42 2.57
CA PRO A 155 48.43 -19.43 1.65
C PRO A 155 49.69 -19.99 2.30
N GLY A 156 50.39 -20.84 1.54
CA GLY A 156 51.69 -21.40 1.92
C GLY A 156 52.81 -20.73 1.13
N GLY A 157 53.64 -21.53 0.50
CA GLY A 157 54.74 -21.05 -0.33
C GLY A 157 54.32 -21.17 -1.79
N GLY A 158 55.21 -21.71 -2.62
CA GLY A 158 54.88 -21.93 -4.02
C GLY A 158 55.80 -21.41 -5.10
N LEU A 159 55.56 -21.90 -6.31
CA LEU A 159 56.36 -21.51 -7.48
C LEU A 159 55.47 -20.74 -8.51
N ASN A 160 55.91 -19.55 -8.96
CA ASN A 160 55.19 -18.73 -9.94
C ASN A 160 53.75 -18.26 -9.44
N TYR A 161 52.68 -19.04 -9.73
CA TYR A 161 51.25 -18.70 -9.40
C TYR A 161 50.21 -19.87 -9.41
N LEU A 162 49.03 -19.57 -8.90
CA LEU A 162 47.93 -20.53 -8.85
C LEU A 162 47.02 -20.40 -10.07
N LYS A 163 47.13 -21.39 -10.95
CA LYS A 163 46.40 -21.42 -12.22
C LYS A 163 45.02 -22.05 -12.08
N ARG A 164 44.05 -21.60 -12.87
CA ARG A 164 42.76 -22.29 -12.78
C ARG A 164 42.96 -23.73 -13.27
N GLY A 165 42.50 -24.69 -12.48
CA GLY A 165 42.67 -26.10 -12.83
C GLY A 165 43.80 -26.81 -12.05
N ASP A 166 44.62 -26.02 -11.35
CA ASP A 166 45.71 -26.53 -10.53
C ASP A 166 45.22 -26.85 -9.12
N THR A 167 45.02 -28.15 -8.84
CA THR A 167 44.42 -28.54 -7.57
C THR A 167 45.13 -27.98 -6.32
N ILE A 168 44.37 -27.20 -5.56
CA ILE A 168 44.81 -26.58 -4.32
C ILE A 168 44.89 -27.70 -3.28
N SER A 169 45.97 -27.75 -2.51
CA SER A 169 46.14 -28.80 -1.51
C SER A 169 44.95 -28.87 -0.56
N ASN A 170 44.15 -29.93 -0.63
CA ASN A 170 43.02 -30.03 0.29
C ASN A 170 43.37 -30.69 1.63
N THR A 171 43.30 -29.88 2.69
CA THR A 171 43.74 -30.23 4.03
C THR A 171 42.55 -30.74 4.84
N GLN A 172 41.54 -29.89 4.95
CA GLN A 172 40.30 -30.24 5.63
C GLN A 172 38.99 -29.97 4.89
N GLY A 173 38.87 -30.39 3.61
CA GLY A 173 37.56 -30.43 2.91
C GLY A 173 36.92 -31.80 2.78
N THR A 174 37.13 -32.70 3.73
CA THR A 174 36.64 -34.07 3.63
C THR A 174 36.12 -34.57 4.99
N MET A 175 36.89 -34.33 6.05
CA MET A 175 36.53 -34.85 7.36
C MET A 175 35.47 -34.03 8.08
N ASP A 176 34.23 -34.43 7.86
CA ASP A 176 33.06 -33.90 8.57
C ASP A 176 33.15 -34.37 9.99
N LEU A 177 33.17 -33.46 10.96
CA LEU A 177 33.32 -33.99 12.33
C LEU A 177 32.06 -34.71 12.81
N GLU A 178 30.92 -34.41 12.18
CA GLU A 178 29.69 -35.10 12.55
C GLU A 178 29.77 -36.61 12.26
N ASP A 179 30.56 -37.01 11.27
CA ASP A 179 30.74 -38.43 10.95
C ASP A 179 31.45 -39.16 12.09
N LEU A 180 32.36 -38.46 12.78
CA LEU A 180 33.14 -39.06 13.86
C LEU A 180 32.20 -39.23 15.07
N ILE A 181 31.32 -38.24 15.23
CA ILE A 181 30.31 -38.22 16.28
C ILE A 181 29.34 -39.42 16.13
N SER A 182 28.96 -39.75 14.89
CA SER A 182 28.15 -40.93 14.55
C SER A 182 28.83 -42.31 14.55
N LYS A 183 30.16 -42.38 14.68
CA LYS A 183 30.81 -43.69 14.68
C LYS A 183 30.87 -44.32 16.08
N ALA B 1 0.06 -1.43 -32.04
CA ALA B 1 1.49 -1.44 -31.78
C ALA B 1 1.72 -1.86 -30.31
N VAL B 2 1.04 -2.92 -29.88
CA VAL B 2 1.19 -3.41 -28.50
C VAL B 2 1.55 -4.91 -28.53
N GLY B 3 1.73 -5.45 -29.74
CA GLY B 3 1.87 -6.88 -29.91
C GLY B 3 3.20 -7.37 -29.36
N ILE B 4 4.16 -6.44 -29.31
CA ILE B 4 5.48 -6.76 -28.74
C ILE B 4 5.34 -7.21 -27.27
N PHE B 5 4.49 -6.53 -26.51
CA PHE B 5 4.39 -6.74 -25.07
C PHE B 5 3.35 -7.83 -24.77
N VAL B 6 2.60 -8.27 -25.79
CA VAL B 6 1.70 -9.42 -25.64
C VAL B 6 2.53 -10.73 -25.73
N ILE B 7 3.19 -10.51 -26.49
CA ILE B 7 4.03 -11.69 -26.60
C ILE B 7 4.96 -11.89 -25.40
N ILE B 8 5.56 -10.80 -24.93
CA ILE B 8 6.42 -10.83 -23.74
C ILE B 8 5.62 -11.30 -22.53
N PHE B 9 4.37 -10.82 -22.41
CA PHE B 9 3.54 -11.25 -21.31
C PHE B 9 3.22 -12.73 -21.39
N GLY B 10 2.86 -13.20 -22.58
CA GLY B 10 2.51 -14.60 -22.76
C GLY B 10 3.71 -15.54 -22.49
N ILE B 11 4.91 -15.16 -22.94
CA ILE B 11 6.10 -15.99 -22.71
C ILE B 11 6.49 -15.99 -21.20
N ALA B 12 6.49 -14.82 -20.57
CA ALA B 12 6.85 -14.66 -19.15
C ALA B 12 5.91 -15.44 -18.22
N LEU B 13 4.61 -15.40 -18.53
CA LEU B 13 3.63 -16.16 -17.78
C LEU B 13 3.78 -17.68 -17.90
N PHE B 14 3.91 -18.19 -19.12
CA PHE B 14 4.12 -19.63 -19.37
C PHE B 14 5.44 -20.11 -18.75
N PHE B 15 6.53 -19.39 -19.04
CA PHE B 15 7.86 -19.78 -18.56
C PHE B 15 7.96 -19.82 -17.01
N LEU B 16 7.57 -18.75 -16.35
CA LEU B 16 7.64 -18.73 -14.87
C LEU B 16 6.55 -19.60 -14.23
N ALA B 17 5.33 -20.08 -14.76
CA ALA B 17 4.45 -21.04 -14.09
C ALA B 17 4.98 -22.46 -14.26
N MET B 18 5.79 -22.66 -15.29
CA MET B 18 6.29 -23.97 -15.63
C MET B 18 7.76 -24.02 -15.26
N LYS B 19 8.18 -23.02 -14.49
CA LYS B 19 9.56 -22.95 -13.99
C LYS B 19 9.81 -23.90 -12.83
N VAL B 20 8.83 -24.06 -11.97
CA VAL B 20 8.96 -24.95 -10.81
C VAL B 20 7.74 -25.89 -10.76
N SER B 21 6.57 -25.30 -10.87
CA SER B 21 5.37 -26.05 -10.56
C SER B 21 5.11 -27.09 -11.63
N GLY B 22 5.37 -26.71 -12.88
CA GLY B 22 5.24 -27.69 -13.96
C GLY B 22 6.59 -27.85 -14.63
N LEU B 23 7.62 -27.96 -13.81
CA LEU B 23 8.97 -28.14 -14.30
C LEU B 23 9.22 -29.57 -14.75
N VAL B 24 8.97 -30.53 -13.87
CA VAL B 24 9.40 -31.90 -14.08
C VAL B 24 8.34 -32.69 -14.85
N GLY B 25 7.18 -32.85 -14.23
CA GLY B 25 6.57 -31.76 -13.47
C GLY B 25 5.12 -32.05 -13.11
N THR B 26 4.38 -32.61 -14.05
CA THR B 26 2.98 -32.95 -13.85
C THR B 26 2.94 -34.48 -13.76
N ASN B 27 3.73 -35.12 -14.61
CA ASN B 27 3.88 -36.57 -14.70
C ASN B 27 5.33 -37.03 -14.44
N LEU B 28 6.17 -36.26 -13.73
CA LEU B 28 7.41 -36.91 -13.35
C LEU B 28 8.17 -37.32 -14.62
N SER B 29 8.17 -36.43 -15.62
CA SER B 29 8.77 -36.77 -16.90
C SER B 29 10.28 -36.45 -16.99
N ASP B 30 10.86 -35.54 -16.18
CA ASP B 30 12.26 -35.14 -16.27
C ASP B 30 13.12 -35.67 -15.14
N GLY B 31 12.59 -36.59 -14.32
CA GLY B 31 13.37 -37.14 -13.22
C GLY B 31 13.24 -38.66 -13.13
N TYR B 32 13.85 -39.25 -12.08
CA TYR B 32 13.79 -40.70 -11.82
C TYR B 32 13.30 -40.89 -10.41
N THR B 33 12.61 -42.00 -10.14
CA THR B 33 12.04 -42.13 -8.80
C THR B 33 12.47 -43.44 -8.19
N MET B 34 13.69 -43.45 -7.68
CA MET B 34 14.26 -44.66 -7.08
C MET B 34 13.82 -44.74 -5.64
N LYS B 35 13.83 -45.92 -5.06
CA LYS B 35 13.42 -46.01 -3.67
C LYS B 35 14.51 -46.63 -2.80
N ALA B 36 14.36 -46.48 -1.49
CA ALA B 36 15.24 -47.09 -0.50
C ALA B 36 14.50 -47.37 0.81
N GLN B 37 14.93 -48.41 1.57
CA GLN B 37 14.26 -48.67 2.86
C GLN B 37 15.03 -48.01 4.00
N PHE B 38 14.28 -47.44 4.94
CA PHE B 38 14.81 -46.81 6.16
C PHE B 38 14.13 -47.40 7.39
N ASP B 39 14.81 -47.56 8.53
CA ASP B 39 14.05 -48.11 9.66
C ASP B 39 13.35 -47.06 10.55
N ASN B 40 14.09 -46.07 11.04
CA ASN B 40 13.46 -44.99 11.83
C ASN B 40 14.28 -43.70 11.79
N VAL B 41 13.94 -42.77 10.89
CA VAL B 41 14.66 -41.50 10.80
C VAL B 41 13.99 -40.24 11.30
N ASN B 42 14.41 -39.78 12.48
CA ASN B 42 13.68 -38.73 13.18
C ASN B 42 14.07 -37.38 12.55
N GLY B 43 13.28 -36.90 11.62
CA GLY B 43 13.53 -35.60 11.00
C GLY B 43 13.69 -35.53 9.46
N LEU B 44 13.49 -36.64 8.73
CA LEU B 44 13.51 -36.57 7.27
C LEU B 44 12.21 -36.01 6.73
N LYS B 45 12.29 -34.84 6.11
CA LYS B 45 11.13 -34.07 5.72
C LYS B 45 10.91 -34.20 4.21
N PRO B 46 9.71 -33.91 3.72
CA PRO B 46 9.57 -33.89 2.27
C PRO B 46 10.47 -32.74 1.79
N ARG B 47 11.08 -32.89 0.62
CA ARG B 47 12.04 -31.96 0.04
C ARG B 47 13.33 -31.78 0.86
N ALA B 48 13.78 -32.82 1.58
CA ALA B 48 15.03 -32.77 2.32
C ALA B 48 16.13 -33.16 1.34
N LYS B 49 17.37 -32.69 1.49
CA LYS B 49 18.43 -32.93 0.53
C LYS B 49 18.93 -34.37 0.54
N VAL B 50 19.11 -34.88 -0.67
CA VAL B 50 19.74 -36.16 -0.98
C VAL B 50 21.01 -35.93 -1.74
N THR B 51 22.13 -36.14 -1.07
CA THR B 51 23.42 -35.86 -1.63
C THR B 51 24.27 -37.06 -1.98
N MET B 52 25.32 -36.80 -2.74
CA MET B 52 26.30 -37.81 -3.12
C MET B 52 27.71 -37.25 -3.01
N SER B 53 28.46 -37.70 -2.02
CA SER B 53 29.78 -37.12 -1.77
C SER B 53 29.66 -35.61 -1.54
N GLY B 54 28.61 -35.20 -0.83
CA GLY B 54 28.35 -33.82 -0.43
C GLY B 54 27.77 -32.97 -1.57
N VAL B 55 27.27 -33.60 -2.64
CA VAL B 55 26.72 -32.89 -3.80
C VAL B 55 25.25 -33.22 -4.02
N THR B 56 24.35 -32.23 -3.99
CA THR B 56 22.94 -32.60 -4.11
C THR B 56 22.60 -33.12 -5.50
N ILE B 57 21.98 -34.29 -5.54
CA ILE B 57 21.53 -34.91 -6.77
C ILE B 57 20.01 -35.03 -6.82
N GLY B 58 19.38 -34.86 -5.66
CA GLY B 58 17.93 -34.81 -5.61
C GLY B 58 17.41 -34.49 -4.23
N ARG B 59 16.09 -34.65 -4.06
CA ARG B 59 15.41 -34.44 -2.79
C ARG B 59 14.35 -35.50 -2.49
N VAL B 60 13.80 -35.49 -1.28
CA VAL B 60 12.75 -36.43 -0.93
C VAL B 60 11.40 -36.11 -1.61
N ASP B 61 10.86 -37.06 -2.37
CA ASP B 61 9.60 -36.86 -3.09
C ASP B 61 8.42 -37.03 -2.13
N SER B 62 8.35 -38.24 -1.57
CA SER B 62 7.26 -38.64 -0.68
C SER B 62 7.73 -39.78 0.23
N ILE B 63 7.13 -39.90 1.41
CA ILE B 63 7.45 -41.00 2.32
C ILE B 63 6.21 -41.82 2.71
N THR B 64 6.26 -43.12 2.40
CA THR B 64 5.21 -44.08 2.70
C THR B 64 5.73 -45.16 3.65
N LEU B 65 4.82 -45.99 4.19
CA LEU B 65 5.19 -47.08 5.11
C LEU B 65 4.85 -48.46 4.57
N ASP B 66 5.51 -49.47 5.12
CA ASP B 66 5.15 -50.87 4.93
C ASP B 66 4.56 -51.39 6.23
N PRO B 67 3.23 -51.61 6.32
CA PRO B 67 2.47 -52.04 7.49
C PRO B 67 2.98 -53.31 8.14
N VAL B 68 3.52 -54.25 7.35
CA VAL B 68 3.77 -55.56 7.92
C VAL B 68 4.90 -55.48 8.93
N THR B 69 5.96 -54.73 8.57
CA THR B 69 7.14 -54.57 9.39
C THR B 69 7.22 -53.18 10.04
N ARG B 70 6.37 -52.27 9.56
CA ARG B 70 6.30 -50.85 9.95
C ARG B 70 7.62 -50.11 9.73
N LEU B 71 8.13 -50.25 8.51
CA LEU B 71 9.38 -49.60 8.10
C LEU B 71 9.09 -48.59 6.99
N ALA B 72 9.97 -47.60 6.72
CA ALA B 72 9.75 -46.55 5.75
C ALA B 72 10.30 -46.84 4.36
N THR B 73 9.49 -46.48 3.37
CA THR B 73 9.76 -46.56 1.96
C THR B 73 9.79 -45.15 1.41
N VAL B 74 11.00 -44.68 1.13
CA VAL B 74 11.13 -43.30 0.73
C VAL B 74 11.31 -43.21 -0.77
N THR B 75 10.44 -42.46 -1.43
CA THR B 75 10.55 -42.28 -2.87
C THR B 75 11.41 -41.03 -3.06
N PHE B 76 12.46 -41.11 -3.87
CA PHE B 76 13.34 -39.98 -4.16
C PHE B 76 12.93 -39.17 -5.40
N ASP B 77 13.09 -37.83 -5.35
CA ASP B 77 12.94 -36.96 -6.54
C ASP B 77 14.32 -36.65 -7.14
N LEU B 78 14.80 -37.51 -8.04
CA LEU B 78 16.16 -37.41 -8.58
C LEU B 78 16.26 -36.61 -9.87
N ASP B 79 17.21 -35.67 -9.98
CA ASP B 79 17.23 -34.89 -11.24
C ASP B 79 17.84 -35.73 -12.34
N GLY B 80 17.07 -36.01 -13.40
CA GLY B 80 17.53 -36.84 -14.51
C GLY B 80 18.42 -36.16 -15.54
N LYS B 81 18.71 -34.87 -15.42
CA LYS B 81 19.64 -34.30 -16.40
C LYS B 81 21.09 -34.77 -16.07
N LEU B 82 21.39 -34.87 -14.78
CA LEU B 82 22.66 -35.37 -14.33
C LEU B 82 22.62 -36.88 -14.31
N THR B 83 23.40 -37.50 -15.19
CA THR B 83 23.49 -38.95 -15.25
C THR B 83 24.93 -39.40 -15.05
N SER B 84 25.68 -38.59 -14.28
CA SER B 84 27.09 -38.80 -13.94
C SER B 84 28.08 -38.63 -15.12
N PHE B 85 27.87 -39.35 -16.22
CA PHE B 85 28.73 -39.20 -17.40
C PHE B 85 27.95 -39.00 -18.71
N ASN B 86 28.65 -38.40 -19.68
CA ASN B 86 28.13 -38.27 -21.03
C ASN B 86 28.23 -39.57 -21.79
N ALA B 87 27.73 -39.61 -23.02
CA ALA B 87 27.72 -40.87 -23.76
C ALA B 87 29.14 -41.35 -24.08
N GLU B 88 30.06 -40.44 -24.39
CA GLU B 88 31.40 -40.91 -24.73
C GLU B 88 32.20 -41.10 -23.45
N GLN B 89 31.87 -40.34 -22.41
CA GLN B 89 32.60 -40.43 -21.14
C GLN B 89 32.25 -41.74 -20.45
N LEU B 90 30.97 -42.13 -20.53
CA LEU B 90 30.51 -43.36 -19.92
C LEU B 90 31.10 -44.56 -20.67
N LYS B 91 31.21 -44.43 -22.00
CA LYS B 91 31.82 -45.47 -22.82
C LYS B 91 33.27 -45.69 -22.39
N GLU B 92 33.99 -44.60 -22.09
CA GLU B 92 35.38 -44.74 -21.61
C GLU B 92 35.41 -45.39 -20.22
N VAL B 93 34.43 -45.09 -19.37
CA VAL B 93 34.37 -45.78 -18.08
C VAL B 93 34.02 -47.23 -18.26
N GLN B 94 33.17 -47.54 -19.24
CA GLN B 94 32.87 -48.95 -19.45
C GLN B 94 34.09 -49.73 -19.90
N LYS B 95 34.95 -49.15 -20.74
CA LYS B 95 36.06 -49.92 -21.26
C LYS B 95 37.18 -49.97 -20.25
N ASN B 96 37.33 -48.92 -19.44
CA ASN B 96 38.39 -48.93 -18.46
C ASN B 96 38.05 -49.87 -17.32
N ALA B 97 36.76 -49.92 -16.95
CA ALA B 97 36.34 -50.83 -15.91
C ALA B 97 36.31 -52.25 -16.42
N LEU B 98 36.05 -52.43 -17.71
CA LEU B 98 36.13 -53.75 -18.29
C LEU B 98 37.54 -54.26 -18.27
N ASP B 99 38.53 -53.40 -18.52
CA ASP B 99 39.90 -53.87 -18.44
C ASP B 99 40.26 -54.20 -16.98
N GLU B 100 39.67 -53.50 -16.01
CA GLU B 100 39.97 -53.89 -14.62
C GLU B 100 39.35 -55.26 -14.30
N LEU B 101 38.18 -55.55 -14.88
CA LEU B 101 37.54 -56.84 -14.75
C LEU B 101 38.34 -57.95 -15.44
N ARG B 102 38.96 -57.62 -16.59
CA ARG B 102 39.81 -58.56 -17.29
C ARG B 102 41.10 -58.93 -16.56
N TYR B 103 41.62 -58.04 -15.72
CA TYR B 103 42.76 -58.42 -14.89
C TYR B 103 42.38 -58.84 -13.45
N SER B 104 41.11 -58.76 -13.10
CA SER B 104 40.65 -59.27 -11.81
C SER B 104 40.77 -60.79 -11.63
N SER B 105 40.97 -61.20 -10.38
CA SER B 105 41.21 -62.59 -10.02
C SER B 105 39.99 -63.49 -10.23
N ASP B 106 38.80 -62.90 -10.36
CA ASP B 106 37.59 -63.66 -10.59
C ASP B 106 37.42 -64.06 -12.06
N TYR B 107 38.15 -63.38 -12.94
CA TYR B 107 38.02 -63.56 -14.38
C TYR B 107 39.30 -64.11 -14.98
N THR B 108 40.44 -63.96 -14.30
CA THR B 108 41.66 -64.57 -14.82
C THR B 108 41.74 -66.06 -14.45
N GLN B 109 40.95 -66.47 -13.45
CA GLN B 109 40.87 -67.86 -13.05
C GLN B 109 39.59 -68.52 -13.63
N ALA B 110 38.82 -67.76 -14.40
CA ALA B 110 37.59 -68.22 -15.04
C ALA B 110 37.82 -69.13 -16.24
N THR B 111 36.77 -69.81 -16.67
CA THR B 111 36.85 -70.72 -17.81
C THR B 111 37.06 -69.83 -19.03
N PRO B 112 37.96 -70.11 -19.98
CA PRO B 112 38.21 -69.27 -21.14
C PRO B 112 36.91 -68.89 -21.89
N ALA B 113 35.92 -69.79 -21.89
CA ALA B 113 34.62 -69.51 -22.50
C ALA B 113 33.93 -68.32 -21.81
N GLN B 114 34.07 -68.27 -20.49
CA GLN B 114 33.50 -67.24 -19.64
C GLN B 114 34.31 -65.95 -19.82
N GLN B 115 35.60 -66.09 -20.13
CA GLN B 115 36.43 -64.92 -20.41
C GLN B 115 36.05 -64.30 -21.73
N LYS B 116 35.62 -65.14 -22.68
CA LYS B 116 35.10 -64.70 -23.97
C LYS B 116 33.69 -64.11 -23.88
N THR B 117 32.87 -64.57 -22.93
CA THR B 117 31.53 -64.00 -22.80
C THR B 117 31.46 -63.01 -21.64
N MET B 118 32.40 -62.05 -21.57
CA MET B 118 32.29 -61.03 -20.53
C MET B 118 31.38 -59.89 -21.00
N GLU B 119 30.98 -59.89 -22.28
CA GLU B 119 30.00 -58.91 -22.72
C GLU B 119 28.61 -59.34 -22.28
N GLN B 120 28.46 -60.64 -21.98
CA GLN B 120 27.22 -61.17 -21.46
C GLN B 120 27.18 -60.84 -19.98
N GLN B 121 28.36 -60.76 -19.38
CA GLN B 121 28.50 -60.32 -18.00
C GLN B 121 28.28 -58.81 -17.88
N LEU B 122 28.53 -58.05 -18.96
CA LEU B 122 28.19 -56.63 -18.91
C LEU B 122 26.67 -56.45 -18.95
N ILE B 123 26.00 -57.36 -19.66
CA ILE B 123 24.55 -57.36 -19.71
C ILE B 123 23.96 -57.79 -18.38
N SER B 124 24.59 -58.79 -17.75
CA SER B 124 24.17 -59.30 -16.47
C SER B 124 24.38 -58.24 -15.40
N ASN B 125 25.44 -57.44 -15.53
CA ASN B 125 25.68 -56.38 -14.58
C ASN B 125 25.32 -55.04 -15.20
N MET B 126 24.24 -55.00 -15.99
CA MET B 126 23.81 -53.74 -16.57
C MET B 126 23.21 -52.79 -15.54
N ASN B 127 22.53 -53.32 -14.54
CA ASN B 127 21.79 -52.47 -13.61
C ASN B 127 22.71 -51.69 -12.64
N SER B 128 23.20 -50.51 -13.05
CA SER B 128 24.20 -49.77 -12.27
C SER B 128 23.75 -48.34 -11.94
N ILE B 129 23.95 -47.42 -12.89
CA ILE B 129 23.94 -45.97 -12.62
C ILE B 129 22.56 -45.33 -12.91
N THR B 130 22.28 -44.98 -14.15
CA THR B 130 21.17 -44.05 -14.38
C THR B 130 21.42 -42.74 -13.59
N SER B 131 20.97 -42.69 -12.33
CA SER B 131 21.19 -41.52 -11.44
C SER B 131 22.20 -41.85 -10.33
N ILE B 132 21.82 -42.87 -9.56
CA ILE B 132 22.55 -43.36 -8.41
C ILE B 132 23.38 -44.61 -8.71
N ASP B 133 24.71 -44.66 -8.42
CA ASP B 133 25.65 -45.68 -8.88
C ASP B 133 25.35 -47.07 -8.34
N GLU B 134 26.02 -48.09 -8.88
CA GLU B 134 25.57 -49.48 -8.68
C GLU B 134 25.47 -49.93 -7.22
N ASP B 135 26.61 -50.06 -6.54
CA ASP B 135 26.61 -50.56 -5.18
C ASP B 135 26.70 -49.35 -4.22
N ALA B 136 25.61 -48.57 -4.14
CA ALA B 136 25.56 -47.34 -3.35
C ALA B 136 25.08 -47.56 -1.90
N TYR B 137 25.74 -46.85 -0.96
CA TYR B 137 25.39 -46.96 0.46
C TYR B 137 24.82 -45.69 1.11
N ILE B 138 23.73 -45.82 1.88
CA ILE B 138 23.13 -44.67 2.60
C ILE B 138 23.27 -44.54 4.14
N MET B 139 23.73 -43.34 4.54
CA MET B 139 23.92 -42.90 5.92
C MET B 139 23.20 -41.57 6.22
N VAL B 140 22.48 -41.54 7.36
CA VAL B 140 21.73 -40.36 7.83
C VAL B 140 22.58 -39.40 8.69
N ALA B 141 22.63 -38.13 8.28
CA ALA B 141 23.39 -37.06 8.97
C ALA B 141 22.39 -35.91 9.24
N THR B 142 22.81 -34.78 9.81
CA THR B 142 21.82 -33.70 10.08
C THR B 142 22.35 -32.36 9.53
N ASN B 143 21.50 -31.59 8.82
CA ASN B 143 21.92 -30.27 8.32
C ASN B 143 21.36 -29.14 9.19
N GLY B 144 20.17 -29.38 9.75
CA GLY B 144 19.48 -28.45 10.64
C GLY B 144 19.89 -28.72 12.08
N LEU B 145 19.04 -28.30 13.02
CA LEU B 145 19.41 -28.37 14.44
C LEU B 145 19.08 -29.71 15.11
N LEU B 146 18.37 -30.60 14.43
CA LEU B 146 17.84 -31.83 15.00
C LEU B 146 17.14 -32.54 13.89
N GLY B 147 16.21 -31.84 13.28
CA GLY B 147 15.47 -32.43 12.19
C GLY B 147 16.20 -31.91 10.98
N GLU B 148 15.60 -32.04 9.80
CA GLU B 148 16.20 -31.63 8.54
C GLU B 148 17.45 -32.47 8.29
N LYS B 149 17.18 -33.77 8.32
CA LYS B 149 18.17 -34.80 8.13
C LYS B 149 18.69 -34.75 6.67
N TYR B 150 19.98 -35.01 6.54
CA TYR B 150 20.80 -34.89 5.35
C TYR B 150 21.30 -36.28 4.95
N LEU B 151 20.88 -36.77 3.80
CA LEU B 151 21.20 -38.14 3.42
C LEU B 151 22.51 -38.18 2.64
N LYS B 152 23.50 -38.98 3.09
CA LYS B 152 24.70 -39.13 2.29
C LYS B 152 24.77 -40.45 1.50
N ILE B 153 25.33 -40.34 0.29
CA ILE B 153 25.54 -41.49 -0.58
C ILE B 153 27.02 -41.71 -0.96
N VAL B 154 27.42 -42.95 -0.84
CA VAL B 154 28.75 -43.38 -1.20
C VAL B 154 28.65 -44.07 -2.54
N PRO B 155 29.28 -43.47 -3.52
CA PRO B 155 29.24 -44.03 -4.87
C PRO B 155 29.76 -45.46 -4.90
N GLY B 156 29.11 -46.27 -5.75
CA GLY B 156 29.53 -47.64 -6.04
C GLY B 156 30.20 -47.73 -7.41
N GLY B 157 29.77 -48.70 -8.20
CA GLY B 157 30.44 -49.02 -9.46
C GLY B 157 29.67 -48.50 -10.67
N GLY B 158 30.07 -48.88 -11.89
CA GLY B 158 29.43 -48.34 -13.08
C GLY B 158 29.01 -49.43 -14.06
N LEU B 159 29.43 -49.29 -15.30
CA LEU B 159 28.94 -50.16 -16.37
C LEU B 159 27.44 -49.90 -16.64
N ASN B 160 27.12 -49.05 -17.62
CA ASN B 160 25.76 -48.90 -18.15
C ASN B 160 24.75 -48.13 -17.16
N TYR B 161 23.59 -48.73 -16.82
CA TYR B 161 22.42 -47.98 -16.24
C TYR B 161 21.32 -48.79 -15.50
N LEU B 162 20.70 -48.18 -14.50
CA LEU B 162 19.88 -48.93 -13.56
C LEU B 162 18.40 -48.74 -13.82
N LYS B 163 17.70 -49.86 -13.83
CA LYS B 163 16.23 -49.87 -13.75
C LYS B 163 15.69 -49.17 -12.50
N ARG B 164 14.89 -48.13 -12.68
CA ARG B 164 14.66 -47.27 -11.53
C ARG B 164 13.74 -48.01 -10.57
N GLY B 165 14.00 -47.90 -9.27
CA GLY B 165 13.16 -48.54 -8.26
C GLY B 165 13.91 -49.54 -7.36
N ASP B 166 15.09 -49.96 -7.79
CA ASP B 166 15.92 -50.90 -7.05
C ASP B 166 16.35 -50.33 -5.71
N THR B 167 16.12 -51.10 -4.63
CA THR B 167 16.49 -50.62 -3.30
C THR B 167 17.99 -50.35 -3.10
N ILE B 168 18.28 -49.13 -2.64
CA ILE B 168 19.63 -48.65 -2.39
C ILE B 168 19.99 -49.16 -0.99
N SER B 169 21.21 -49.69 -0.82
CA SER B 169 21.57 -50.36 0.42
C SER B 169 21.58 -49.40 1.60
N ASN B 170 20.94 -49.75 2.71
CA ASN B 170 20.97 -48.85 3.87
C ASN B 170 21.98 -49.25 4.94
N THR B 171 22.90 -48.32 5.23
CA THR B 171 24.00 -48.51 6.19
C THR B 171 23.57 -47.99 7.55
N GLN B 172 23.15 -46.74 7.57
CA GLN B 172 22.79 -46.06 8.81
C GLN B 172 21.49 -45.26 8.80
N GLY B 173 20.31 -45.91 8.69
CA GLY B 173 19.01 -45.24 8.94
C GLY B 173 18.23 -45.72 10.15
N THR B 174 18.84 -45.74 11.34
CA THR B 174 18.20 -46.26 12.52
C THR B 174 18.53 -45.42 13.76
N MET B 175 19.80 -45.05 13.91
CA MET B 175 20.24 -44.36 15.12
C MET B 175 19.63 -42.98 15.31
N ASP B 176 19.17 -42.75 16.52
CA ASP B 176 18.59 -41.47 16.96
C ASP B 176 19.21 -41.13 18.28
N LEU B 177 19.97 -40.04 18.37
CA LEU B 177 20.62 -39.82 19.67
C LEU B 177 19.68 -39.16 20.67
N GLU B 178 18.55 -38.66 20.21
CA GLU B 178 17.55 -38.12 21.13
C GLU B 178 16.86 -39.22 21.93
N ASP B 179 16.60 -40.38 21.32
CA ASP B 179 16.03 -41.52 22.03
C ASP B 179 17.04 -42.13 23.00
N LEU B 180 18.33 -41.93 22.71
CA LEU B 180 19.39 -42.47 23.56
C LEU B 180 19.36 -41.71 24.89
N ILE B 181 19.23 -40.39 24.78
CA ILE B 181 19.11 -39.48 25.91
C ILE B 181 17.88 -39.84 26.77
N SER B 182 16.75 -40.15 26.11
CA SER B 182 15.52 -40.65 26.74
C SER B 182 15.48 -42.13 27.17
N LYS B 183 16.50 -42.93 26.87
CA LYS B 183 16.46 -44.35 27.25
C LYS B 183 16.91 -44.57 28.70
N ALA C 1 -17.38 -10.87 -21.51
CA ALA C 1 -17.04 -9.51 -21.08
C ALA C 1 -15.79 -9.51 -20.22
N VAL C 2 -15.10 -10.65 -20.18
CA VAL C 2 -13.79 -10.73 -19.54
C VAL C 2 -12.71 -11.14 -20.53
N GLY C 3 -11.45 -11.07 -20.10
CA GLY C 3 -10.33 -11.45 -20.95
C GLY C 3 -10.06 -12.93 -20.93
N ILE C 4 -8.96 -13.33 -21.56
CA ILE C 4 -8.62 -14.75 -21.68
C ILE C 4 -7.66 -15.17 -20.58
N PHE C 5 -7.07 -14.20 -19.90
CA PHE C 5 -6.08 -14.47 -18.86
C PHE C 5 -6.77 -14.68 -17.50
N VAL C 6 -8.08 -14.44 -17.45
CA VAL C 6 -8.85 -14.71 -16.22
C VAL C 6 -8.99 -16.23 -16.01
N ILE C 7 -9.20 -16.56 -16.97
CA ILE C 7 -9.34 -18.00 -16.84
C ILE C 7 -7.99 -18.71 -16.63
N ILE C 8 -6.97 -18.28 -17.36
CA ILE C 8 -5.64 -18.89 -17.29
C ILE C 8 -5.09 -18.79 -15.88
N PHE C 9 -5.24 -17.62 -15.26
CA PHE C 9 -4.76 -17.44 -13.90
C PHE C 9 -5.56 -18.28 -12.92
N GLY C 10 -6.86 -18.41 -13.15
CA GLY C 10 -7.69 -19.27 -12.32
C GLY C 10 -7.27 -20.75 -12.41
N ILE C 11 -6.95 -21.24 -13.63
CA ILE C 11 -6.50 -22.63 -13.77
C ILE C 11 -5.13 -22.85 -13.05
N ALA C 12 -4.24 -21.87 -13.14
CA ALA C 12 -2.94 -21.89 -12.44
C ALA C 12 -3.10 -22.02 -10.91
N LEU C 13 -4.11 -21.34 -10.37
CA LEU C 13 -4.46 -21.50 -8.96
C LEU C 13 -5.11 -22.84 -8.62
N PHE C 14 -5.89 -23.40 -9.54
CA PHE C 14 -6.56 -24.70 -9.34
C PHE C 14 -5.54 -25.85 -9.33
N PHE C 15 -4.51 -25.72 -10.17
CA PHE C 15 -3.40 -26.69 -10.17
C PHE C 15 -2.71 -26.81 -8.79
N LEU C 16 -2.56 -25.72 -8.07
CA LEU C 16 -1.92 -25.78 -6.75
C LEU C 16 -2.69 -26.67 -5.76
N ALA C 17 -4.02 -27.13 -5.81
CA ALA C 17 -4.65 -27.97 -4.78
C ALA C 17 -5.11 -29.29 -5.38
N MET C 18 -4.42 -29.72 -6.43
CA MET C 18 -4.75 -30.96 -7.10
C MET C 18 -4.28 -32.11 -6.22
N LYS C 19 -3.03 -32.01 -5.77
CA LYS C 19 -2.40 -33.05 -4.96
C LYS C 19 -2.11 -32.60 -3.54
N VAL C 20 -2.11 -31.29 -3.32
CA VAL C 20 -1.71 -30.73 -2.02
C VAL C 20 -2.88 -30.92 -1.04
N SER C 21 -4.09 -30.73 -1.53
CA SER C 21 -5.23 -30.71 -0.65
C SER C 21 -5.69 -32.13 -0.38
N GLY C 22 -5.19 -33.07 -1.17
CA GLY C 22 -5.57 -34.47 -0.97
C GLY C 22 -4.79 -35.00 0.22
N LEU C 23 -3.60 -34.45 0.42
CA LEU C 23 -2.71 -34.91 1.46
C LEU C 23 -3.01 -34.25 2.80
N VAL C 24 -3.06 -32.93 2.65
CA VAL C 24 -3.24 -31.95 3.73
C VAL C 24 -4.62 -31.24 3.60
N GLY C 25 -5.64 -31.63 4.38
CA GLY C 25 -6.98 -30.99 4.29
C GLY C 25 -8.24 -31.63 4.93
N THR C 26 -9.25 -30.78 5.22
CA THR C 26 -10.62 -31.13 5.78
C THR C 26 -10.48 -31.69 7.19
N ASN C 27 -11.36 -32.50 7.78
CA ASN C 27 -10.67 -32.77 9.03
C ASN C 27 -11.05 -34.13 9.61
N LEU C 28 -12.29 -34.57 9.38
CA LEU C 28 -12.79 -35.77 10.02
C LEU C 28 -12.74 -36.93 9.01
N SER C 29 -12.73 -36.58 7.72
CA SER C 29 -12.72 -37.61 6.68
C SER C 29 -11.38 -38.36 6.55
N ASP C 30 -10.22 -37.82 7.02
CA ASP C 30 -8.93 -38.49 6.93
C ASP C 30 -8.25 -38.67 8.27
N GLY C 31 -9.01 -38.82 9.36
CA GLY C 31 -8.43 -38.94 10.68
C GLY C 31 -9.28 -39.82 11.62
N TYR C 32 -8.68 -40.29 12.72
CA TYR C 32 -9.38 -41.03 13.78
C TYR C 32 -9.05 -40.37 15.09
N THR C 33 -10.00 -40.34 16.02
CA THR C 33 -9.70 -39.66 17.29
C THR C 33 -9.47 -40.69 18.37
N MET C 34 -8.29 -40.66 18.94
CA MET C 34 -7.90 -41.63 19.95
C MET C 34 -7.44 -40.91 21.19
N LYS C 35 -7.32 -41.60 22.31
CA LYS C 35 -6.90 -40.91 23.51
C LYS C 35 -5.68 -41.58 24.13
N ALA C 36 -4.97 -40.84 24.96
CA ALA C 36 -3.90 -41.35 25.81
C ALA C 36 -3.64 -40.46 27.02
N GLN C 37 -3.13 -41.02 28.13
CA GLN C 37 -2.85 -40.17 29.29
C GLN C 37 -1.40 -39.66 29.26
N PHE C 38 -1.18 -38.50 29.86
CA PHE C 38 0.13 -37.90 30.06
C PHE C 38 0.28 -37.40 31.51
N ASP C 39 1.46 -37.44 32.12
CA ASP C 39 1.48 -36.89 33.48
C ASP C 39 1.93 -35.43 33.59
N ASN C 40 3.05 -35.06 32.97
CA ASN C 40 3.53 -33.68 33.04
C ASN C 40 4.43 -33.33 31.85
N VAL C 41 3.88 -32.68 30.82
CA VAL C 41 4.68 -32.33 29.63
C VAL C 41 5.09 -30.89 29.44
N ASN C 42 6.39 -30.64 29.32
CA ASN C 42 6.91 -29.28 29.38
C ASN C 42 6.91 -28.72 27.95
N GLY C 43 5.78 -28.25 27.48
CA GLY C 43 5.69 -27.64 26.16
C GLY C 43 4.69 -28.25 25.16
N LEU C 44 3.51 -28.70 25.58
CA LEU C 44 2.54 -29.25 24.63
C LEU C 44 1.36 -28.31 24.48
N LYS C 45 0.97 -28.06 23.24
CA LYS C 45 -0.12 -27.14 22.91
C LYS C 45 -1.13 -27.86 22.02
N PRO C 46 -2.35 -27.36 21.93
CA PRO C 46 -3.27 -28.01 21.02
C PRO C 46 -2.74 -27.74 19.62
N ARG C 47 -2.97 -28.66 18.69
CA ARG C 47 -2.44 -28.64 17.32
C ARG C 47 -0.90 -28.69 17.24
N ALA C 48 -0.23 -29.30 18.23
CA ALA C 48 1.21 -29.59 18.13
C ALA C 48 1.34 -30.85 17.27
N LYS C 49 2.39 -31.01 16.46
CA LYS C 49 2.52 -32.12 15.54
C LYS C 49 2.83 -33.43 16.25
N VAL C 50 2.30 -34.50 15.65
CA VAL C 50 2.44 -35.88 16.09
C VAL C 50 3.05 -36.71 15.00
N THR C 51 4.00 -37.53 15.38
CA THR C 51 4.72 -38.36 14.43
C THR C 51 4.67 -39.85 14.68
N MET C 52 5.15 -40.60 13.70
CA MET C 52 5.35 -42.04 13.82
C MET C 52 6.63 -42.44 13.11
N SER C 53 7.63 -42.86 13.88
CA SER C 53 8.87 -43.32 13.27
C SER C 53 9.51 -42.18 12.45
N GLY C 54 9.44 -40.96 12.99
CA GLY C 54 10.13 -39.79 12.47
C GLY C 54 9.39 -39.12 11.30
N VAL C 55 8.13 -39.51 11.05
CA VAL C 55 7.32 -38.94 9.96
C VAL C 55 6.03 -38.33 10.48
N THR C 56 5.74 -37.07 10.18
CA THR C 56 4.52 -36.49 10.76
C THR C 56 3.27 -37.12 10.17
N ILE C 57 2.37 -37.56 11.05
CA ILE C 57 1.14 -38.22 10.68
C ILE C 57 -0.08 -37.37 10.99
N GLY C 58 0.12 -36.37 11.84
CA GLY C 58 -0.97 -35.46 12.18
C GLY C 58 -0.61 -34.51 13.30
N ARG C 59 -1.57 -34.30 14.19
CA ARG C 59 -1.51 -33.23 15.20
C ARG C 59 -2.35 -33.53 16.44
N VAL C 60 -2.19 -32.73 17.48
CA VAL C 60 -3.08 -32.83 18.64
C VAL C 60 -4.46 -32.21 18.39
N ASP C 61 -5.53 -32.96 18.69
CA ASP C 61 -6.89 -32.52 18.39
C ASP C 61 -7.31 -31.46 19.41
N SER C 62 -7.22 -31.86 20.68
CA SER C 62 -7.54 -31.01 21.82
C SER C 62 -6.93 -31.60 23.10
N ILE C 63 -6.76 -30.75 24.12
CA ILE C 63 -6.22 -31.22 25.40
C ILE C 63 -7.17 -30.92 26.58
N THR C 64 -7.53 -31.98 27.31
CA THR C 64 -8.40 -31.93 28.48
C THR C 64 -7.69 -32.52 29.70
N LEU C 65 -8.38 -32.53 30.84
CA LEU C 65 -7.82 -33.08 32.10
C LEU C 65 -8.67 -34.19 32.70
N ASP C 66 -8.08 -34.93 33.63
CA ASP C 66 -8.77 -35.94 34.41
C ASP C 66 -8.72 -35.55 35.89
N PRO C 67 -9.83 -35.03 36.46
CA PRO C 67 -9.96 -34.55 37.84
C PRO C 67 -9.56 -35.56 38.90
N VAL C 68 -9.69 -36.85 38.63
CA VAL C 68 -9.58 -37.80 39.73
C VAL C 68 -8.17 -37.81 40.27
N THR C 69 -7.20 -37.84 39.34
CA THR C 69 -5.79 -37.87 39.67
C THR C 69 -5.05 -36.60 39.20
N ARG C 70 -5.80 -35.70 38.56
CA ARG C 70 -5.33 -34.42 38.01
C ARG C 70 -4.21 -34.60 36.99
N LEU C 71 -4.47 -35.46 36.02
CA LEU C 71 -3.52 -35.74 34.95
C LEU C 71 -4.12 -35.32 33.60
N ALA C 72 -3.35 -35.28 32.48
CA ALA C 72 -3.82 -34.90 31.17
C ALA C 72 -4.38 -36.04 30.33
N THR C 73 -5.43 -35.70 29.61
CA THR C 73 -6.13 -36.55 28.67
C THR C 73 -6.08 -35.89 27.31
N VAL C 74 -5.23 -36.38 26.45
CA VAL C 74 -5.01 -35.71 25.19
C VAL C 74 -5.72 -36.47 24.08
N THR C 75 -6.50 -35.74 23.28
CA THR C 75 -7.19 -36.38 22.18
C THR C 75 -6.31 -36.15 20.95
N PHE C 76 -6.17 -37.16 20.09
CA PHE C 76 -5.26 -37.10 18.93
C PHE C 76 -5.98 -36.96 17.59
N ASP C 77 -5.36 -36.26 16.62
CA ASP C 77 -5.77 -36.32 15.19
C ASP C 77 -4.78 -37.16 14.39
N LEU C 78 -5.00 -38.47 14.34
CA LEU C 78 -4.03 -39.42 13.76
C LEU C 78 -4.27 -39.69 12.28
N ASP C 79 -3.28 -40.21 11.55
CA ASP C 79 -3.51 -40.34 10.10
C ASP C 79 -4.54 -41.43 9.85
N GLY C 80 -5.74 -41.06 9.42
CA GLY C 80 -6.76 -42.02 9.01
C GLY C 80 -6.89 -42.27 7.51
N LYS C 81 -6.19 -41.53 6.65
CA LYS C 81 -6.26 -41.89 5.24
C LYS C 81 -5.42 -43.17 5.00
N LEU C 82 -4.30 -43.28 5.71
CA LEU C 82 -3.52 -44.50 5.75
C LEU C 82 -4.27 -45.53 6.56
N THR C 83 -4.64 -46.51 5.76
CA THR C 83 -5.51 -47.57 6.10
C THR C 83 -4.49 -48.50 6.82
N SER C 84 -3.29 -48.73 6.20
CA SER C 84 -2.21 -49.61 6.68
C SER C 84 -2.85 -50.78 6.08
N PHE C 85 -3.10 -51.74 6.94
CA PHE C 85 -3.70 -52.96 6.37
C PHE C 85 -5.10 -52.78 5.76
N ASN C 86 -5.13 -52.72 4.43
CA ASN C 86 -6.34 -52.57 3.63
C ASN C 86 -6.93 -53.91 3.28
N ALA C 87 -7.90 -53.94 2.37
CA ALA C 87 -8.62 -55.19 2.11
C ALA C 87 -7.73 -56.21 1.40
N GLU C 88 -6.73 -55.77 0.64
CA GLU C 88 -5.86 -56.75 0.00
C GLU C 88 -4.90 -57.33 1.03
N GLN C 89 -4.53 -56.53 2.03
CA GLN C 89 -3.59 -56.96 3.05
C GLN C 89 -4.35 -57.70 4.15
N LEU C 90 -5.67 -57.50 4.18
CA LEU C 90 -6.52 -58.17 5.15
C LEU C 90 -6.47 -59.69 4.91
N LYS C 91 -6.35 -60.07 3.63
CA LYS C 91 -6.29 -61.49 3.28
C LYS C 91 -5.08 -62.15 3.95
N GLU C 92 -3.96 -61.41 4.04
CA GLU C 92 -2.78 -61.93 4.75
C GLU C 92 -2.99 -61.91 6.26
N VAL C 93 -3.68 -60.88 6.77
CA VAL C 93 -3.85 -60.78 8.21
C VAL C 93 -4.77 -61.87 8.72
N GLN C 94 -5.74 -62.28 7.90
CA GLN C 94 -6.63 -63.34 8.38
C GLN C 94 -5.88 -64.64 8.61
N LYS C 95 -4.77 -64.86 7.91
CA LYS C 95 -4.04 -66.11 8.11
C LYS C 95 -2.90 -65.91 9.09
N ASN C 96 -2.36 -64.69 9.14
CA ASN C 96 -1.22 -64.46 10.00
C ASN C 96 -1.66 -64.37 11.45
N ALA C 97 -2.79 -63.69 11.69
CA ALA C 97 -3.30 -63.58 13.04
C ALA C 97 -3.86 -64.90 13.50
N LEU C 98 -4.41 -65.69 12.59
CA LEU C 98 -4.95 -66.98 12.97
C LEU C 98 -3.85 -67.94 13.32
N ASP C 99 -2.73 -67.91 12.61
CA ASP C 99 -1.65 -68.81 12.96
C ASP C 99 -1.03 -68.40 14.30
N GLU C 100 -1.03 -67.11 14.64
CA GLU C 100 -0.49 -66.75 15.95
C GLU C 100 -1.41 -67.26 17.07
N LEU C 101 -2.72 -67.27 16.81
CA LEU C 101 -3.71 -67.80 17.74
C LEU C 101 -3.67 -69.34 17.76
N ARG C 102 -3.50 -69.96 16.59
CA ARG C 102 -3.57 -71.41 16.46
C ARG C 102 -2.45 -72.15 17.19
N TYR C 103 -1.21 -71.68 17.09
CA TYR C 103 -0.10 -72.44 17.66
C TYR C 103 0.31 -72.01 19.07
N SER C 104 -0.35 -71.00 19.63
CA SER C 104 -0.16 -70.65 21.03
C SER C 104 -0.66 -71.69 22.04
N SER C 105 0.05 -71.76 23.17
CA SER C 105 -0.19 -72.77 24.21
C SER C 105 -1.51 -72.56 24.95
N ASP C 106 -2.12 -71.38 24.82
CA ASP C 106 -3.37 -71.07 25.51
C ASP C 106 -4.59 -71.54 24.70
N TYR C 107 -4.35 -71.92 23.45
CA TYR C 107 -5.42 -72.33 22.54
C TYR C 107 -5.26 -73.78 22.13
N THR C 108 -4.06 -74.34 22.22
CA THR C 108 -3.91 -75.76 21.88
C THR C 108 -4.42 -76.66 23.00
N GLN C 109 -4.47 -76.13 24.23
CA GLN C 109 -4.94 -76.86 25.39
C GLN C 109 -6.38 -76.43 25.76
N ALA C 110 -7.00 -75.61 24.91
CA ALA C 110 -8.32 -75.04 25.14
C ALA C 110 -9.46 -76.03 24.85
N THR C 111 -10.64 -75.70 25.34
CA THR C 111 -11.84 -76.49 25.07
C THR C 111 -12.13 -76.31 23.59
N PRO C 112 -12.47 -77.33 22.79
CA PRO C 112 -12.72 -77.19 21.35
C PRO C 112 -13.71 -76.04 21.03
N ALA C 113 -14.67 -75.79 21.93
CA ALA C 113 -15.61 -74.68 21.77
C ALA C 113 -14.88 -73.33 21.74
N GLN C 114 -13.84 -73.22 22.55
CA GLN C 114 -13.03 -72.04 22.72
C GLN C 114 -12.07 -71.92 21.54
N GLN C 115 -11.72 -73.06 20.95
CA GLN C 115 -10.82 -73.05 19.79
C GLN C 115 -11.56 -72.49 18.58
N LYS C 116 -12.88 -72.68 18.55
CA LYS C 116 -13.74 -72.11 17.52
C LYS C 116 -13.95 -70.61 17.66
N THR C 117 -13.48 -69.99 18.75
CA THR C 117 -13.61 -68.55 18.88
C THR C 117 -12.35 -67.84 18.36
N MET C 118 -11.38 -68.58 17.81
CA MET C 118 -10.24 -67.92 17.20
C MET C 118 -10.66 -67.23 15.90
N GLU C 119 -11.69 -67.75 15.22
CA GLU C 119 -12.11 -67.13 13.97
C GLU C 119 -13.12 -66.02 14.27
N GLN C 120 -13.63 -66.01 15.51
CA GLN C 120 -14.53 -64.96 15.96
C GLN C 120 -13.68 -63.74 16.27
N GLN C 121 -12.45 -63.99 16.71
CA GLN C 121 -11.48 -62.94 16.92
C GLN C 121 -11.00 -62.36 15.59
N LEU C 122 -11.04 -63.15 14.50
CA LEU C 122 -10.69 -62.59 13.21
C LEU C 122 -11.74 -61.57 12.78
N ILE C 123 -13.01 -61.88 13.07
CA ILE C 123 -14.13 -61.05 12.68
C ILE C 123 -14.05 -59.69 13.37
N SER C 124 -13.66 -59.70 14.64
CA SER C 124 -13.52 -58.50 15.43
C SER C 124 -12.34 -57.68 14.93
N ASN C 125 -11.34 -58.34 14.36
CA ASN C 125 -10.22 -57.62 13.78
C ASN C 125 -10.64 -57.01 12.45
N MET C 126 -11.50 -57.71 11.71
CA MET C 126 -11.91 -57.22 10.39
C MET C 126 -12.65 -55.90 10.47
N ASN C 127 -13.41 -55.67 11.54
CA ASN C 127 -14.14 -54.42 11.69
C ASN C 127 -13.41 -53.37 12.53
N SER C 128 -12.11 -53.59 12.82
CA SER C 128 -11.31 -52.64 13.61
C SER C 128 -9.89 -52.48 13.07
N ILE C 129 -9.61 -53.06 11.91
CA ILE C 129 -8.29 -53.03 11.28
C ILE C 129 -8.02 -51.73 10.50
N THR C 130 -8.87 -50.75 10.35
CA THR C 130 -8.18 -49.65 9.68
C THR C 130 -7.20 -49.02 10.75
N SER C 131 -6.09 -48.33 10.34
CA SER C 131 -5.04 -47.61 11.19
C SER C 131 -3.76 -48.36 11.83
N ILE C 132 -3.76 -48.63 13.14
CA ILE C 132 -2.62 -49.11 13.91
C ILE C 132 -2.94 -50.42 14.67
N ASP C 133 -1.94 -51.17 15.20
CA ASP C 133 -2.10 -52.42 15.94
C ASP C 133 -2.37 -52.21 17.42
N GLU C 134 -2.38 -53.30 18.19
CA GLU C 134 -2.68 -53.21 19.63
C GLU C 134 -1.59 -52.57 20.49
N ASP C 135 -0.36 -53.09 20.42
CA ASP C 135 0.71 -52.65 21.28
C ASP C 135 1.43 -51.46 20.61
N ALA C 136 1.17 -50.24 21.10
CA ALA C 136 1.88 -49.03 20.68
C ALA C 136 2.56 -48.29 21.85
N TYR C 137 3.75 -47.72 21.55
CA TYR C 137 4.51 -47.00 22.57
C TYR C 137 4.58 -45.46 22.41
N ILE C 138 3.78 -44.73 23.19
CA ILE C 138 3.83 -43.24 23.22
C ILE C 138 4.76 -42.52 24.22
N MET C 139 5.66 -41.69 23.62
CA MET C 139 6.70 -40.92 24.30
C MET C 139 6.75 -39.45 23.81
N VAL C 140 7.31 -38.58 24.66
CA VAL C 140 7.49 -37.14 24.36
C VAL C 140 8.91 -36.80 23.87
N ALA C 141 9.02 -36.39 22.60
CA ALA C 141 10.29 -36.04 21.94
C ALA C 141 10.28 -34.52 21.73
N THR C 142 11.25 -33.93 21.04
CA THR C 142 11.15 -32.47 20.76
C THR C 142 11.09 -32.23 19.24
N ASN C 143 10.56 -31.06 18.79
CA ASN C 143 10.47 -30.79 17.35
C ASN C 143 11.81 -30.25 16.81
N GLY C 144 12.23 -29.10 17.34
CA GLY C 144 13.54 -28.52 17.10
C GLY C 144 14.42 -28.68 18.33
N LEU C 145 15.60 -28.08 18.31
CA LEU C 145 16.49 -28.14 19.47
C LEU C 145 16.49 -26.89 20.36
N LEU C 146 15.56 -26.80 21.31
CA LEU C 146 15.35 -25.61 22.13
C LEU C 146 14.24 -25.96 23.07
N GLY C 147 13.12 -26.35 22.49
CA GLY C 147 11.97 -26.63 23.31
C GLY C 147 10.90 -26.94 22.27
N GLU C 148 9.64 -26.89 22.68
CA GLU C 148 8.52 -27.30 21.84
C GLU C 148 8.61 -28.80 21.62
N LYS C 149 7.63 -29.46 22.24
CA LYS C 149 7.55 -30.91 22.30
C LYS C 149 6.79 -31.43 21.07
N TYR C 150 7.07 -32.67 20.74
CA TYR C 150 6.65 -33.39 19.54
C TYR C 150 6.31 -34.83 19.93
N LEU C 151 5.07 -35.23 19.78
CA LEU C 151 4.64 -36.50 20.37
C LEU C 151 4.91 -37.64 19.39
N LYS C 152 5.39 -38.79 19.89
CA LYS C 152 5.82 -39.85 18.98
C LYS C 152 5.27 -41.24 19.30
N ILE C 153 4.76 -41.90 18.25
CA ILE C 153 4.33 -43.28 18.32
C ILE C 153 5.34 -44.26 17.71
N VAL C 154 5.69 -45.24 18.51
CA VAL C 154 6.60 -46.30 18.10
C VAL C 154 5.80 -47.58 18.15
N PRO C 155 5.48 -48.07 16.97
CA PRO C 155 4.74 -49.33 16.88
C PRO C 155 5.49 -50.47 17.56
N GLY C 156 4.74 -51.23 18.36
CA GLY C 156 5.22 -52.44 19.01
C GLY C 156 4.68 -53.68 18.29
N GLY C 157 4.52 -54.75 19.06
CA GLY C 157 3.99 -56.01 18.53
C GLY C 157 2.80 -56.57 19.33
N GLY C 158 1.59 -56.51 18.79
CA GLY C 158 0.44 -57.02 19.50
C GLY C 158 -0.41 -58.00 18.71
N LEU C 159 -1.61 -58.25 19.22
CA LEU C 159 -2.54 -59.24 18.60
C LEU C 159 -3.76 -58.52 17.86
N ASN C 160 -4.42 -57.55 18.56
CA ASN C 160 -5.61 -56.76 18.07
C ASN C 160 -5.21 -55.53 17.25
N TYR C 161 -6.21 -54.80 16.79
CA TYR C 161 -5.99 -53.54 16.08
C TYR C 161 -6.82 -52.46 16.76
N LEU C 162 -6.34 -51.23 16.74
CA LEU C 162 -7.03 -50.13 17.41
C LEU C 162 -7.59 -49.12 16.41
N LYS C 163 -8.61 -48.42 16.85
CA LYS C 163 -9.28 -47.38 16.05
C LYS C 163 -9.80 -46.22 16.90
N ARG C 164 -10.71 -45.42 16.35
CA ARG C 164 -11.09 -44.25 17.12
C ARG C 164 -11.88 -44.72 18.33
N GLY C 165 -11.64 -44.11 19.49
CA GLY C 165 -12.35 -44.49 20.71
C GLY C 165 -11.52 -45.36 21.67
N ASP C 166 -10.38 -45.87 21.19
CA ASP C 166 -9.50 -46.74 21.95
C ASP C 166 -8.40 -45.96 22.63
N THR C 167 -7.85 -46.51 23.73
CA THR C 167 -6.79 -45.80 24.47
C THR C 167 -5.45 -46.55 24.56
N ILE C 168 -4.39 -45.82 24.27
CA ILE C 168 -3.03 -46.33 24.20
C ILE C 168 -2.40 -46.00 25.57
N SER C 169 -1.73 -46.98 26.18
CA SER C 169 -1.14 -46.77 27.50
C SER C 169 0.09 -45.86 27.43
N ASN C 170 0.31 -45.01 28.42
CA ASN C 170 1.51 -44.17 28.40
C ASN C 170 2.81 -44.94 28.65
N THR C 171 3.81 -44.66 27.81
CA THR C 171 5.13 -45.29 27.87
C THR C 171 6.09 -44.37 28.58
N GLN C 172 6.18 -43.14 28.07
CA GLN C 172 7.09 -42.15 28.62
C GLN C 172 6.69 -40.67 28.46
N GLY C 173 5.60 -40.22 29.10
CA GLY C 173 5.26 -38.78 29.14
C GLY C 173 5.29 -38.12 30.51
N THR C 174 6.39 -38.24 31.24
CA THR C 174 6.46 -37.78 32.63
C THR C 174 7.81 -37.09 32.91
N MET C 175 8.91 -37.70 32.48
CA MET C 175 10.23 -37.21 32.86
C MET C 175 10.65 -35.94 32.12
N ASP C 176 10.87 -34.90 32.91
CA ASP C 176 11.43 -33.64 32.46
C ASP C 176 12.91 -33.68 32.75
N LEU C 177 13.77 -33.36 31.79
CA LEU C 177 15.19 -33.52 32.11
C LEU C 177 15.67 -32.49 33.12
N GLU C 178 15.00 -31.34 33.19
CA GLU C 178 15.33 -30.35 34.21
C GLU C 178 15.04 -30.88 35.63
N ASP C 179 13.91 -31.58 35.82
CA ASP C 179 13.57 -32.14 37.13
C ASP C 179 14.46 -33.33 37.46
N LEU C 180 14.96 -34.01 36.42
CA LEU C 180 15.82 -35.18 36.62
C LEU C 180 17.11 -34.71 37.28
N ILE C 181 17.65 -33.61 36.74
CA ILE C 181 18.90 -33.01 37.19
C ILE C 181 18.74 -32.40 38.60
N SER C 182 17.71 -31.56 38.79
CA SER C 182 17.46 -30.80 40.01
C SER C 182 16.81 -31.53 41.20
N LYS C 183 16.23 -32.72 41.00
CA LYS C 183 15.65 -33.45 42.14
C LYS C 183 16.41 -34.72 42.47
N ALA D 1 -31.16 9.57 12.53
CA ALA D 1 -31.63 10.59 11.60
C ALA D 1 -32.58 10.00 10.58
N VAL D 2 -32.65 8.67 10.55
CA VAL D 2 -33.47 7.90 9.60
C VAL D 2 -33.49 8.43 8.16
N GLY D 3 -32.33 8.44 7.51
CA GLY D 3 -32.15 9.17 6.27
C GLY D 3 -30.95 10.09 6.30
N ILE D 4 -30.21 10.12 5.20
CA ILE D 4 -28.92 10.81 5.16
C ILE D 4 -27.93 10.13 6.09
N PHE D 5 -28.11 10.30 7.40
CA PHE D 5 -27.34 9.50 8.36
C PHE D 5 -28.20 8.35 8.88
N VAL D 6 -28.41 7.31 8.08
CA VAL D 6 -29.31 6.22 8.45
C VAL D 6 -28.51 5.04 9.05
N ILE D 7 -27.55 5.26 8.74
CA ILE D 7 -26.77 4.10 9.12
C ILE D 7 -26.06 4.27 10.48
N ILE D 8 -26.50 5.27 11.24
CA ILE D 8 -26.06 5.43 12.64
C ILE D 8 -26.34 4.17 13.43
N PHE D 9 -27.47 3.51 13.13
CA PHE D 9 -27.75 2.22 13.74
C PHE D 9 -26.65 1.22 13.46
N GLY D 10 -26.26 1.09 12.20
CA GLY D 10 -25.18 0.18 11.85
C GLY D 10 -23.83 0.60 12.45
N ILE D 11 -23.60 1.92 12.59
CA ILE D 11 -22.37 2.38 13.26
C ILE D 11 -22.36 2.00 14.76
N ALA D 12 -23.47 2.25 15.46
CA ALA D 12 -23.57 2.06 16.92
C ALA D 12 -23.61 0.57 17.31
N LEU D 13 -24.20 -0.25 16.43
CA LEU D 13 -24.41 -1.66 16.75
C LEU D 13 -23.11 -2.46 16.88
N PHE D 14 -22.16 -2.25 15.97
CA PHE D 14 -20.98 -3.14 15.82
C PHE D 14 -19.74 -2.51 16.48
N PHE D 15 -19.71 -1.18 16.53
CA PHE D 15 -18.52 -0.46 17.04
C PHE D 15 -18.15 -0.86 18.49
N LEU D 16 -19.11 -0.79 19.40
CA LEU D 16 -18.84 -1.25 20.79
C LEU D 16 -18.90 -2.78 20.93
N ALA D 17 -19.56 -3.74 20.12
CA ALA D 17 -19.50 -5.19 20.35
C ALA D 17 -18.13 -5.74 19.93
N MET D 18 -17.57 -5.15 18.88
CA MET D 18 -16.30 -5.59 18.35
C MET D 18 -15.21 -5.12 19.32
N LYS D 19 -15.42 -3.93 19.89
CA LYS D 19 -14.48 -3.36 20.86
C LYS D 19 -14.23 -4.29 22.04
N VAL D 20 -15.29 -4.87 22.58
CA VAL D 20 -15.18 -5.67 23.80
C VAL D 20 -14.90 -7.13 23.41
N SER D 21 -15.13 -7.45 22.15
CA SER D 21 -14.81 -8.77 21.68
C SER D 21 -13.31 -8.94 21.62
N GLY D 22 -12.61 -7.88 21.25
CA GLY D 22 -11.16 -7.94 21.19
C GLY D 22 -10.61 -7.80 22.60
N LEU D 23 -11.09 -6.77 23.29
CA LEU D 23 -10.48 -6.33 24.53
C LEU D 23 -10.68 -7.33 25.65
N VAL D 24 -11.94 -7.69 25.92
CA VAL D 24 -12.22 -8.64 27.00
C VAL D 24 -12.82 -9.96 26.51
N GLY D 25 -13.95 -10.36 27.12
CA GLY D 25 -14.34 -11.75 27.18
C GLY D 25 -15.71 -12.00 27.76
N THR D 26 -15.85 -11.86 29.09
CA THR D 26 -14.75 -11.47 29.96
C THR D 26 -14.12 -12.66 30.70
N ASN D 27 -13.09 -12.37 31.49
CA ASN D 27 -12.56 -13.32 32.44
C ASN D 27 -12.83 -12.90 33.88
N LEU D 28 -14.01 -12.30 34.14
CA LEU D 28 -14.34 -11.85 35.48
C LEU D 28 -14.99 -13.00 36.24
N SER D 29 -15.92 -13.71 35.59
CA SER D 29 -16.39 -14.98 36.10
C SER D 29 -15.55 -16.20 35.66
N ASP D 30 -14.70 -16.11 34.60
CA ASP D 30 -13.83 -17.20 34.17
C ASP D 30 -12.37 -17.00 34.54
N GLY D 31 -12.07 -16.13 35.52
CA GLY D 31 -10.69 -15.91 35.94
C GLY D 31 -10.60 -15.11 37.24
N TYR D 32 -9.50 -15.28 37.97
CA TYR D 32 -9.29 -14.68 39.29
C TYR D 32 -7.85 -14.22 39.37
N THR D 33 -7.56 -13.25 40.23
CA THR D 33 -6.19 -12.73 40.23
C THR D 33 -5.53 -13.01 41.56
N MET D 34 -4.91 -14.19 41.63
CA MET D 34 -4.44 -14.69 42.91
C MET D 34 -2.98 -14.36 43.05
N LYS D 35 -2.47 -14.30 44.27
CA LYS D 35 -1.10 -13.86 44.43
C LYS D 35 -0.26 -14.90 45.15
N ALA D 36 1.06 -14.75 45.04
CA ALA D 36 2.03 -15.65 45.66
C ALA D 36 3.36 -14.96 45.93
N GLN D 37 4.12 -15.42 46.93
CA GLN D 37 5.39 -14.74 47.24
C GLN D 37 6.58 -15.51 46.64
N PHE D 38 7.47 -14.76 45.99
CA PHE D 38 8.69 -15.30 45.37
C PHE D 38 9.91 -14.56 45.95
N ASP D 39 11.10 -15.18 45.99
CA ASP D 39 12.19 -14.40 46.60
C ASP D 39 13.28 -13.92 45.64
N ASN D 40 13.58 -14.69 44.60
CA ASN D 40 14.65 -14.30 43.66
C ASN D 40 14.52 -15.02 42.32
N VAL D 41 13.50 -14.71 41.52
CA VAL D 41 13.38 -15.27 40.18
C VAL D 41 13.87 -14.46 38.99
N ASN D 42 15.00 -14.84 38.43
CA ASN D 42 15.66 -14.01 37.41
C ASN D 42 14.85 -14.14 36.10
N GLY D 43 14.18 -13.09 35.69
CA GLY D 43 13.58 -13.03 34.36
C GLY D 43 12.07 -13.32 34.23
N LEU D 44 11.26 -13.05 35.26
CA LEU D 44 9.81 -13.27 35.13
C LEU D 44 9.16 -12.11 34.39
N LYS D 45 8.56 -12.42 33.25
CA LYS D 45 8.04 -11.42 32.33
C LYS D 45 6.53 -11.32 32.49
N PRO D 46 5.93 -10.23 32.06
CA PRO D 46 4.47 -10.19 32.13
C PRO D 46 3.98 -11.11 31.02
N ARG D 47 2.82 -11.71 31.19
CA ARG D 47 2.22 -12.69 30.28
C ARG D 47 3.08 -13.97 30.05
N ALA D 48 3.85 -14.39 31.05
CA ALA D 48 4.67 -15.60 30.95
C ALA D 48 3.78 -16.77 31.31
N LYS D 49 3.97 -17.97 30.76
CA LYS D 49 3.10 -19.10 31.01
C LYS D 49 3.21 -19.63 32.43
N VAL D 50 2.05 -19.79 33.03
CA VAL D 50 1.82 -20.38 34.35
C VAL D 50 1.02 -21.64 34.20
N THR D 51 1.65 -22.76 34.52
CA THR D 51 1.09 -24.05 34.26
C THR D 51 0.72 -24.88 35.47
N MET D 52 0.02 -25.97 35.22
CA MET D 52 -0.38 -26.93 36.25
C MET D 52 -0.27 -28.33 35.72
N SER D 53 0.70 -29.09 36.23
CA SER D 53 0.93 -30.44 35.70
C SER D 53 1.20 -30.39 34.18
N GLY D 54 1.92 -29.36 33.76
CA GLY D 54 2.40 -29.19 32.39
C GLY D 54 1.48 -28.29 31.54
N VAL D 55 0.20 -28.16 31.92
CA VAL D 55 -0.82 -27.51 31.09
C VAL D 55 -0.99 -26.05 31.44
N THR D 56 -0.90 -25.12 30.48
CA THR D 56 -1.07 -23.72 30.87
C THR D 56 -2.50 -23.42 31.26
N ILE D 57 -2.66 -22.78 32.42
CA ILE D 57 -3.97 -22.42 32.96
C ILE D 57 -4.11 -20.91 33.14
N GLY D 58 -2.98 -20.22 33.08
CA GLY D 58 -3.00 -18.78 33.24
C GLY D 58 -1.67 -18.13 32.87
N ARG D 59 -1.53 -16.87 33.27
CA ARG D 59 -0.38 -16.04 32.90
C ARG D 59 -0.02 -15.00 33.96
N VAL D 60 1.14 -14.38 33.84
CA VAL D 60 1.55 -13.36 34.81
C VAL D 60 0.81 -12.03 34.62
N ASP D 61 0.19 -11.52 35.69
CA ASP D 61 -0.55 -10.25 35.63
C ASP D 61 0.42 -9.10 35.78
N SER D 62 0.96 -9.00 37.01
CA SER D 62 1.77 -7.87 37.45
C SER D 62 2.52 -8.22 38.74
N ILE D 63 3.51 -7.42 39.10
CA ILE D 63 4.32 -7.70 40.29
C ILE D 63 4.39 -6.51 41.25
N THR D 64 4.14 -6.78 42.54
CA THR D 64 4.24 -5.81 43.62
C THR D 64 5.46 -6.11 44.48
N LEU D 65 6.29 -5.09 44.73
CA LEU D 65 7.59 -5.25 45.42
C LEU D 65 7.63 -4.60 46.80
N ASP D 66 8.49 -5.13 47.65
CA ASP D 66 8.78 -4.55 48.95
C ASP D 66 10.30 -4.51 49.14
N PRO D 67 10.96 -3.35 48.91
CA PRO D 67 12.39 -3.10 49.07
C PRO D 67 12.93 -3.40 50.45
N VAL D 68 12.11 -3.26 51.49
CA VAL D 68 12.67 -3.31 52.83
C VAL D 68 12.98 -4.76 53.19
N THR D 69 12.01 -5.63 52.92
CA THR D 69 12.10 -7.05 53.22
C THR D 69 12.68 -7.86 52.05
N ARG D 70 12.72 -7.24 50.88
CA ARG D 70 13.28 -7.78 49.63
C ARG D 70 12.47 -8.95 49.08
N LEU D 71 11.15 -8.77 49.10
CA LEU D 71 10.21 -9.84 48.73
C LEU D 71 9.38 -9.40 47.52
N ALA D 72 8.88 -10.31 46.67
CA ALA D 72 7.98 -9.99 45.57
C ALA D 72 6.69 -10.78 45.55
N THR D 73 5.61 -10.03 45.55
CA THR D 73 4.24 -10.49 45.55
C THR D 73 3.73 -10.50 44.12
N VAL D 74 3.76 -11.66 43.51
CA VAL D 74 3.45 -11.74 42.10
C VAL D 74 2.00 -12.07 41.92
N THR D 75 1.30 -11.29 41.10
CA THR D 75 -0.12 -11.48 40.90
C THR D 75 -0.26 -12.34 39.65
N PHE D 76 -1.05 -13.41 39.72
CA PHE D 76 -1.31 -14.28 38.55
C PHE D 76 -2.72 -14.17 38.00
N ASP D 77 -2.88 -14.04 36.67
CA ASP D 77 -4.19 -14.11 35.99
C ASP D 77 -4.54 -15.57 35.67
N LEU D 78 -5.22 -16.25 36.60
CA LEU D 78 -5.48 -17.70 36.48
C LEU D 78 -6.89 -18.01 35.99
N ASP D 79 -7.07 -18.94 35.05
CA ASP D 79 -8.44 -19.20 34.60
C ASP D 79 -9.18 -19.99 35.67
N GLY D 80 -10.45 -19.65 35.90
CA GLY D 80 -11.31 -20.44 36.79
C GLY D 80 -12.34 -21.32 36.11
N LYS D 81 -12.22 -21.46 34.79
CA LYS D 81 -13.16 -22.29 34.01
C LYS D 81 -12.56 -23.70 33.66
N LEU D 82 -11.68 -24.26 34.52
CA LEU D 82 -11.06 -25.64 34.39
C LEU D 82 -12.02 -26.85 34.75
N THR D 83 -11.55 -28.12 34.62
CA THR D 83 -12.31 -29.39 34.91
C THR D 83 -12.62 -29.63 36.41
N SER D 84 -13.69 -30.41 36.69
CA SER D 84 -14.20 -30.61 38.06
C SER D 84 -15.00 -31.95 38.26
N PHE D 85 -15.59 -32.21 39.45
CA PHE D 85 -16.38 -33.48 39.66
C PHE D 85 -17.88 -33.21 39.53
N ASN D 86 -18.66 -34.21 39.13
CA ASN D 86 -20.11 -34.01 39.14
C ASN D 86 -20.68 -34.30 40.50
N ALA D 87 -22.00 -34.28 40.62
CA ALA D 87 -22.61 -34.34 41.95
C ALA D 87 -22.32 -35.65 42.66
N GLU D 88 -22.29 -36.77 41.93
CA GLU D 88 -22.09 -38.04 42.62
C GLU D 88 -20.61 -38.23 42.92
N GLN D 89 -19.74 -37.74 42.04
CA GLN D 89 -18.32 -37.95 42.18
C GLN D 89 -17.79 -37.03 43.27
N LEU D 90 -18.34 -35.81 43.34
CA LEU D 90 -17.91 -34.83 44.33
C LEU D 90 -18.35 -35.28 45.72
N LYS D 91 -19.49 -35.98 45.78
CA LYS D 91 -19.95 -36.58 47.03
C LYS D 91 -18.93 -37.61 47.53
N GLU D 92 -18.34 -38.39 46.60
CA GLU D 92 -17.33 -39.36 47.00
C GLU D 92 -16.05 -38.67 47.45
N VAL D 93 -15.74 -37.50 46.88
CA VAL D 93 -14.54 -36.80 47.32
C VAL D 93 -14.69 -36.28 48.72
N GLN D 94 -15.86 -35.73 49.05
CA GLN D 94 -16.01 -35.23 50.42
C GLN D 94 -16.27 -36.35 51.41
N LYS D 95 -16.65 -37.55 50.95
CA LYS D 95 -16.68 -38.67 51.85
C LYS D 95 -15.27 -39.13 52.18
N ASN D 96 -14.35 -39.01 51.21
CA ASN D 96 -12.98 -39.37 51.49
C ASN D 96 -12.34 -38.32 52.37
N ALA D 97 -12.74 -37.05 52.19
CA ALA D 97 -12.25 -36.00 53.05
C ALA D 97 -12.83 -36.13 54.43
N LEU D 98 -14.07 -36.62 54.53
CA LEU D 98 -14.64 -36.87 55.84
C LEU D 98 -13.95 -38.01 56.53
N ASP D 99 -13.48 -39.01 55.78
CA ASP D 99 -12.73 -40.07 56.44
C ASP D 99 -11.40 -39.53 56.98
N GLU D 100 -10.83 -38.50 56.33
CA GLU D 100 -9.61 -37.94 56.92
C GLU D 100 -9.93 -37.13 58.18
N LEU D 101 -11.09 -36.49 58.20
CA LEU D 101 -11.57 -35.76 59.37
C LEU D 101 -11.93 -36.71 60.52
N ARG D 102 -12.48 -37.89 60.19
CA ARG D 102 -12.83 -38.89 61.18
C ARG D 102 -11.69 -39.85 61.53
N TYR D 103 -10.55 -39.75 60.84
CA TYR D 103 -9.38 -40.53 61.26
C TYR D 103 -8.88 -40.17 62.67
N SER D 104 -8.78 -38.89 63.00
CA SER D 104 -8.49 -38.48 64.38
C SER D 104 -9.54 -38.87 65.41
N SER D 105 -9.06 -39.20 66.60
CA SER D 105 -9.89 -39.69 67.69
C SER D 105 -10.84 -38.63 68.26
N ASP D 106 -10.57 -37.35 67.99
CA ASP D 106 -11.43 -36.26 68.44
C ASP D 106 -12.77 -36.24 67.70
N TYR D 107 -12.73 -36.56 66.40
CA TYR D 107 -13.90 -36.46 65.54
C TYR D 107 -14.21 -37.80 64.90
N THR D 108 -13.87 -38.91 65.54
CA THR D 108 -14.26 -40.19 64.97
C THR D 108 -15.73 -40.53 65.27
N GLN D 109 -16.08 -40.55 66.55
CA GLN D 109 -17.47 -40.62 66.99
C GLN D 109 -17.97 -39.23 67.42
N ALA D 110 -18.10 -38.31 66.45
CA ALA D 110 -18.31 -36.88 66.71
C ALA D 110 -19.71 -36.56 67.22
N THR D 111 -19.79 -35.55 68.09
CA THR D 111 -21.06 -35.08 68.61
C THR D 111 -21.77 -34.39 67.44
N PRO D 112 -23.07 -34.57 67.18
CA PRO D 112 -23.77 -33.95 66.05
C PRO D 112 -23.49 -32.44 65.94
N ALA D 113 -23.31 -31.77 67.08
CA ALA D 113 -22.96 -30.35 67.10
C ALA D 113 -21.61 -30.10 66.42
N GLN D 114 -20.69 -31.03 66.62
CA GLN D 114 -19.35 -30.99 66.07
C GLN D 114 -19.39 -31.44 64.61
N GLN D 115 -20.36 -32.29 64.27
CA GLN D 115 -20.47 -32.79 62.90
C GLN D 115 -20.85 -31.65 61.97
N LYS D 116 -21.64 -30.71 62.48
CA LYS D 116 -21.97 -29.48 61.77
C LYS D 116 -20.75 -28.67 61.33
N THR D 117 -19.70 -28.61 62.16
CA THR D 117 -18.50 -27.89 61.74
C THR D 117 -17.61 -28.78 60.88
N MET D 118 -17.75 -30.11 60.98
CA MET D 118 -17.03 -30.97 60.05
C MET D 118 -17.67 -30.91 58.65
N GLU D 119 -18.98 -30.66 58.58
CA GLU D 119 -19.62 -30.57 57.27
C GLU D 119 -19.32 -29.19 56.66
N GLN D 120 -19.05 -28.22 57.53
CA GLN D 120 -18.64 -26.90 57.10
C GLN D 120 -17.25 -27.03 56.49
N GLN D 121 -16.45 -27.91 57.10
CA GLN D 121 -15.12 -28.21 56.59
C GLN D 121 -15.20 -28.97 55.28
N LEU D 122 -16.24 -29.78 55.08
CA LEU D 122 -16.35 -30.49 53.79
C LEU D 122 -16.66 -29.49 52.68
N ILE D 123 -17.47 -28.48 53.02
CA ILE D 123 -17.77 -27.38 52.10
C ILE D 123 -16.49 -26.61 51.77
N SER D 124 -15.66 -26.39 52.79
CA SER D 124 -14.40 -25.70 52.63
C SER D 124 -13.47 -26.51 51.73
N ASN D 125 -13.54 -27.84 51.83
CA ASN D 125 -12.64 -28.68 51.05
C ASN D 125 -13.09 -28.70 49.60
N MET D 126 -14.41 -28.62 49.37
CA MET D 126 -14.90 -28.62 48.00
C MET D 126 -14.64 -27.33 47.26
N ASN D 127 -14.48 -26.22 47.98
CA ASN D 127 -14.33 -24.92 47.35
C ASN D 127 -13.04 -24.78 46.54
N SER D 128 -11.95 -25.44 46.98
CA SER D 128 -10.65 -25.32 46.31
C SER D 128 -10.41 -26.45 45.29
N ILE D 129 -11.43 -27.27 45.01
CA ILE D 129 -11.22 -28.36 44.08
C ILE D 129 -11.16 -27.76 42.67
N THR D 130 -12.12 -26.89 42.34
CA THR D 130 -12.09 -26.14 41.09
C THR D 130 -12.80 -24.80 41.26
N SER D 131 -12.02 -23.72 41.34
CA SER D 131 -12.52 -22.36 41.25
C SER D 131 -11.49 -21.32 41.74
N ILE D 132 -11.18 -21.34 43.03
CA ILE D 132 -10.09 -20.53 43.56
C ILE D 132 -9.26 -21.39 44.51
N ASP D 133 -8.31 -22.11 43.93
CA ASP D 133 -7.56 -23.11 44.69
C ASP D 133 -6.55 -22.50 45.65
N GLU D 134 -6.77 -22.70 46.96
CA GLU D 134 -5.81 -22.20 47.96
C GLU D 134 -4.60 -23.11 48.22
N ASP D 135 -4.85 -24.36 48.61
CA ASP D 135 -3.80 -25.23 49.09
C ASP D 135 -3.09 -25.86 47.88
N ALA D 136 -1.95 -25.26 47.47
CA ALA D 136 -1.14 -25.78 46.36
C ALA D 136 0.35 -25.40 46.47
N TYR D 137 1.17 -26.06 45.63
CA TYR D 137 2.61 -25.80 45.62
C TYR D 137 3.19 -25.19 44.32
N ILE D 138 4.00 -24.14 44.43
CA ILE D 138 4.68 -23.53 43.27
C ILE D 138 6.22 -23.54 43.16
N MET D 139 6.67 -23.96 41.96
CA MET D 139 8.08 -24.10 41.55
C MET D 139 8.34 -23.59 40.12
N VAL D 140 9.43 -22.85 39.94
CA VAL D 140 9.85 -22.29 38.65
C VAL D 140 10.76 -23.25 37.84
N ALA D 141 10.39 -23.49 36.58
CA ALA D 141 11.08 -24.41 35.66
C ALA D 141 11.36 -23.63 34.36
N THR D 142 11.91 -24.24 33.32
CA THR D 142 12.25 -23.44 32.11
C THR D 142 11.76 -24.17 30.85
N ASN D 143 11.16 -23.44 29.87
CA ASN D 143 10.73 -24.08 28.62
C ASN D 143 11.86 -24.08 27.58
N GLY D 144 12.48 -22.91 27.39
CA GLY D 144 13.47 -22.65 26.37
C GLY D 144 14.87 -22.85 26.93
N LEU D 145 15.81 -21.99 26.50
CA LEU D 145 17.22 -22.22 26.82
C LEU D 145 17.64 -21.81 28.24
N LEU D 146 16.89 -20.89 28.85
CA LEU D 146 17.28 -20.27 30.11
C LEU D 146 16.20 -19.28 30.43
N GLY D 147 15.94 -18.41 29.47
CA GLY D 147 14.82 -17.51 29.61
C GLY D 147 13.66 -18.34 29.12
N GLU D 148 12.49 -17.72 28.95
CA GLU D 148 11.28 -18.41 28.58
C GLU D 148 10.92 -19.41 29.68
N LYS D 149 10.78 -18.81 30.85
CA LYS D 149 10.45 -19.53 32.08
C LYS D 149 9.02 -20.11 31.95
N TYR D 150 8.84 -21.25 32.59
CA TYR D 150 7.64 -22.07 32.63
C TYR D 150 7.32 -22.40 34.08
N LEU D 151 6.31 -21.77 34.65
CA LEU D 151 6.03 -21.95 36.07
C LEU D 151 5.15 -23.19 36.28
N LYS D 152 5.43 -24.00 37.31
CA LYS D 152 4.61 -25.18 37.53
C LYS D 152 3.82 -25.18 38.84
N ILE D 153 2.64 -25.82 38.79
CA ILE D 153 1.81 -26.00 39.96
C ILE D 153 1.50 -27.47 40.27
N VAL D 154 1.63 -27.80 41.54
CA VAL D 154 1.29 -29.12 42.05
C VAL D 154 0.23 -28.91 43.11
N PRO D 155 -1.00 -29.14 42.72
CA PRO D 155 -2.11 -28.97 43.64
C PRO D 155 -1.98 -29.90 44.85
N GLY D 156 -2.40 -29.38 46.01
CA GLY D 156 -2.44 -30.12 47.26
C GLY D 156 -3.87 -30.50 47.62
N GLY D 157 -4.31 -30.07 48.79
CA GLY D 157 -5.66 -30.31 49.25
C GLY D 157 -6.61 -29.13 48.97
N GLY D 158 -7.39 -28.69 49.96
CA GLY D 158 -8.27 -27.55 49.76
C GLY D 158 -8.71 -26.84 51.02
N LEU D 159 -8.74 -25.51 50.93
CA LEU D 159 -9.00 -24.66 52.10
C LEU D 159 -9.82 -23.46 51.56
N ASN D 160 -11.16 -23.56 51.47
CA ASN D 160 -12.07 -22.46 51.10
C ASN D 160 -11.70 -21.83 49.75
N TYR D 161 -11.89 -20.52 49.62
CA TYR D 161 -11.35 -19.84 48.45
C TYR D 161 -10.09 -19.09 48.89
N LEU D 162 -9.09 -19.02 48.02
CA LEU D 162 -7.92 -18.20 48.28
C LEU D 162 -8.22 -16.71 48.18
N LYS D 163 -7.79 -15.99 49.19
CA LYS D 163 -7.96 -14.53 49.27
C LYS D 163 -6.88 -13.77 48.48
N ARG D 164 -7.21 -12.59 47.98
CA ARG D 164 -6.15 -11.87 47.28
C ARG D 164 -5.15 -11.37 48.31
N GLY D 165 -3.87 -11.62 48.09
CA GLY D 165 -2.84 -11.23 49.05
C GLY D 165 -2.30 -12.39 49.90
N ASP D 166 -3.07 -13.48 49.99
CA ASP D 166 -2.68 -14.67 50.73
C ASP D 166 -1.79 -15.57 49.89
N THR D 167 -0.54 -15.76 50.34
CA THR D 167 0.45 -16.43 49.50
C THR D 167 0.24 -17.94 49.33
N ILE D 168 0.77 -18.45 48.22
CA ILE D 168 0.70 -19.86 47.84
C ILE D 168 2.05 -20.45 48.23
N SER D 169 2.05 -21.70 48.72
CA SER D 169 3.24 -22.27 49.35
C SER D 169 4.45 -22.21 48.41
N ASN D 170 5.52 -21.54 48.80
CA ASN D 170 6.68 -21.46 47.91
C ASN D 170 7.65 -22.62 48.03
N THR D 171 7.71 -23.42 46.96
CA THR D 171 8.57 -24.61 46.85
C THR D 171 9.90 -24.22 46.24
N GLN D 172 9.82 -23.57 45.08
CA GLN D 172 11.01 -23.05 44.42
C GLN D 172 10.87 -21.68 43.73
N GLY D 173 10.82 -20.57 44.48
CA GLY D 173 10.93 -19.21 43.89
C GLY D 173 12.29 -18.53 44.01
N THR D 174 13.38 -19.27 43.89
CA THR D 174 14.72 -18.71 43.97
C THR D 174 15.56 -19.10 42.74
N MET D 175 15.04 -18.81 41.55
CA MET D 175 15.73 -19.20 40.32
C MET D 175 16.93 -18.33 39.98
N ASP D 176 18.08 -18.77 40.48
CA ASP D 176 19.35 -18.07 40.33
C ASP D 176 20.44 -19.10 40.44
N LEU D 177 21.03 -19.52 39.33
CA LEU D 177 22.09 -20.52 39.51
C LEU D 177 23.48 -19.96 39.19
N GLU D 178 23.69 -18.67 39.42
CA GLU D 178 25.00 -18.08 39.17
C GLU D 178 26.03 -18.50 40.21
N ASP D 179 25.61 -18.74 41.45
CA ASP D 179 26.53 -19.22 42.49
C ASP D 179 26.88 -20.69 42.29
N LEU D 180 26.00 -21.42 41.59
CA LEU D 180 26.27 -22.83 41.27
C LEU D 180 27.40 -22.87 40.25
N ILE D 181 27.29 -22.00 39.25
CA ILE D 181 28.26 -21.83 38.19
C ILE D 181 29.63 -21.38 38.75
N SER D 182 29.62 -20.35 39.61
CA SER D 182 30.81 -19.81 40.29
C SER D 182 31.51 -20.71 41.34
N LYS D 183 30.76 -21.47 42.15
CA LYS D 183 31.43 -22.33 43.13
C LYS D 183 31.77 -23.71 42.57
N ALA E 1 -18.23 20.50 14.36
CA ALA E 1 -18.41 19.31 15.18
C ALA E 1 -17.22 18.36 14.91
N VAL E 2 -16.20 18.86 14.22
CA VAL E 2 -14.98 18.07 13.99
C VAL E 2 -14.01 18.31 15.19
N GLY E 3 -14.07 19.50 15.78
CA GLY E 3 -13.14 19.88 16.81
C GLY E 3 -13.38 19.09 18.08
N ILE E 4 -14.59 18.52 18.19
CA ILE E 4 -14.90 17.61 19.29
C ILE E 4 -13.92 16.44 19.33
N PHE E 5 -13.60 15.88 18.15
CA PHE E 5 -12.79 14.66 18.06
C PHE E 5 -11.31 15.01 17.84
N VAL E 6 -11.01 16.31 17.68
CA VAL E 6 -9.61 16.77 17.70
C VAL E 6 -9.09 16.80 19.15
N ILE E 7 -9.92 17.15 19.67
CA ILE E 7 -9.53 17.12 21.06
C ILE E 7 -9.37 15.70 21.62
N ILE E 8 -10.33 14.82 21.30
CA ILE E 8 -10.36 13.46 21.82
C ILE E 8 -9.17 12.67 21.29
N PHE E 9 -8.88 12.82 19.99
CA PHE E 9 -7.86 12.00 19.37
C PHE E 9 -6.64 12.83 18.99
N GLY E 10 -6.87 14.05 18.52
CA GLY E 10 -5.77 14.89 18.06
C GLY E 10 -4.83 15.31 19.22
N ILE E 11 -5.41 15.79 20.34
CA ILE E 11 -4.57 16.23 21.46
C ILE E 11 -4.01 15.02 22.25
N ALA E 12 -4.72 13.90 22.24
CA ALA E 12 -4.23 12.62 22.81
C ALA E 12 -2.96 12.12 22.11
N LEU E 13 -2.93 12.22 20.77
CA LEU E 13 -1.73 11.90 20.01
C LEU E 13 -0.64 12.97 20.11
N PHE E 14 -1.01 14.24 20.27
CA PHE E 14 -0.05 15.33 20.57
C PHE E 14 0.69 15.05 21.88
N PHE E 15 -0.05 14.72 22.93
CA PHE E 15 0.55 14.25 24.19
C PHE E 15 1.49 13.04 24.00
N LEU E 16 1.03 12.01 23.31
CA LEU E 16 1.92 10.88 22.97
C LEU E 16 3.05 11.27 22.01
N ALA E 17 3.14 12.38 21.13
CA ALA E 17 4.31 12.68 20.30
C ALA E 17 5.35 13.44 21.12
N MET E 18 4.89 14.08 22.18
CA MET E 18 5.78 14.81 23.07
C MET E 18 6.45 13.80 23.99
N LYS E 19 5.73 12.71 24.28
CA LYS E 19 6.21 11.67 25.17
C LYS E 19 6.91 10.54 24.42
N VAL E 20 7.72 10.89 23.44
CA VAL E 20 8.54 9.91 22.74
C VAL E 20 9.99 10.00 23.26
N SER E 21 10.61 11.15 23.01
CA SER E 21 11.97 11.33 23.49
C SER E 21 11.95 11.98 24.84
N GLY E 22 10.86 12.68 25.17
CA GLY E 22 10.75 13.31 26.46
C GLY E 22 9.66 12.62 27.26
N LEU E 23 9.82 11.31 27.40
CA LEU E 23 8.83 10.50 28.09
C LEU E 23 8.82 10.76 29.59
N VAL E 24 10.00 10.69 30.20
CA VAL E 24 10.12 10.87 31.64
C VAL E 24 10.35 12.34 31.99
N GLY E 25 11.50 12.85 31.57
CA GLY E 25 12.02 12.55 30.25
C GLY E 25 13.12 13.50 29.82
N THR E 26 12.90 14.79 30.02
CA THR E 26 13.88 15.81 29.69
C THR E 26 14.59 16.16 31.00
N ASN E 27 13.77 16.49 32.01
CA ASN E 27 14.21 16.84 33.36
C ASN E 27 14.08 15.68 34.36
N LEU E 28 13.88 14.44 33.91
CA LEU E 28 13.99 13.40 34.92
C LEU E 28 12.95 13.67 36.02
N SER E 29 11.72 14.00 35.60
CA SER E 29 10.67 14.35 36.55
C SER E 29 10.16 13.16 37.39
N ASP E 30 10.23 11.89 36.93
CA ASP E 30 9.72 10.73 37.64
C ASP E 30 10.80 9.75 38.06
N GLY E 31 12.08 10.11 37.90
CA GLY E 31 13.16 9.20 38.24
C GLY E 31 14.31 9.91 38.98
N TYR E 32 15.30 9.13 39.44
CA TYR E 32 16.48 9.64 40.13
C TYR E 32 17.68 8.94 39.57
N THR E 33 18.89 9.37 39.93
CA THR E 33 20.06 8.75 39.32
C THR E 33 20.86 8.01 40.37
N MET E 34 21.62 7.03 39.91
CA MET E 34 22.54 6.31 40.79
C MET E 34 23.89 6.26 40.12
N LYS E 35 24.96 6.17 40.90
CA LYS E 35 26.26 5.99 40.28
C LYS E 35 27.03 4.84 40.93
N ALA E 36 27.82 4.15 40.12
CA ALA E 36 28.67 3.06 40.56
C ALA E 36 29.91 2.90 39.68
N GLN E 37 31.02 2.38 40.22
CA GLN E 37 32.18 2.08 39.36
C GLN E 37 32.25 0.58 39.06
N PHE E 38 32.68 0.26 37.84
CA PHE E 38 32.82 -1.11 37.34
C PHE E 38 34.21 -1.30 36.73
N ASP E 39 34.79 -2.51 36.72
CA ASP E 39 35.98 -2.64 35.87
C ASP E 39 35.78 -3.46 34.59
N ASN E 40 34.90 -4.46 34.61
CA ASN E 40 34.69 -5.31 33.43
C ASN E 40 33.24 -5.78 33.32
N VAL E 41 32.43 -5.14 32.46
CA VAL E 41 31.06 -5.61 32.22
C VAL E 41 30.65 -5.95 30.80
N ASN E 42 31.19 -7.05 30.28
CA ASN E 42 30.94 -7.40 28.88
C ASN E 42 29.46 -7.74 28.73
N GLY E 43 28.72 -6.92 28.00
CA GLY E 43 27.28 -7.08 27.87
C GLY E 43 26.35 -6.03 28.50
N LEU E 44 26.88 -5.07 29.28
CA LEU E 44 26.03 -4.02 29.82
C LEU E 44 25.88 -2.89 28.82
N LYS E 45 24.67 -2.73 28.30
CA LYS E 45 24.39 -1.83 27.19
C LYS E 45 23.73 -0.58 27.72
N PRO E 46 23.76 0.52 26.96
CA PRO E 46 22.96 1.65 27.38
C PRO E 46 21.51 1.23 27.17
N ARG E 47 20.62 1.64 28.07
CA ARG E 47 19.23 1.17 28.18
C ARG E 47 19.09 -0.36 28.45
N ALA E 48 20.08 -0.98 29.10
CA ALA E 48 19.95 -2.35 29.59
C ALA E 48 19.19 -2.27 30.90
N LYS E 49 18.48 -3.32 31.34
CA LYS E 49 17.62 -3.27 32.49
C LYS E 49 18.36 -3.50 33.81
N VAL E 50 17.85 -2.84 34.84
CA VAL E 50 18.33 -2.91 36.22
C VAL E 50 17.22 -3.39 37.11
N THR E 51 17.55 -4.35 37.96
CA THR E 51 16.55 -5.11 38.66
C THR E 51 16.71 -5.18 40.16
N MET E 52 15.69 -5.75 40.81
CA MET E 52 15.77 -6.15 42.21
C MET E 52 15.07 -7.47 42.41
N SER E 53 15.82 -8.52 42.74
CA SER E 53 15.22 -9.83 42.94
C SER E 53 14.51 -10.30 41.66
N GLY E 54 15.15 -10.03 40.51
CA GLY E 54 14.75 -10.55 39.22
C GLY E 54 13.60 -9.76 38.58
N VAL E 55 13.26 -8.59 39.13
CA VAL E 55 12.15 -7.76 38.63
C VAL E 55 12.63 -6.37 38.22
N THR E 56 12.30 -5.90 37.01
CA THR E 56 12.96 -4.66 36.57
C THR E 56 12.37 -3.44 37.26
N ILE E 57 13.26 -2.58 37.75
CA ILE E 57 12.89 -1.36 38.44
C ILE E 57 13.58 -0.13 37.86
N GLY E 58 14.43 -0.36 36.88
CA GLY E 58 15.14 0.72 36.24
C GLY E 58 15.92 0.29 35.01
N ARG E 59 16.82 1.16 34.58
CA ARG E 59 17.63 0.93 33.38
C ARG E 59 18.92 1.77 33.35
N VAL E 60 19.82 1.49 32.41
CA VAL E 60 21.04 2.27 32.29
C VAL E 60 20.83 3.61 31.56
N ASP E 61 21.28 4.70 32.18
CA ASP E 61 21.05 6.05 31.62
C ASP E 61 22.10 6.34 30.57
N SER E 62 23.35 6.30 31.03
CA SER E 62 24.52 6.64 30.21
C SER E 62 25.78 5.97 30.78
N ILE E 63 26.74 5.65 29.92
CA ILE E 63 28.02 5.11 30.39
C ILE E 63 29.21 5.97 29.92
N THR E 64 29.96 6.50 30.89
CA THR E 64 31.09 7.40 30.68
C THR E 64 32.36 6.80 31.26
N LEU E 65 33.53 7.26 30.79
CA LEU E 65 34.83 6.87 31.33
C LEU E 65 35.61 8.01 31.95
N ASP E 66 36.37 7.69 33.00
CA ASP E 66 37.24 8.64 33.67
C ASP E 66 38.40 8.97 32.74
N PRO E 67 38.69 10.27 32.49
CA PRO E 67 39.80 10.79 31.70
C PRO E 67 41.16 10.22 32.06
N VAL E 68 41.42 9.98 33.35
CA VAL E 68 42.78 9.65 33.72
C VAL E 68 42.92 8.15 33.89
N THR E 69 42.07 7.58 34.74
CA THR E 69 42.19 6.22 35.23
C THR E 69 41.42 5.22 34.35
N ARG E 70 40.46 5.73 33.59
CA ARG E 70 39.62 4.99 32.63
C ARG E 70 38.81 3.89 33.31
N LEU E 71 38.12 4.27 34.38
CA LEU E 71 37.18 3.38 35.06
C LEU E 71 35.76 3.64 34.55
N ALA E 72 34.83 2.66 34.59
CA ALA E 72 33.47 2.80 34.09
C ALA E 72 32.48 3.36 35.09
N THR E 73 32.15 4.62 34.86
CA THR E 73 31.24 5.43 35.65
C THR E 73 29.87 5.37 34.99
N VAL E 74 28.98 4.59 35.57
CA VAL E 74 27.71 4.37 34.93
C VAL E 74 26.63 5.14 35.67
N THR E 75 25.88 5.95 34.95
CA THR E 75 24.76 6.65 35.54
C THR E 75 23.54 5.78 35.27
N PHE E 76 22.70 5.55 36.28
CA PHE E 76 21.49 4.72 36.14
C PHE E 76 20.19 5.52 36.19
N ASP E 77 19.12 5.05 35.50
CA ASP E 77 17.76 5.63 35.62
C ASP E 77 16.95 4.82 36.64
N LEU E 78 16.86 5.33 37.87
CA LEU E 78 16.06 4.69 38.94
C LEU E 78 14.61 5.15 38.95
N ASP E 79 13.64 4.25 38.73
CA ASP E 79 12.25 4.75 38.77
C ASP E 79 11.92 5.19 40.18
N GLY E 80 11.53 6.46 40.35
CA GLY E 80 11.16 6.99 41.66
C GLY E 80 9.68 7.11 41.96
N LYS E 81 8.81 7.25 40.96
CA LYS E 81 7.39 7.19 41.30
C LYS E 81 7.00 5.75 41.68
N LEU E 82 7.77 4.71 41.26
CA LEU E 82 7.48 3.30 41.74
C LEU E 82 8.03 2.83 43.17
N THR E 83 8.78 3.68 43.93
CA THR E 83 9.28 3.46 45.37
C THR E 83 8.21 3.71 46.54
N SER E 84 8.43 3.18 47.77
CA SER E 84 7.51 3.15 48.97
C SER E 84 8.10 3.28 50.46
N PHE E 85 7.54 4.21 51.30
CA PHE E 85 7.83 4.43 52.80
C PHE E 85 6.52 4.90 53.52
N ASN E 86 5.53 4.10 53.97
CA ASN E 86 4.45 4.97 54.43
C ASN E 86 4.59 5.27 55.91
N ALA E 87 3.56 5.85 56.51
CA ALA E 87 3.64 6.18 57.93
C ALA E 87 3.63 4.94 58.82
N GLU E 88 3.11 3.82 58.33
CA GLU E 88 3.22 2.61 59.13
C GLU E 88 4.65 2.07 59.06
N GLN E 89 5.32 2.31 57.94
CA GLN E 89 6.71 1.90 57.77
C GLN E 89 7.59 2.76 58.67
N LEU E 90 7.19 4.02 58.87
CA LEU E 90 7.90 4.93 59.75
C LEU E 90 7.85 4.38 61.18
N LYS E 91 6.70 3.83 61.57
CA LYS E 91 6.56 3.22 62.89
C LYS E 91 7.40 1.95 62.97
N GLU E 92 7.53 1.22 61.85
CA GLU E 92 8.30 -0.02 61.86
C GLU E 92 9.79 0.26 61.99
N VAL E 93 10.30 1.30 61.33
CA VAL E 93 11.72 1.58 61.42
C VAL E 93 12.04 2.42 62.64
N GLN E 94 11.02 2.99 63.28
CA GLN E 94 11.24 3.49 64.62
C GLN E 94 11.47 2.38 65.62
N LYS E 95 10.86 1.22 65.44
CA LYS E 95 11.18 0.11 66.31
C LYS E 95 12.54 -0.45 65.97
N ASN E 96 12.96 -0.33 64.71
CA ASN E 96 14.29 -0.77 64.36
C ASN E 96 15.33 0.20 64.90
N ALA E 97 14.95 1.47 65.07
CA ALA E 97 15.82 2.43 65.70
C ALA E 97 16.03 2.07 67.15
N LEU E 98 15.00 1.58 67.83
CA LEU E 98 15.16 1.14 69.19
C LEU E 98 15.96 -0.13 69.26
N ASP E 99 15.85 -1.00 68.26
CA ASP E 99 16.68 -2.19 68.28
C ASP E 99 18.15 -1.83 68.06
N GLU E 100 18.45 -0.81 67.24
CA GLU E 100 19.85 -0.43 67.12
C GLU E 100 20.33 0.30 68.38
N LEU E 101 19.44 1.06 69.01
CA LEU E 101 19.76 1.81 70.21
C LEU E 101 20.03 0.86 71.39
N ARG E 102 19.22 -0.19 71.53
CA ARG E 102 19.25 -1.05 72.71
C ARG E 102 20.16 -2.27 72.58
N TYR E 103 20.40 -2.74 71.35
CA TYR E 103 21.14 -3.99 71.19
C TYR E 103 22.44 -3.86 70.38
N SER E 104 22.41 -3.14 69.26
CA SER E 104 23.58 -3.01 68.40
C SER E 104 24.76 -2.26 69.01
N SER E 105 25.97 -2.70 68.64
CA SER E 105 27.21 -2.19 69.23
C SER E 105 27.51 -0.74 68.85
N ASP E 106 26.83 -0.22 67.81
CA ASP E 106 27.06 1.15 67.35
C ASP E 106 26.57 2.17 68.39
N TYR E 107 25.48 1.84 69.07
CA TYR E 107 24.80 2.77 69.96
C TYR E 107 24.78 2.25 71.39
N THR E 108 25.45 1.14 71.67
CA THR E 108 25.48 0.67 73.06
C THR E 108 26.88 0.79 73.66
N GLN E 109 27.59 1.87 73.32
CA GLN E 109 28.87 2.20 73.92
C GLN E 109 28.66 2.95 75.26
N ALA E 110 27.58 3.74 75.33
CA ALA E 110 27.22 4.51 76.53
C ALA E 110 26.35 3.73 77.51
N THR E 111 26.20 4.28 78.71
CA THR E 111 25.36 3.67 79.73
C THR E 111 23.91 3.87 79.26
N PRO E 112 23.00 2.89 79.32
CA PRO E 112 21.63 3.04 78.81
C PRO E 112 20.93 4.31 79.34
N ALA E 113 21.24 4.69 80.58
CA ALA E 113 20.69 5.93 81.17
C ALA E 113 21.15 7.17 80.39
N GLN E 114 22.40 7.13 79.93
CA GLN E 114 23.05 8.21 79.22
C GLN E 114 22.58 8.21 77.78
N GLN E 115 22.22 7.04 77.26
CA GLN E 115 21.87 6.93 75.84
C GLN E 115 20.64 7.77 75.53
N LYS E 116 19.74 7.86 76.50
CA LYS E 116 18.51 8.63 76.38
C LYS E 116 18.74 10.13 76.20
N THR E 117 19.89 10.66 76.62
CA THR E 117 20.12 12.09 76.52
C THR E 117 21.20 12.40 75.48
N MET E 118 21.65 11.39 74.73
CA MET E 118 22.63 11.67 73.69
C MET E 118 21.98 12.42 72.52
N GLU E 119 22.49 13.61 72.17
CA GLU E 119 21.92 14.35 71.07
C GLU E 119 22.53 13.86 69.76
N GLN E 120 23.76 13.36 69.85
CA GLN E 120 24.51 12.94 68.67
C GLN E 120 23.87 11.67 68.15
N GLN E 121 23.53 10.78 69.08
CA GLN E 121 22.95 9.49 68.73
C GLN E 121 21.47 9.61 68.39
N LEU E 122 20.78 10.63 68.95
CA LEU E 122 19.36 10.76 68.63
C LEU E 122 19.20 11.26 67.20
N ILE E 123 20.03 12.23 66.82
CA ILE E 123 20.02 12.77 65.46
C ILE E 123 20.43 11.70 64.45
N SER E 124 21.40 10.89 64.84
CA SER E 124 21.88 9.80 64.01
C SER E 124 20.77 8.78 63.81
N ASN E 125 19.99 8.51 64.87
CA ASN E 125 18.92 7.53 64.74
C ASN E 125 17.82 8.10 63.86
N MET E 126 17.53 9.40 63.99
CA MET E 126 16.48 10.00 63.18
C MET E 126 16.85 10.11 61.71
N ASN E 127 18.13 10.31 61.41
CA ASN E 127 18.56 10.46 60.03
C ASN E 127 19.12 9.16 59.42
N SER E 128 18.91 8.01 60.08
CA SER E 128 19.31 6.71 59.55
C SER E 128 18.13 5.76 59.32
N ILE E 129 16.90 6.23 59.53
CA ILE E 129 15.73 5.38 59.30
C ILE E 129 14.65 5.82 58.28
N THR E 130 14.63 7.11 57.93
CA THR E 130 13.76 7.68 56.88
C THR E 130 13.95 7.27 55.40
N SER E 131 12.83 6.92 54.74
CA SER E 131 12.81 6.66 53.30
C SER E 131 13.22 5.20 52.98
N ILE E 132 13.37 4.87 51.68
CA ILE E 132 13.79 3.52 51.25
C ILE E 132 15.25 3.57 51.63
N ASP E 133 15.88 2.41 51.76
CA ASP E 133 17.25 2.50 52.26
C ASP E 133 18.25 2.95 51.19
N GLU E 134 19.35 3.58 51.62
CA GLU E 134 20.35 4.08 50.67
C GLU E 134 21.38 3.05 50.21
N ASP E 135 22.02 2.35 51.14
CA ASP E 135 23.20 1.57 50.83
C ASP E 135 22.77 0.23 50.22
N ALA E 136 22.79 0.14 48.88
CA ALA E 136 22.49 -1.09 48.15
C ALA E 136 23.74 -1.77 47.56
N TYR E 137 23.70 -3.11 47.56
CA TYR E 137 24.79 -3.90 46.96
C TYR E 137 24.48 -4.59 45.61
N ILE E 138 25.39 -4.49 44.64
CA ILE E 138 25.15 -4.99 43.27
C ILE E 138 26.09 -6.06 42.66
N MET E 139 25.45 -6.89 41.80
CA MET E 139 26.06 -8.06 41.12
C MET E 139 25.71 -8.08 39.62
N VAL E 140 26.74 -8.36 38.78
CA VAL E 140 26.62 -8.43 37.31
C VAL E 140 26.45 -9.86 36.78
N ALA E 141 25.35 -10.10 36.04
CA ALA E 141 24.97 -11.42 35.50
C ALA E 141 23.97 -11.15 34.37
N THR E 142 23.61 -12.14 33.53
CA THR E 142 22.74 -11.83 32.38
C THR E 142 21.26 -11.97 32.79
N ASN E 143 20.31 -11.51 31.95
CA ASN E 143 18.89 -11.82 32.16
C ASN E 143 18.55 -13.21 31.60
N GLY E 144 18.62 -13.34 30.28
CA GLY E 144 18.46 -14.60 29.57
C GLY E 144 19.80 -15.10 29.07
N LEU E 145 19.80 -15.89 28.01
CA LEU E 145 21.06 -16.38 27.44
C LEU E 145 21.50 -15.66 26.16
N LEU E 146 22.34 -14.63 26.29
CA LEU E 146 22.76 -13.79 25.18
C LEU E 146 23.71 -12.79 25.76
N GLY E 147 23.22 -12.04 26.72
CA GLY E 147 24.02 -10.99 27.28
C GLY E 147 22.99 -10.09 27.92
N GLU E 148 23.12 -8.78 27.72
CA GLU E 148 22.17 -7.80 28.24
C GLU E 148 22.15 -7.91 29.76
N LYS E 149 23.33 -7.64 30.30
CA LYS E 149 23.63 -7.79 31.72
C LYS E 149 22.56 -7.07 32.54
N TYR E 150 21.92 -7.83 33.41
CA TYR E 150 20.80 -7.46 34.26
C TYR E 150 21.32 -7.19 35.67
N LEU E 151 21.49 -5.93 36.03
CA LEU E 151 22.25 -5.61 37.24
C LEU E 151 21.42 -5.93 38.48
N LYS E 152 21.84 -6.91 39.29
CA LYS E 152 21.07 -7.22 40.49
C LYS E 152 21.30 -6.25 41.65
N ILE E 153 20.21 -6.05 42.42
CA ILE E 153 20.25 -5.21 43.61
C ILE E 153 19.73 -5.93 44.87
N VAL E 154 20.55 -5.85 45.90
CA VAL E 154 20.21 -6.36 47.21
C VAL E 154 20.38 -5.21 48.17
N PRO E 155 19.27 -4.57 48.49
CA PRO E 155 19.30 -3.45 49.41
C PRO E 155 19.85 -3.86 50.77
N GLY E 156 20.74 -3.01 51.30
CA GLY E 156 21.29 -3.13 52.64
C GLY E 156 20.65 -2.11 53.58
N GLY E 157 21.51 -1.46 54.37
CA GLY E 157 21.07 -0.44 55.30
C GLY E 157 21.84 0.89 55.23
N GLY E 158 21.22 1.95 54.71
CA GLY E 158 21.91 3.23 54.63
C GLY E 158 21.26 4.33 55.45
N LEU E 159 21.39 5.56 54.97
CA LEU E 159 20.93 6.75 55.73
C LEU E 159 19.62 7.40 55.07
N ASN E 160 19.75 7.93 53.82
CA ASN E 160 18.74 8.78 53.11
C ASN E 160 18.01 8.06 51.96
N TYR E 161 17.15 8.82 51.28
CA TYR E 161 16.47 8.32 50.08
C TYR E 161 17.53 8.12 49.00
N LEU E 162 17.50 6.99 48.31
CA LEU E 162 18.50 6.69 47.30
C LEU E 162 18.27 7.50 46.03
N LYS E 163 19.19 8.43 45.81
CA LYS E 163 19.11 9.37 44.69
C LYS E 163 20.46 9.99 44.34
N ARG E 164 20.47 11.15 43.70
CA ARG E 164 21.76 11.63 43.24
C ARG E 164 22.56 12.08 44.46
N GLY E 165 23.84 11.73 44.51
CA GLY E 165 24.67 12.06 45.68
C GLY E 165 24.98 10.84 46.57
N ASP E 166 24.44 9.68 46.22
CA ASP E 166 24.59 8.46 46.99
C ASP E 166 25.41 7.43 46.26
N THR E 167 26.11 6.55 47.01
CA THR E 167 27.00 5.59 46.38
C THR E 167 26.57 4.12 46.52
N ILE E 168 26.54 3.44 45.37
CA ILE E 168 26.14 2.05 45.25
C ILE E 168 27.44 1.24 45.41
N SER E 169 27.41 0.18 46.21
CA SER E 169 28.62 -0.57 46.50
C SER E 169 28.81 -1.74 45.53
N ASN E 170 29.92 -1.78 44.80
CA ASN E 170 30.12 -2.89 43.86
C ASN E 170 30.64 -4.17 44.51
N THR E 171 29.79 -5.21 44.47
CA THR E 171 30.07 -6.52 45.06
C THR E 171 30.68 -7.43 44.00
N GLN E 172 29.99 -7.51 42.86
CA GLN E 172 30.45 -8.34 41.75
C GLN E 172 30.36 -7.72 40.35
N GLY E 173 31.24 -6.75 40.01
CA GLY E 173 31.39 -6.28 38.61
C GLY E 173 32.82 -6.08 38.11
N THR E 174 33.75 -6.88 38.57
CA THR E 174 35.16 -6.71 38.24
C THR E 174 35.77 -8.01 37.69
N MET E 175 35.92 -9.01 38.55
CA MET E 175 36.59 -10.25 38.16
C MET E 175 35.71 -11.21 37.38
N ASP E 176 35.81 -11.10 36.07
CA ASP E 176 35.14 -11.99 35.12
C ASP E 176 36.05 -13.17 34.90
N LEU E 177 35.62 -14.38 35.23
CA LEU E 177 36.59 -15.48 35.04
C LEU E 177 36.53 -16.05 33.63
N GLU E 178 35.47 -15.75 32.88
CA GLU E 178 35.32 -16.32 31.56
C GLU E 178 36.32 -15.72 30.56
N ASP E 179 36.71 -14.47 30.74
CA ASP E 179 37.67 -13.82 29.85
C ASP E 179 39.07 -14.40 30.05
N LEU E 180 39.36 -14.85 31.28
CA LEU E 180 40.69 -15.38 31.60
C LEU E 180 40.83 -16.74 30.92
N ILE E 181 39.71 -17.49 30.93
CA ILE E 181 39.60 -18.79 30.32
C ILE E 181 39.75 -18.70 28.78
N SER E 182 39.03 -17.75 28.15
CA SER E 182 39.03 -17.52 26.71
C SER E 182 40.32 -16.97 26.06
N LYS E 183 41.21 -16.33 26.82
CA LYS E 183 42.50 -15.92 26.23
C LYS E 183 43.46 -17.10 26.10
N ALA F 1 -0.31 29.48 4.24
CA ALA F 1 -1.11 28.56 3.45
C ALA F 1 -0.87 27.11 3.84
N VAL F 2 -0.42 26.92 5.08
CA VAL F 2 -0.12 25.58 5.59
C VAL F 2 -0.81 25.33 6.92
N GLY F 3 -0.61 24.15 7.49
CA GLY F 3 -1.22 23.78 8.75
C GLY F 3 -0.30 24.03 9.92
N ILE F 4 -0.61 23.39 11.05
CA ILE F 4 0.11 23.66 12.30
C ILE F 4 0.88 22.43 12.76
N PHE F 5 0.26 21.26 12.66
CA PHE F 5 0.80 20.04 13.25
C PHE F 5 1.90 19.47 12.35
N VAL F 6 2.03 20.00 11.12
CA VAL F 6 3.10 19.55 10.21
C VAL F 6 4.47 20.02 10.74
N ILE F 7 4.27 21.00 11.01
CA ILE F 7 5.53 21.50 11.54
C ILE F 7 5.90 20.89 12.91
N ILE F 8 4.90 20.77 13.78
CA ILE F 8 5.12 20.25 15.14
C ILE F 8 5.69 18.84 15.08
N PHE F 9 5.18 18.01 14.16
CA PHE F 9 5.66 16.65 14.06
C PHE F 9 7.07 16.60 13.49
N GLY F 10 7.40 17.54 12.61
CA GLY F 10 8.76 17.65 12.11
C GLY F 10 9.77 18.04 13.22
N ILE F 11 9.33 18.87 14.19
CA ILE F 11 10.21 19.22 15.31
C ILE F 11 10.49 17.97 16.21
N ALA F 12 9.48 17.12 16.41
CA ALA F 12 9.62 15.86 17.15
C ALA F 12 10.63 14.90 16.47
N LEU F 13 10.61 14.88 15.15
CA LEU F 13 11.56 14.08 14.38
C LEU F 13 13.01 14.57 14.48
N PHE F 14 13.21 15.87 14.58
CA PHE F 14 14.54 16.47 14.82
C PHE F 14 15.15 15.96 16.13
N PHE F 15 14.34 15.97 17.19
CA PHE F 15 14.79 15.46 18.50
C PHE F 15 15.18 13.96 18.47
N LEU F 16 14.45 13.16 17.72
CA LEU F 16 14.92 11.78 17.45
C LEU F 16 16.21 11.74 16.62
N ALA F 17 16.67 12.63 15.61
CA ALA F 17 17.95 12.51 14.92
C ALA F 17 19.07 13.10 15.76
N MET F 18 18.70 13.93 16.73
CA MET F 18 19.67 14.67 17.52
C MET F 18 20.43 13.67 18.36
N LYS F 19 19.71 12.68 18.90
CA LYS F 19 20.26 11.73 19.85
C LYS F 19 21.23 10.74 19.22
N VAL F 20 21.01 10.43 17.95
CA VAL F 20 21.79 9.39 17.28
C VAL F 20 22.96 10.05 16.54
N SER F 21 22.68 11.14 15.87
CA SER F 21 23.68 11.74 15.02
C SER F 21 24.56 12.66 15.84
N GLY F 22 24.10 12.99 17.04
CA GLY F 22 24.91 13.81 17.93
C GLY F 22 25.90 12.92 18.65
N LEU F 23 25.53 11.65 18.77
CA LEU F 23 26.34 10.68 19.48
C LEU F 23 27.48 10.16 18.62
N VAL F 24 27.01 9.71 17.47
CA VAL F 24 27.79 9.04 16.42
C VAL F 24 28.38 10.07 15.40
N GLY F 25 29.66 10.45 15.51
CA GLY F 25 30.26 11.46 14.61
C GLY F 25 31.66 12.05 14.85
N THR F 26 32.07 13.02 13.99
CA THR F 26 33.40 13.72 13.95
C THR F 26 34.47 12.76 13.44
N ASN F 27 35.68 13.13 13.02
CA ASN F 27 36.39 11.87 13.15
C ASN F 27 37.81 12.06 13.67
N LEU F 28 38.39 13.25 13.46
CA LEU F 28 39.74 13.52 13.92
C LEU F 28 39.70 14.56 15.03
N SER F 29 38.50 15.09 15.31
CA SER F 29 38.34 16.05 16.39
C SER F 29 38.35 15.43 17.80
N ASP F 30 37.73 14.24 18.05
CA ASP F 30 37.72 13.59 19.35
C ASP F 30 38.63 12.38 19.44
N GLY F 31 39.45 12.13 18.41
CA GLY F 31 40.39 11.01 18.45
C GLY F 31 41.71 11.33 17.75
N TYR F 32 42.39 10.29 17.25
CA TYR F 32 43.65 10.42 16.53
C TYR F 32 43.84 9.19 15.69
N THR F 33 44.64 9.27 14.63
CA THR F 33 44.73 8.09 13.75
C THR F 33 45.84 7.19 14.24
N MET F 34 45.46 5.96 14.55
CA MET F 34 46.42 4.99 15.06
C MET F 34 46.25 3.70 14.31
N LYS F 35 47.27 2.86 14.28
CA LYS F 35 47.13 1.62 13.54
C LYS F 35 47.30 0.41 14.45
N ALA F 36 46.89 -0.75 13.96
CA ALA F 36 47.16 -2.04 14.58
C ALA F 36 47.24 -3.17 13.54
N GLN F 37 48.17 -4.12 13.71
CA GLN F 37 48.21 -5.26 12.76
C GLN F 37 47.52 -6.48 13.36
N PHE F 38 46.70 -7.13 12.53
CA PHE F 38 45.87 -8.27 12.92
C PHE F 38 46.23 -9.48 12.04
N ASP F 39 46.25 -10.71 12.59
CA ASP F 39 46.48 -11.81 11.63
C ASP F 39 45.22 -12.57 11.20
N ASN F 40 44.22 -12.69 12.07
CA ASN F 40 42.95 -13.34 11.69
C ASN F 40 41.78 -12.80 12.50
N VAL F 41 41.03 -11.82 11.95
CA VAL F 41 39.75 -11.43 12.54
C VAL F 41 38.48 -11.64 11.72
N ASN F 42 37.54 -12.41 12.25
CA ASN F 42 36.41 -12.89 11.46
C ASN F 42 35.41 -11.73 11.34
N GLY F 43 35.20 -11.22 10.15
CA GLY F 43 34.09 -10.32 9.87
C GLY F 43 34.18 -8.87 10.38
N LEU F 44 35.37 -8.26 10.42
CA LEU F 44 35.48 -6.86 10.89
C LEU F 44 35.17 -5.90 9.74
N LYS F 45 34.11 -5.12 9.92
CA LYS F 45 33.57 -4.28 8.86
C LYS F 45 34.02 -2.85 9.09
N PRO F 46 33.99 -2.01 8.06
CA PRO F 46 34.34 -0.62 8.31
C PRO F 46 33.18 -0.04 9.11
N ARG F 47 33.46 0.88 10.03
CA ARG F 47 32.50 1.45 10.98
C ARG F 47 31.84 0.42 11.92
N ALA F 48 32.53 -0.68 12.24
CA ALA F 48 32.06 -1.63 13.26
C ALA F 48 32.49 -1.08 14.60
N LYS F 49 31.69 -1.21 15.66
CA LYS F 49 32.02 -0.65 16.97
C LYS F 49 33.14 -1.42 17.67
N VAL F 50 34.02 -0.64 18.28
CA VAL F 50 35.14 -1.08 19.10
C VAL F 50 34.86 -0.79 20.55
N THR F 51 35.04 -1.80 21.38
CA THR F 51 34.63 -1.73 22.76
C THR F 51 35.74 -1.87 23.79
N MET F 52 35.34 -1.88 25.05
CA MET F 52 36.25 -1.88 26.19
C MET F 52 35.50 -2.19 27.46
N SER F 53 35.66 -3.40 27.97
CA SER F 53 34.91 -3.80 29.17
C SER F 53 33.40 -3.65 28.92
N GLY F 54 32.97 -3.96 27.70
CA GLY F 54 31.58 -3.92 27.27
C GLY F 54 31.08 -2.50 26.99
N VAL F 55 32.01 -1.52 26.82
CA VAL F 55 31.65 -0.12 26.61
C VAL F 55 32.16 0.39 25.26
N THR F 56 31.28 0.82 24.36
CA THR F 56 31.80 1.32 23.08
C THR F 56 32.64 2.58 23.27
N ILE F 57 33.86 2.53 22.77
CA ILE F 57 34.82 3.62 22.90
C ILE F 57 35.18 4.23 21.55
N GLY F 58 34.89 3.48 20.49
CA GLY F 58 35.14 3.99 19.16
C GLY F 58 34.59 3.06 18.08
N ARG F 59 35.12 3.22 16.87
CA ARG F 59 34.75 2.41 15.70
C ARG F 59 35.89 2.22 14.71
N VAL F 60 35.72 1.30 13.77
CA VAL F 60 36.69 1.15 12.68
C VAL F 60 36.60 2.28 11.64
N ASP F 61 37.70 3.01 11.43
CA ASP F 61 37.72 4.11 10.45
C ASP F 61 37.76 3.54 9.05
N SER F 62 38.69 2.61 8.86
CA SER F 62 38.85 1.88 7.61
C SER F 62 39.63 0.58 7.85
N ILE F 63 39.48 -0.38 6.95
CA ILE F 63 40.23 -1.64 7.06
C ILE F 63 40.80 -2.10 5.70
N THR F 64 42.12 -2.32 5.67
CA THR F 64 42.85 -2.77 4.49
C THR F 64 43.74 -3.97 4.85
N LEU F 65 44.28 -4.65 3.83
CA LEU F 65 45.22 -5.77 4.02
C LEU F 65 46.51 -5.62 3.23
N ASP F 66 47.57 -6.25 3.73
CA ASP F 66 48.86 -6.30 3.06
C ASP F 66 49.34 -7.76 3.06
N PRO F 67 49.08 -8.54 1.99
CA PRO F 67 49.49 -9.93 1.79
C PRO F 67 50.98 -10.14 1.65
N VAL F 68 51.75 -9.06 1.52
CA VAL F 68 53.19 -9.26 1.42
C VAL F 68 53.75 -9.72 2.75
N THR F 69 53.28 -9.06 3.82
CA THR F 69 53.59 -9.46 5.19
C THR F 69 52.47 -10.30 5.82
N ARG F 70 51.31 -10.32 5.15
CA ARG F 70 50.12 -11.09 5.50
C ARG F 70 49.52 -10.66 6.84
N LEU F 71 49.35 -9.35 6.99
CA LEU F 71 48.72 -8.78 8.18
C LEU F 71 47.69 -7.71 7.75
N ALA F 72 46.59 -7.50 8.48
CA ALA F 72 45.62 -6.45 8.20
C ALA F 72 45.77 -5.19 9.05
N THR F 73 45.70 -4.07 8.36
CA THR F 73 45.93 -2.73 8.86
C THR F 73 44.59 -2.08 9.13
N VAL F 74 44.33 -1.79 10.37
CA VAL F 74 43.08 -1.16 10.72
C VAL F 74 43.34 0.22 11.29
N THR F 75 42.66 1.22 10.76
CA THR F 75 42.76 2.56 11.31
C THR F 75 41.50 2.75 12.16
N PHE F 76 41.57 3.59 13.20
CA PHE F 76 40.51 3.70 14.20
C PHE F 76 39.91 5.11 14.33
N ASP F 77 38.64 5.22 14.74
CA ASP F 77 37.97 6.52 14.97
C ASP F 77 37.31 6.53 16.35
N LEU F 78 37.94 7.19 17.32
CA LEU F 78 37.41 7.25 18.70
C LEU F 78 36.17 8.12 18.84
N ASP F 79 35.26 7.82 19.76
CA ASP F 79 34.02 8.61 19.78
C ASP F 79 34.21 9.82 20.69
N GLY F 80 33.15 10.61 20.87
CA GLY F 80 33.24 11.86 21.64
C GLY F 80 32.87 11.77 23.11
N LYS F 81 32.90 10.59 23.73
CA LYS F 81 32.67 10.59 25.18
C LYS F 81 33.93 11.15 25.90
N LEU F 82 35.11 10.74 25.42
CA LEU F 82 36.34 11.39 25.78
C LEU F 82 37.04 11.86 24.52
N THR F 83 37.25 13.17 24.56
CA THR F 83 38.14 13.86 23.67
C THR F 83 39.61 13.55 24.08
N SER F 84 39.88 13.54 25.40
CA SER F 84 41.07 12.96 26.13
C SER F 84 41.18 13.60 27.54
N PHE F 85 41.50 14.90 27.55
CA PHE F 85 41.69 15.69 28.77
C PHE F 85 41.18 17.14 28.71
N ASN F 86 40.83 17.66 29.88
CA ASN F 86 40.61 19.09 30.14
C ASN F 86 41.92 19.81 30.33
N ALA F 87 41.88 21.12 30.52
CA ALA F 87 43.11 21.87 30.68
C ALA F 87 43.84 21.51 31.97
N GLU F 88 43.13 21.28 33.07
CA GLU F 88 43.83 21.00 34.31
C GLU F 88 44.12 19.51 34.40
N GLN F 89 43.35 18.70 33.68
CA GLN F 89 43.52 17.26 33.72
C GLN F 89 44.74 16.88 32.88
N LEU F 90 44.98 17.66 31.83
CA LEU F 90 46.18 17.47 31.00
C LEU F 90 47.42 17.85 31.81
N LYS F 91 47.32 18.94 32.59
CA LYS F 91 48.41 19.36 33.45
C LYS F 91 48.63 18.34 34.56
N GLU F 92 47.55 17.69 35.02
CA GLU F 92 47.68 16.73 36.12
C GLU F 92 48.46 15.50 35.68
N VAL F 93 48.24 15.03 34.45
CA VAL F 93 48.94 13.83 34.01
C VAL F 93 50.29 14.19 33.42
N GLN F 94 50.50 15.47 33.10
CA GLN F 94 51.86 15.89 32.84
C GLN F 94 52.69 15.93 34.11
N LYS F 95 52.09 16.29 35.25
CA LYS F 95 52.86 16.29 36.48
C LYS F 95 53.10 14.87 36.95
N ASN F 96 52.16 13.97 36.66
CA ASN F 96 52.37 12.59 37.04
C ASN F 96 53.43 11.96 36.14
N ALA F 97 53.45 12.36 34.86
CA ALA F 97 54.48 11.88 33.96
C ALA F 97 55.81 12.48 34.32
N LEU F 98 55.82 13.71 34.81
CA LEU F 98 57.06 14.31 35.24
C LEU F 98 57.61 13.60 36.44
N ASP F 99 56.76 13.16 37.37
CA ASP F 99 57.29 12.41 38.49
C ASP F 99 57.84 11.06 38.02
N GLU F 100 57.26 10.45 36.97
CA GLU F 100 57.85 9.21 36.50
C GLU F 100 59.21 9.46 35.83
N LEU F 101 59.33 10.58 35.14
CA LEU F 101 60.57 10.98 34.51
C LEU F 101 61.65 11.30 35.55
N ARG F 102 61.26 11.98 36.64
CA ARG F 102 62.19 12.31 37.73
C ARG F 102 62.60 11.13 38.60
N TYR F 103 61.71 10.16 38.79
CA TYR F 103 62.08 8.99 39.60
C TYR F 103 62.91 7.94 38.84
N SER F 104 62.76 7.87 37.51
CA SER F 104 63.55 6.93 36.72
C SER F 104 65.06 7.11 36.79
N SER F 105 65.77 5.98 36.88
CA SER F 105 67.22 5.96 37.08
C SER F 105 68.00 6.44 35.85
N ASP F 106 67.34 6.50 34.68
CA ASP F 106 67.98 6.98 33.47
C ASP F 106 68.22 8.49 33.52
N TYR F 107 67.34 9.21 34.23
CA TYR F 107 67.35 10.66 34.26
C TYR F 107 68.00 11.18 35.53
N THR F 108 68.22 10.32 36.53
CA THR F 108 68.92 10.80 37.71
C THR F 108 70.44 10.79 37.52
N GLN F 109 70.91 10.00 36.55
CA GLN F 109 72.33 9.92 36.20
C GLN F 109 72.63 10.75 34.94
N ALA F 110 71.62 11.47 34.43
CA ALA F 110 71.72 12.27 33.22
C ALA F 110 72.48 13.58 33.43
N THR F 111 72.87 14.21 32.32
CA THR F 111 73.56 15.49 32.36
C THR F 111 72.53 16.51 32.85
N PRO F 112 72.82 17.44 33.78
CA PRO F 112 71.85 18.40 34.30
C PRO F 112 71.09 19.13 33.18
N ALA F 113 71.74 19.37 32.04
CA ALA F 113 71.10 20.00 30.88
C ALA F 113 69.95 19.13 30.35
N GLN F 114 70.16 17.82 30.38
CA GLN F 114 69.22 16.83 29.89
C GLN F 114 68.10 16.65 30.92
N GLN F 115 68.41 16.90 32.19
CA GLN F 115 67.40 16.81 33.24
C GLN F 115 66.40 17.94 33.10
N LYS F 116 66.87 19.08 32.61
CA LYS F 116 66.01 20.23 32.31
C LYS F 116 65.13 20.04 31.08
N THR F 117 65.34 18.98 30.29
CA THR F 117 64.50 18.74 29.14
C THR F 117 63.47 17.64 29.43
N MET F 118 63.30 17.27 30.71
CA MET F 118 62.22 16.36 31.04
C MET F 118 60.85 17.06 30.89
N GLU F 119 60.80 18.38 31.10
CA GLU F 119 59.54 19.09 30.94
C GLU F 119 59.39 19.49 29.48
N GLN F 120 60.50 19.52 28.75
CA GLN F 120 60.51 19.90 27.36
C GLN F 120 59.83 18.80 26.58
N GLN F 121 60.06 17.55 27.03
CA GLN F 121 59.39 16.40 26.47
C GLN F 121 57.87 16.52 26.64
N LEU F 122 57.40 17.09 27.76
CA LEU F 122 55.96 17.14 27.97
C LEU F 122 55.35 18.27 27.12
N ILE F 123 56.13 19.32 26.92
CA ILE F 123 55.72 20.44 26.08
C ILE F 123 55.63 20.01 24.62
N SER F 124 56.63 19.25 24.17
CA SER F 124 56.72 18.81 22.79
C SER F 124 55.70 17.72 22.53
N ASN F 125 55.28 17.01 23.58
CA ASN F 125 54.28 15.96 23.42
C ASN F 125 52.97 16.41 24.04
N MET F 126 52.69 17.71 24.03
CA MET F 126 51.45 18.19 24.62
C MET F 126 50.22 17.71 23.87
N ASN F 127 50.29 17.62 22.55
CA ASN F 127 49.18 17.09 21.77
C ASN F 127 49.32 15.59 21.44
N SER F 128 50.35 14.93 21.98
CA SER F 128 50.57 13.50 21.74
C SER F 128 50.14 12.62 22.94
N ILE F 129 49.93 13.24 24.09
CA ILE F 129 49.38 12.58 25.25
C ILE F 129 47.99 12.01 25.00
N THR F 130 47.17 12.76 24.26
CA THR F 130 45.92 12.23 23.74
C THR F 130 46.11 10.84 23.11
N SER F 131 45.76 9.79 23.86
CA SER F 131 44.98 9.89 25.09
C SER F 131 45.22 8.70 26.04
N ILE F 132 45.17 7.48 25.52
CA ILE F 132 45.30 6.29 26.36
C ILE F 132 46.77 5.92 26.49
N ASP F 133 47.09 5.00 27.40
CA ASP F 133 48.50 4.66 27.61
C ASP F 133 49.11 3.91 26.44
N GLU F 134 50.45 3.94 26.35
CA GLU F 134 51.13 3.32 25.21
C GLU F 134 50.82 1.85 24.95
N ASP F 135 50.87 1.03 26.00
CA ASP F 135 50.66 -0.40 25.86
C ASP F 135 49.16 -0.70 25.99
N ALA F 136 48.51 -1.05 24.87
CA ALA F 136 47.11 -1.47 24.84
C ALA F 136 46.90 -2.93 24.40
N TYR F 137 45.89 -3.58 25.00
CA TYR F 137 45.67 -5.01 24.78
C TYR F 137 44.66 -5.36 23.65
N ILE F 138 45.10 -6.09 22.63
CA ILE F 138 44.21 -6.63 21.58
C ILE F 138 43.65 -8.07 21.68
N MET F 139 42.31 -8.13 21.53
CA MET F 139 41.51 -9.37 21.40
C MET F 139 40.17 -9.12 20.69
N VAL F 140 39.53 -10.22 20.25
CA VAL F 140 38.16 -10.21 19.69
C VAL F 140 37.12 -10.87 20.62
N ALA F 141 36.14 -10.07 21.06
CA ALA F 141 35.13 -10.46 22.06
C ALA F 141 33.82 -10.74 21.28
N THR F 142 32.68 -11.01 21.94
CA THR F 142 31.44 -11.22 21.17
C THR F 142 30.33 -10.30 21.71
N ASN F 143 29.36 -9.89 20.84
CA ASN F 143 28.16 -9.21 21.35
C ASN F 143 27.02 -10.22 21.58
N GLY F 144 27.09 -11.35 20.88
CA GLY F 144 26.17 -12.47 21.03
C GLY F 144 26.83 -13.58 21.83
N LEU F 145 26.73 -14.81 21.33
CA LEU F 145 27.28 -15.96 22.05
C LEU F 145 28.48 -16.63 21.38
N LEU F 146 28.95 -16.06 20.26
CA LEU F 146 29.96 -16.70 19.42
C LEU F 146 30.17 -15.77 18.26
N GLY F 147 29.07 -15.44 17.61
CA GLY F 147 29.17 -14.66 16.40
C GLY F 147 29.01 -13.25 16.92
N GLU F 148 28.83 -12.29 16.01
CA GLU F 148 28.78 -10.87 16.34
C GLU F 148 30.10 -10.47 16.98
N LYS F 149 31.14 -10.79 16.21
CA LYS F 149 32.52 -10.51 16.58
C LYS F 149 32.69 -9.00 16.82
N TYR F 150 33.10 -8.69 18.03
CA TYR F 150 33.13 -7.37 18.66
C TYR F 150 34.57 -7.06 19.05
N LEU F 151 35.24 -6.21 18.31
CA LEU F 151 36.67 -5.99 18.54
C LEU F 151 36.88 -5.25 19.86
N LYS F 152 37.77 -5.76 20.73
CA LYS F 152 37.92 -5.12 22.04
C LYS F 152 39.36 -4.69 22.36
N ILE F 153 39.49 -3.39 22.69
CA ILE F 153 40.76 -2.82 23.09
C ILE F 153 40.72 -2.21 24.50
N VAL F 154 41.55 -2.78 25.36
CA VAL F 154 41.60 -2.43 26.76
C VAL F 154 43.02 -1.98 27.03
N PRO F 155 43.17 -0.67 27.19
CA PRO F 155 44.46 -0.11 27.54
C PRO F 155 45.00 -0.72 28.82
N GLY F 156 46.29 -1.05 28.79
CA GLY F 156 47.03 -1.56 29.94
C GLY F 156 47.88 -0.47 30.57
N GLY F 157 49.13 -0.81 30.87
CA GLY F 157 50.07 0.15 31.43
C GLY F 157 51.41 0.23 30.66
N GLY F 158 51.64 1.30 29.90
CA GLY F 158 52.90 1.41 29.16
C GLY F 158 53.92 2.32 29.79
N LEU F 159 54.83 2.84 28.97
CA LEU F 159 55.88 3.77 29.46
C LEU F 159 55.47 5.28 29.15
N ASN F 160 54.96 5.55 27.91
CA ASN F 160 54.43 6.88 27.44
C ASN F 160 52.92 6.80 27.20
N TYR F 161 52.44 7.61 26.25
CA TYR F 161 51.02 7.55 25.89
C TYR F 161 50.94 7.16 24.42
N LEU F 162 49.89 6.47 24.02
CA LEU F 162 49.69 6.08 22.63
C LEU F 162 49.26 7.27 21.77
N LYS F 163 50.12 7.59 20.82
CA LYS F 163 49.95 8.78 19.97
C LYS F 163 49.70 8.44 18.50
N ARG F 164 49.54 9.45 17.66
CA ARG F 164 49.12 9.10 16.30
C ARG F 164 50.34 8.52 15.57
N GLY F 165 50.12 7.53 14.73
CA GLY F 165 51.21 6.93 13.95
C GLY F 165 51.76 5.63 14.54
N ASP F 166 51.44 5.36 15.82
CA ASP F 166 51.94 4.20 16.55
C ASP F 166 51.21 2.95 16.11
N THR F 167 51.89 1.79 16.24
CA THR F 167 51.19 0.50 16.09
C THR F 167 51.01 -0.29 17.39
N ILE F 168 49.75 -0.62 17.65
CA ILE F 168 49.30 -1.25 18.89
C ILE F 168 49.83 -2.69 18.83
N SER F 169 50.51 -3.12 19.89
CA SER F 169 51.04 -4.49 19.93
C SER F 169 49.92 -5.53 19.95
N ASN F 170 49.94 -6.50 19.07
CA ASN F 170 48.87 -7.51 19.07
C ASN F 170 49.14 -8.69 19.99
N THR F 171 48.33 -8.80 21.05
CA THR F 171 48.44 -9.81 22.09
C THR F 171 47.73 -11.08 21.65
N GLN F 172 46.40 -11.00 21.64
CA GLN F 172 45.57 -12.18 21.41
C GLN F 172 44.70 -12.17 20.14
N GLY F 173 45.07 -11.39 19.11
CA GLY F 173 44.30 -11.36 17.83
C GLY F 173 44.88 -12.16 16.67
N THR F 174 45.63 -13.22 16.95
CA THR F 174 46.23 -14.04 15.91
C THR F 174 45.79 -15.51 16.05
N MET F 175 45.31 -15.88 17.23
CA MET F 175 45.06 -17.29 17.54
C MET F 175 43.70 -17.77 17.09
N ASP F 176 43.67 -18.35 15.92
CA ASP F 176 42.53 -19.09 15.38
C ASP F 176 42.51 -20.44 16.03
N LEU F 177 41.51 -20.74 16.84
CA LEU F 177 41.66 -21.99 17.61
C LEU F 177 40.84 -23.13 17.02
N GLU F 178 40.29 -22.93 15.82
CA GLU F 178 39.53 -24.00 15.18
C GLU F 178 40.42 -25.18 14.78
N ASP F 179 41.68 -24.90 14.38
CA ASP F 179 42.62 -25.97 14.03
C ASP F 179 43.08 -26.74 15.28
N LEU F 180 43.09 -26.05 16.42
CA LEU F 180 43.51 -26.69 17.67
C LEU F 180 42.43 -27.71 18.05
N ILE F 181 41.17 -27.29 17.90
CA ILE F 181 40.00 -28.09 18.22
C ILE F 181 39.92 -29.32 17.29
N SER F 182 40.04 -29.10 15.97
CA SER F 182 39.93 -30.14 14.93
C SER F 182 41.14 -31.05 14.69
N LYS F 183 42.35 -30.67 15.13
CA LYS F 183 43.50 -31.55 14.94
C LYS F 183 44.00 -32.14 16.25
N MET G 1 -5.05 -13.33 19.83
CA MET G 1 -5.56 -12.57 18.70
C MET G 1 -6.66 -11.61 19.07
N ASN G 2 -6.32 -10.42 19.56
CA ASN G 2 -7.33 -9.50 20.03
C ASN G 2 -7.52 -8.48 18.95
N THR G 3 -6.77 -8.61 17.86
CA THR G 3 -6.73 -7.65 16.79
C THR G 3 -7.64 -8.10 15.69
N ILE G 4 -8.37 -9.20 15.90
CA ILE G 4 -9.33 -9.64 14.91
C ILE G 4 -10.49 -8.64 14.81
N ALA G 5 -11.02 -8.18 15.95
CA ALA G 5 -12.25 -7.41 15.94
C ALA G 5 -11.95 -5.92 15.88
N TRP G 6 -10.69 -5.55 16.21
CA TRP G 6 -10.24 -4.18 16.36
C TRP G 6 -10.05 -3.54 15.01
N LEU G 7 -9.79 -4.36 13.99
CA LEU G 7 -9.64 -3.95 12.61
C LEU G 7 -11.02 -3.68 12.04
N GLY G 8 -12.02 -4.44 12.51
CA GLY G 8 -13.38 -4.36 12.00
C GLY G 8 -14.06 -3.06 12.41
N ARG G 9 -13.83 -2.58 13.63
CA ARG G 9 -14.57 -1.47 14.23
C ARG G 9 -14.06 -0.13 13.70
N LEU G 10 -12.88 -0.17 13.08
CA LEU G 10 -12.27 0.99 12.45
C LEU G 10 -13.12 1.38 11.24
N VAL G 11 -13.57 0.37 10.50
CA VAL G 11 -14.43 0.57 9.35
C VAL G 11 -15.80 1.05 9.79
N ILE G 12 -16.31 0.48 10.89
CA ILE G 12 -17.64 0.75 11.42
C ILE G 12 -17.72 2.14 12.03
N GLU G 13 -16.62 2.68 12.52
CA GLU G 13 -16.66 3.91 13.28
C GLU G 13 -17.25 5.05 12.45
N ARG G 14 -16.86 5.13 11.18
CA ARG G 14 -17.35 6.17 10.28
C ARG G 14 -17.92 5.59 8.98
N ILE G 15 -19.25 5.70 8.77
CA ILE G 15 -19.85 5.21 7.54
C ILE G 15 -20.68 6.30 6.84
N ARG G 16 -20.06 7.28 6.18
CA ARG G 16 -20.81 8.33 5.53
C ARG G 16 -20.74 8.13 4.01
N GLY G 17 -20.12 7.04 3.56
CA GLY G 17 -19.93 6.77 2.14
C GLY G 17 -21.11 5.98 1.59
N ILE G 18 -21.81 5.30 2.50
CA ILE G 18 -22.89 4.36 2.19
C ILE G 18 -24.20 4.96 2.62
N GLY G 19 -24.18 5.60 3.80
CA GLY G 19 -25.35 5.95 4.59
C GLY G 19 -26.35 6.76 3.79
N VAL G 20 -25.91 7.78 3.05
CA VAL G 20 -26.87 8.67 2.43
C VAL G 20 -27.65 7.95 1.34
N ALA G 21 -27.03 7.04 0.62
CA ALA G 21 -27.83 6.31 -0.35
C ALA G 21 -27.98 4.85 0.03
N ALA G 22 -28.07 4.52 1.32
CA ALA G 22 -28.13 3.15 1.78
C ALA G 22 -29.54 2.64 1.52
N LEU G 23 -30.50 3.57 1.65
CA LEU G 23 -31.91 3.27 1.44
C LEU G 23 -32.16 2.86 0.00
N MET G 24 -31.42 3.46 -0.94
CA MET G 24 -31.52 3.05 -2.33
C MET G 24 -30.91 1.69 -2.57
N LEU G 25 -29.85 1.28 -1.84
CA LEU G 25 -29.17 -0.01 -1.96
C LEU G 25 -30.07 -1.05 -1.35
N LEU G 26 -30.78 -0.68 -0.28
CA LEU G 26 -31.69 -1.61 0.36
C LEU G 26 -32.89 -1.86 -0.55
N GLN G 27 -33.31 -0.82 -1.27
CA GLN G 27 -34.36 -1.00 -2.24
C GLN G 27 -34.00 -1.95 -3.39
N ILE G 28 -32.75 -2.01 -3.83
CA ILE G 28 -32.24 -2.93 -4.85
C ILE G 28 -32.30 -4.35 -4.29
N ILE G 29 -31.94 -4.51 -3.02
CA ILE G 29 -31.94 -5.83 -2.40
C ILE G 29 -33.42 -6.26 -2.30
N PHE G 30 -34.31 -5.31 -1.99
CA PHE G 30 -35.74 -5.57 -1.75
C PHE G 30 -36.34 -6.13 -3.07
N SER G 31 -36.10 -5.38 -4.14
CA SER G 31 -36.59 -5.50 -5.51
C SER G 31 -35.83 -6.61 -6.27
N LEU G 32 -34.71 -7.11 -5.74
CA LEU G 32 -33.87 -8.24 -6.14
C LEU G 32 -32.79 -8.06 -7.20
N PRO G 33 -31.55 -7.86 -6.78
CA PRO G 33 -30.49 -7.37 -7.66
C PRO G 33 -30.30 -8.16 -8.97
N SER G 34 -30.04 -7.44 -10.05
CA SER G 34 -30.04 -8.02 -11.38
C SER G 34 -28.76 -8.77 -11.72
N ALA G 35 -28.85 -9.67 -12.73
CA ALA G 35 -27.70 -10.46 -13.14
C ALA G 35 -27.78 -10.75 -14.63
N GLY G 36 -26.62 -10.88 -15.28
CA GLY G 36 -26.60 -11.13 -16.70
C GLY G 36 -25.54 -10.36 -17.44
N GLY G 37 -25.18 -10.88 -18.60
CA GLY G 37 -24.14 -10.25 -19.42
C GLY G 37 -24.81 -9.12 -20.21
N PHE G 38 -24.82 -7.91 -19.64
CA PHE G 38 -25.34 -6.78 -20.36
C PHE G 38 -24.25 -5.79 -20.75
N GLY G 39 -24.62 -4.75 -21.47
CA GLY G 39 -23.76 -3.61 -21.75
C GLY G 39 -23.12 -2.88 -20.54
N ARG G 40 -23.77 -2.96 -19.38
CA ARG G 40 -23.25 -2.36 -18.17
C ARG G 40 -22.11 -3.18 -17.62
N PHE G 41 -22.28 -4.50 -17.80
CA PHE G 41 -21.37 -5.53 -17.35
C PHE G 41 -20.05 -5.43 -18.10
N VAL G 42 -20.14 -5.17 -19.41
CA VAL G 42 -19.01 -4.93 -20.29
C VAL G 42 -18.18 -3.76 -19.83
N TYR G 43 -18.81 -2.62 -19.48
CA TYR G 43 -17.99 -1.51 -19.03
C TYR G 43 -17.59 -1.63 -17.58
N GLN G 44 -18.36 -2.38 -16.79
CA GLN G 44 -17.90 -2.58 -15.44
C GLN G 44 -16.66 -3.46 -15.35
N MET G 45 -16.63 -4.49 -16.21
CA MET G 45 -15.49 -5.39 -16.35
C MET G 45 -14.38 -4.78 -17.17
N HIS G 46 -14.60 -3.67 -17.90
CA HIS G 46 -13.51 -2.92 -18.47
C HIS G 46 -12.68 -2.26 -17.37
N ARG G 47 -13.35 -1.58 -16.43
CA ARG G 47 -12.67 -0.87 -15.39
C ARG G 47 -12.00 -1.76 -14.38
N VAL G 48 -12.68 -2.85 -14.08
CA VAL G 48 -12.18 -3.78 -13.10
C VAL G 48 -11.19 -4.76 -13.73
N GLY G 49 -11.53 -5.33 -14.87
CA GLY G 49 -10.80 -6.42 -15.53
C GLY G 49 -9.70 -5.89 -16.46
N VAL G 50 -10.11 -5.41 -17.63
CA VAL G 50 -9.28 -5.09 -18.79
C VAL G 50 -8.16 -4.10 -18.49
N MET G 51 -8.47 -3.04 -17.73
CA MET G 51 -7.49 -2.04 -17.38
C MET G 51 -6.46 -2.54 -16.44
N SER G 52 -6.93 -3.39 -15.52
CA SER G 52 -6.11 -3.89 -14.46
C SER G 52 -5.21 -4.98 -14.95
N LEU G 53 -5.51 -5.62 -16.08
CA LEU G 53 -4.70 -6.68 -16.66
C LEU G 53 -3.26 -6.26 -16.86
N LEU G 54 -3.04 -5.08 -17.42
CA LEU G 54 -1.68 -4.59 -17.65
C LEU G 54 -1.05 -3.99 -16.39
N ILE G 55 -1.88 -3.53 -15.46
CA ILE G 55 -1.40 -2.93 -14.23
C ILE G 55 -0.84 -4.00 -13.31
N ILE G 56 -1.59 -5.05 -13.15
CA ILE G 56 -1.18 -6.22 -12.41
C ILE G 56 -0.03 -7.00 -12.95
N THR G 57 0.07 -7.10 -14.26
CA THR G 57 1.21 -7.77 -14.80
C THR G 57 2.46 -6.89 -14.63
N VAL G 58 2.38 -5.60 -14.93
CA VAL G 58 3.59 -4.78 -14.82
C VAL G 58 3.85 -4.13 -13.47
N SER G 59 2.91 -3.34 -12.94
CA SER G 59 3.24 -2.68 -11.68
C SER G 59 3.18 -3.69 -10.56
N GLY G 60 2.21 -4.60 -10.65
CA GLY G 60 2.04 -5.65 -9.66
C GLY G 60 3.26 -6.54 -9.56
N LEU G 61 3.98 -6.75 -10.68
CA LEU G 61 5.23 -7.48 -10.51
C LEU G 61 6.23 -6.66 -9.70
N PHE G 62 6.42 -5.36 -10.00
CA PHE G 62 7.51 -4.67 -9.34
C PHE G 62 7.19 -4.33 -7.89
N ILE G 63 5.90 -4.27 -7.54
CA ILE G 63 5.50 -4.07 -6.15
C ILE G 63 5.97 -5.23 -5.33
N GLY G 64 5.76 -6.43 -5.87
CA GLY G 64 6.15 -7.68 -5.25
C GLY G 64 7.65 -7.79 -5.10
N LEU G 65 8.39 -7.25 -6.08
CA LEU G 65 9.84 -7.32 -6.10
C LEU G 65 10.46 -6.35 -5.11
N VAL G 66 9.77 -5.24 -4.83
CA VAL G 66 10.18 -4.36 -3.73
C VAL G 66 9.95 -5.01 -2.38
N LEU G 67 8.88 -5.79 -2.25
CA LEU G 67 8.67 -6.52 -1.02
C LEU G 67 9.60 -7.74 -0.96
N GLY G 68 10.07 -8.24 -2.11
CA GLY G 68 11.10 -9.28 -2.17
C GLY G 68 12.48 -8.69 -1.87
N LEU G 69 12.72 -7.37 -2.06
CA LEU G 69 13.98 -6.73 -1.66
C LEU G 69 14.03 -6.76 -0.12
N GLN G 70 12.87 -6.54 0.51
CA GLN G 70 12.79 -6.57 1.97
C GLN G 70 13.13 -7.98 2.44
N GLY G 71 12.62 -8.98 1.71
CA GLY G 71 12.87 -10.41 1.92
C GLY G 71 14.35 -10.72 1.85
N TYR G 72 15.05 -10.18 0.84
CA TYR G 72 16.46 -10.30 0.57
C TYR G 72 17.31 -9.65 1.64
N SER G 73 16.89 -8.51 2.14
CA SER G 73 17.67 -7.84 3.17
C SER G 73 17.63 -8.61 4.49
N ILE G 74 16.59 -9.41 4.70
CA ILE G 74 16.56 -10.28 5.87
C ILE G 74 17.60 -11.37 5.70
N LEU G 75 17.79 -11.89 4.48
CA LEU G 75 18.75 -12.95 4.19
C LEU G 75 20.16 -12.45 4.43
N VAL G 76 20.40 -11.21 4.07
CA VAL G 76 21.64 -10.50 4.31
C VAL G 76 21.90 -10.24 5.78
N ASN G 77 20.90 -9.78 6.51
CA ASN G 77 21.07 -9.55 7.93
C ASN G 77 20.91 -10.76 8.85
N VAL G 78 19.73 -11.37 8.90
CA VAL G 78 19.51 -12.58 9.69
C VAL G 78 19.97 -13.93 9.17
N GLY G 79 19.67 -14.25 7.91
CA GLY G 79 20.00 -15.47 7.16
C GLY G 79 19.12 -16.71 7.39
N SER G 80 19.78 -17.64 8.08
CA SER G 80 19.45 -19.03 8.44
C SER G 80 18.27 -19.27 9.35
N GLU G 81 17.91 -18.28 10.16
CA GLU G 81 16.73 -18.37 11.02
C GLU G 81 15.43 -17.89 10.39
N SER G 82 15.52 -17.25 9.22
CA SER G 82 14.38 -16.81 8.44
C SER G 82 14.63 -17.05 6.94
N MET G 83 15.21 -18.20 6.61
CA MET G 83 15.67 -18.53 5.28
C MET G 83 14.60 -18.75 4.23
N LEU G 84 14.95 -18.45 2.97
CA LEU G 84 14.03 -18.63 1.85
C LEU G 84 12.68 -17.93 2.08
N GLY G 85 11.54 -18.65 1.98
CA GLY G 85 10.26 -17.99 2.18
C GLY G 85 9.65 -18.25 3.55
N THR G 86 10.40 -17.97 4.62
CA THR G 86 9.91 -18.19 5.98
C THR G 86 9.15 -16.93 6.34
N MET G 87 9.80 -15.78 6.13
CA MET G 87 9.21 -14.49 6.44
C MET G 87 8.86 -13.63 5.23
N VAL G 88 8.78 -14.23 4.03
CA VAL G 88 8.48 -13.50 2.79
C VAL G 88 7.05 -13.61 2.26
N SER G 89 6.59 -14.85 2.04
CA SER G 89 5.25 -15.18 1.57
C SER G 89 4.25 -15.12 2.67
N LEU G 90 4.76 -15.31 3.88
CA LEU G 90 4.01 -15.28 5.11
C LEU G 90 3.17 -14.02 5.27
N THR G 91 3.79 -12.85 5.11
CA THR G 91 3.06 -11.62 5.31
C THR G 91 2.57 -11.07 3.99
N LEU G 92 3.22 -11.46 2.90
CA LEU G 92 2.81 -11.02 1.57
C LEU G 92 1.40 -11.43 1.18
N LEU G 93 1.02 -12.70 1.32
CA LEU G 93 -0.24 -13.10 0.74
C LEU G 93 -1.42 -12.68 1.57
N ARG G 94 -1.37 -12.83 2.89
CA ARG G 94 -2.18 -12.74 4.08
C ARG G 94 -2.28 -11.30 4.57
N GLU G 95 -1.23 -10.49 4.50
CA GLU G 95 -1.32 -9.21 5.20
C GLU G 95 -0.98 -7.98 4.37
N LEU G 96 0.01 -8.02 3.48
CA LEU G 96 0.56 -6.86 2.79
C LEU G 96 -0.13 -6.55 1.45
N ALA G 97 -0.30 -7.57 0.59
CA ALA G 97 -0.75 -7.40 -0.79
C ALA G 97 -2.18 -6.91 -0.79
N PRO G 98 -3.05 -7.52 0.03
CA PRO G 98 -4.46 -7.18 0.11
C PRO G 98 -4.76 -5.67 0.11
N VAL G 99 -4.04 -4.83 0.88
CA VAL G 99 -4.32 -3.38 0.97
C VAL G 99 -3.99 -2.67 -0.33
N VAL G 100 -2.88 -3.07 -0.94
CA VAL G 100 -2.46 -2.43 -2.17
C VAL G 100 -3.40 -2.80 -3.30
N ALA G 101 -3.93 -4.03 -3.28
CA ALA G 101 -4.89 -4.50 -4.27
C ALA G 101 -6.17 -3.70 -4.12
N ALA G 102 -6.54 -3.34 -2.89
CA ALA G 102 -7.74 -2.58 -2.62
C ALA G 102 -7.54 -1.18 -3.15
N LEU G 103 -6.33 -0.66 -3.16
CA LEU G 103 -6.21 0.69 -3.69
C LEU G 103 -6.42 0.78 -5.23
N LEU G 104 -6.33 -0.35 -5.94
CA LEU G 104 -6.63 -0.39 -7.37
C LEU G 104 -8.11 -0.54 -7.71
N PHE G 105 -8.96 -0.78 -6.71
CA PHE G 105 -10.40 -0.95 -6.90
C PHE G 105 -11.18 0.05 -6.08
N ALA G 106 -10.89 0.16 -4.79
CA ALA G 106 -11.53 1.15 -3.93
C ALA G 106 -11.09 2.54 -4.36
N GLY G 107 -9.82 2.62 -4.77
CA GLY G 107 -9.24 3.83 -5.30
C GLY G 107 -9.51 4.06 -6.79
N ARG G 108 -8.71 3.43 -7.65
CA ARG G 108 -8.77 3.61 -9.10
C ARG G 108 -10.07 3.23 -9.82
N ALA G 109 -10.58 1.99 -9.67
CA ALA G 109 -11.78 1.65 -10.40
C ALA G 109 -12.97 2.40 -9.85
N GLY G 110 -13.00 2.66 -8.54
CA GLY G 110 -14.04 3.39 -7.84
C GLY G 110 -14.14 4.80 -8.38
N SER G 111 -13.00 5.44 -8.65
CA SER G 111 -12.96 6.82 -9.13
C SER G 111 -13.55 6.88 -10.51
N ALA G 112 -13.25 5.87 -11.33
CA ALA G 112 -13.73 5.76 -12.70
C ALA G 112 -15.26 5.58 -12.77
N LEU G 113 -15.79 4.81 -11.83
CA LEU G 113 -17.20 4.46 -11.67
C LEU G 113 -18.00 5.68 -11.35
N THR G 114 -17.47 6.47 -10.43
CA THR G 114 -18.01 7.74 -9.99
C THR G 114 -18.16 8.70 -11.12
N ALA G 115 -17.09 8.75 -11.92
CA ALA G 115 -16.95 9.65 -13.03
C ALA G 115 -17.99 9.28 -14.04
N GLU G 116 -18.21 7.98 -14.34
CA GLU G 116 -19.20 7.58 -15.34
C GLU G 116 -20.64 7.94 -14.94
N ILE G 117 -21.08 7.62 -13.73
CA ILE G 117 -22.49 7.77 -13.35
C ILE G 117 -22.86 9.25 -13.22
N GLY G 118 -21.92 10.04 -12.71
CA GLY G 118 -22.12 11.47 -12.50
C GLY G 118 -22.38 12.16 -13.83
N SER G 119 -21.59 11.82 -14.83
CA SER G 119 -21.69 12.29 -16.20
C SER G 119 -22.87 11.73 -16.94
N MET G 120 -23.45 10.60 -16.56
CA MET G 120 -24.66 10.15 -17.25
C MET G 120 -25.92 10.77 -16.66
N LYS G 121 -25.77 11.28 -15.44
CA LYS G 121 -26.80 12.02 -14.75
C LYS G 121 -26.89 13.40 -15.40
N GLN G 122 -25.75 13.99 -15.78
CA GLN G 122 -25.66 15.21 -16.56
C GLN G 122 -25.95 15.00 -18.07
N SER G 123 -25.58 13.86 -18.69
CA SER G 123 -25.79 13.64 -20.13
C SER G 123 -26.40 12.29 -20.57
N GLU G 124 -25.59 11.34 -21.06
CA GLU G 124 -26.16 10.16 -21.72
C GLU G 124 -27.37 9.39 -21.18
N GLN G 125 -27.52 9.11 -19.89
CA GLN G 125 -28.60 8.17 -19.55
C GLN G 125 -29.64 8.77 -18.63
N LEU G 126 -29.28 8.88 -17.36
CA LEU G 126 -30.17 9.24 -16.28
C LEU G 126 -30.69 10.68 -16.30
N ALA G 127 -30.07 11.55 -17.07
CA ALA G 127 -30.62 12.89 -17.32
C ALA G 127 -32.03 12.88 -17.91
N SER G 128 -32.33 11.87 -18.72
CA SER G 128 -33.57 11.76 -19.44
C SER G 128 -34.37 10.61 -18.85
N MET G 129 -33.69 9.52 -18.56
CA MET G 129 -34.33 8.30 -18.10
C MET G 129 -34.94 8.36 -16.72
N GLU G 130 -34.56 9.26 -15.82
CA GLU G 130 -35.22 9.37 -14.53
C GLU G 130 -36.58 9.96 -14.84
N MET G 131 -36.58 10.94 -15.74
CA MET G 131 -37.76 11.74 -16.04
C MET G 131 -38.76 10.89 -16.82
N ILE G 132 -38.25 10.00 -17.69
CA ILE G 132 -39.10 9.04 -18.41
C ILE G 132 -39.82 8.04 -17.47
N GLY G 133 -39.08 7.50 -16.50
CA GLY G 133 -39.49 6.61 -15.41
C GLY G 133 -39.06 5.18 -15.68
N VAL G 134 -37.85 5.02 -16.21
CA VAL G 134 -37.26 3.71 -16.42
C VAL G 134 -36.41 3.61 -15.18
N ASP G 135 -36.93 2.91 -14.16
CA ASP G 135 -36.31 2.68 -12.85
C ASP G 135 -34.78 2.74 -12.79
N PRO G 136 -34.21 3.86 -12.31
CA PRO G 136 -32.77 4.12 -12.21
C PRO G 136 -31.90 3.11 -11.47
N LEU G 137 -32.48 2.38 -10.55
CA LEU G 137 -31.73 1.53 -9.68
C LEU G 137 -31.53 0.25 -10.49
N LYS G 138 -32.61 -0.22 -11.11
CA LYS G 138 -32.68 -1.42 -11.93
C LYS G 138 -31.88 -1.23 -13.22
N GLN G 139 -31.87 0.00 -13.74
CA GLN G 139 -31.20 0.41 -14.96
C GLN G 139 -29.67 0.33 -14.84
N ILE G 140 -29.08 1.08 -13.92
CA ILE G 140 -27.62 1.12 -13.87
C ILE G 140 -26.94 0.67 -12.58
N VAL G 141 -27.63 0.52 -11.46
CA VAL G 141 -26.86 0.09 -10.29
C VAL G 141 -26.99 -1.40 -9.98
N SER G 142 -28.22 -1.89 -10.10
CA SER G 142 -28.62 -3.24 -9.73
C SER G 142 -27.75 -4.32 -10.40
N PRO G 143 -27.44 -4.32 -11.72
CA PRO G 143 -26.55 -5.31 -12.28
C PRO G 143 -25.06 -5.09 -12.10
N ARG G 144 -24.68 -3.92 -11.62
CA ARG G 144 -23.26 -3.64 -11.46
C ARG G 144 -22.83 -3.86 -10.02
N LEU G 145 -23.79 -4.08 -9.12
CA LEU G 145 -23.48 -4.55 -7.77
C LEU G 145 -23.13 -6.01 -7.81
N TRP G 146 -23.93 -6.75 -8.59
CA TRP G 146 -23.67 -8.14 -8.89
C TRP G 146 -22.36 -8.30 -9.63
N ALA G 147 -22.03 -7.38 -10.55
CA ALA G 147 -20.79 -7.49 -11.32
C ALA G 147 -19.57 -7.35 -10.41
N GLY G 148 -19.70 -6.62 -9.32
CA GLY G 148 -18.53 -6.35 -8.49
C GLY G 148 -17.99 -7.65 -7.90
N ILE G 149 -18.83 -8.61 -7.56
CA ILE G 149 -18.24 -9.84 -7.01
C ILE G 149 -17.88 -10.93 -8.03
N VAL G 150 -17.85 -10.65 -9.34
CA VAL G 150 -17.53 -11.67 -10.33
C VAL G 150 -16.02 -11.82 -10.58
N SER G 151 -15.33 -10.76 -11.02
CA SER G 151 -13.92 -10.87 -11.34
C SER G 151 -12.97 -10.26 -10.33
N LEU G 152 -13.43 -9.16 -9.71
CA LEU G 152 -12.69 -8.32 -8.77
C LEU G 152 -12.04 -9.04 -7.58
N PRO G 153 -12.69 -9.96 -6.84
CA PRO G 153 -12.01 -10.60 -5.73
C PRO G 153 -11.08 -11.72 -6.11
N MET G 154 -11.07 -12.10 -7.38
CA MET G 154 -10.20 -13.14 -7.86
C MET G 154 -8.91 -12.47 -8.22
N LEU G 155 -9.07 -11.24 -8.70
CA LEU G 155 -7.97 -10.40 -9.14
C LEU G 155 -7.10 -9.99 -7.96
N THR G 156 -7.67 -9.92 -6.76
CA THR G 156 -6.91 -9.59 -5.58
C THR G 156 -6.01 -10.76 -5.22
N VAL G 157 -6.47 -11.97 -5.47
CA VAL G 157 -5.64 -13.16 -5.24
C VAL G 157 -4.59 -13.31 -6.33
N ILE G 158 -4.96 -12.99 -7.57
CA ILE G 158 -4.03 -13.02 -8.69
C ILE G 158 -2.92 -12.00 -8.49
N PHE G 159 -3.23 -10.80 -8.00
CA PHE G 159 -2.25 -9.78 -7.64
C PHE G 159 -1.21 -10.25 -6.70
N ALA G 160 -1.69 -10.95 -5.70
CA ALA G 160 -0.82 -11.50 -4.71
C ALA G 160 -0.03 -12.68 -5.28
N ALA G 161 -0.65 -13.44 -6.18
CA ALA G 161 -0.03 -14.62 -6.76
C ALA G 161 1.18 -14.24 -7.60
N ILE G 162 1.13 -13.09 -8.26
CA ILE G 162 2.22 -12.54 -9.04
C ILE G 162 3.44 -12.26 -8.18
N GLY G 163 3.26 -11.93 -6.90
CA GLY G 163 4.39 -11.73 -5.99
C GLY G 163 5.19 -13.03 -5.87
N ILE G 164 4.49 -14.15 -5.79
CA ILE G 164 5.14 -15.46 -5.70
C ILE G 164 5.81 -15.83 -7.02
N VAL G 165 5.19 -15.47 -8.14
CA VAL G 165 5.75 -15.69 -9.45
C VAL G 165 7.02 -14.85 -9.64
N GLY G 166 7.06 -13.65 -9.05
CA GLY G 166 8.21 -12.75 -9.12
C GLY G 166 9.30 -13.18 -8.16
N GLY G 167 8.91 -13.91 -7.12
CA GLY G 167 9.83 -14.34 -6.08
C GLY G 167 10.85 -15.29 -6.74
N LYS G 168 10.38 -16.27 -7.53
CA LYS G 168 11.34 -17.13 -8.20
C LYS G 168 12.06 -16.49 -9.37
N LEU G 169 11.59 -15.35 -9.90
CA LEU G 169 12.32 -14.70 -10.97
C LEU G 169 13.64 -14.17 -10.47
N VAL G 170 13.63 -13.53 -9.30
CA VAL G 170 14.85 -12.91 -8.83
C VAL G 170 15.45 -13.68 -7.65
N GLY G 171 15.16 -14.98 -7.49
CA GLY G 171 15.75 -15.76 -6.40
C GLY G 171 17.25 -15.93 -6.71
N VAL G 172 17.54 -16.14 -8.00
CA VAL G 172 18.89 -16.15 -8.57
C VAL G 172 19.49 -14.77 -8.79
N ASP G 173 18.72 -13.81 -9.27
CA ASP G 173 19.33 -12.50 -9.47
C ASP G 173 19.76 -11.71 -8.26
N PHE G 174 19.11 -11.87 -7.12
CA PHE G 174 19.58 -11.12 -5.97
C PHE G 174 20.78 -11.94 -5.48
N LEU G 175 20.74 -13.28 -5.60
CA LEU G 175 21.86 -14.01 -5.00
C LEU G 175 22.34 -15.23 -5.78
N GLY G 176 21.47 -16.20 -5.98
CA GLY G 176 21.88 -17.43 -6.64
C GLY G 176 21.10 -18.60 -6.07
N VAL G 177 19.85 -18.38 -5.70
CA VAL G 177 19.06 -19.40 -5.02
C VAL G 177 18.26 -20.16 -6.05
N ASP G 178 18.40 -21.48 -6.06
CA ASP G 178 17.63 -22.29 -6.99
C ASP G 178 16.15 -22.12 -6.71
N GLU G 179 15.46 -21.72 -7.78
CA GLU G 179 14.05 -21.45 -7.81
C GLU G 179 13.20 -22.55 -7.22
N GLY G 180 13.55 -23.81 -7.45
CA GLY G 180 12.82 -24.97 -6.96
C GLY G 180 12.99 -25.17 -5.48
N SER G 181 14.11 -24.77 -4.88
CA SER G 181 14.30 -24.97 -3.46
C SER G 181 13.69 -23.76 -2.77
N PHE G 182 13.63 -22.62 -3.47
CA PHE G 182 13.10 -21.40 -2.85
C PHE G 182 11.61 -21.63 -2.64
N TRP G 183 10.93 -22.00 -3.73
CA TRP G 183 9.50 -22.22 -3.83
C TRP G 183 9.03 -23.40 -3.01
N SER G 184 9.73 -24.52 -3.00
CA SER G 184 9.24 -25.67 -2.27
C SER G 184 9.57 -25.53 -0.79
N GLY G 185 10.66 -24.80 -0.50
CA GLY G 185 11.03 -24.44 0.85
C GLY G 185 9.98 -23.47 1.41
N MET G 186 9.56 -22.50 0.58
CA MET G 186 8.48 -21.56 0.89
C MET G 186 7.18 -22.24 1.13
N GLN G 187 6.84 -23.18 0.26
CA GLN G 187 5.60 -23.96 0.29
C GLN G 187 5.36 -24.65 1.59
N ASN G 188 6.41 -25.31 2.06
CA ASN G 188 6.40 -26.02 3.32
C ASN G 188 6.26 -25.08 4.51
N ASN G 189 6.95 -23.93 4.48
CA ASN G 189 6.89 -23.01 5.61
C ASN G 189 5.54 -22.39 5.86
N VAL G 190 4.86 -21.99 4.78
CA VAL G 190 3.52 -21.52 4.99
C VAL G 190 2.35 -22.38 4.54
N GLN G 191 2.54 -23.60 4.06
CA GLN G 191 1.42 -24.47 3.63
C GLN G 191 0.62 -23.70 2.57
N PHE G 192 1.39 -23.27 1.58
CA PHE G 192 1.04 -22.41 0.44
C PHE G 192 -0.09 -22.80 -0.48
N GLY G 193 -0.03 -24.01 -1.03
CA GLY G 193 -0.97 -24.51 -2.03
C GLY G 193 -2.33 -24.80 -1.43
N HIS G 194 -2.36 -25.12 -0.14
CA HIS G 194 -3.64 -25.35 0.48
C HIS G 194 -4.26 -24.05 0.90
N ASP G 195 -3.49 -23.10 1.43
CA ASP G 195 -4.12 -21.94 2.03
C ASP G 195 -4.48 -20.91 0.96
N VAL G 196 -3.67 -20.80 -0.10
CA VAL G 196 -3.83 -19.69 -1.04
C VAL G 196 -5.06 -19.98 -1.92
N VAL G 197 -5.38 -21.27 -2.09
CA VAL G 197 -6.52 -21.67 -2.89
C VAL G 197 -7.78 -21.51 -2.05
N ASN G 198 -7.71 -21.80 -0.75
CA ASN G 198 -8.82 -21.61 0.16
C ASN G 198 -9.07 -20.12 0.35
N GLY G 199 -8.04 -19.26 0.32
CA GLY G 199 -8.27 -17.84 0.61
C GLY G 199 -8.68 -17.12 -0.65
N ILE G 200 -9.92 -17.29 -1.09
CA ILE G 200 -10.43 -16.47 -2.17
C ILE G 200 -11.69 -15.72 -1.70
N ILE G 201 -11.97 -15.76 -0.40
CA ILE G 201 -13.20 -15.21 0.19
C ILE G 201 -12.98 -13.83 0.79
N LYS G 202 -11.72 -13.55 1.12
CA LYS G 202 -11.30 -12.40 1.92
C LYS G 202 -11.88 -11.12 1.38
N SER G 203 -11.75 -10.90 0.08
CA SER G 203 -12.16 -9.66 -0.53
C SER G 203 -13.49 -9.70 -1.25
N ILE G 204 -14.38 -10.66 -1.01
CA ILE G 204 -15.68 -10.62 -1.68
C ILE G 204 -16.53 -9.53 -1.03
N VAL G 205 -16.43 -9.42 0.30
CA VAL G 205 -17.17 -8.39 1.01
C VAL G 205 -16.60 -7.02 0.61
N PHE G 206 -15.28 -6.96 0.42
CA PHE G 206 -14.64 -5.73 -0.01
C PHE G 206 -15.14 -5.32 -1.38
N ALA G 207 -15.48 -6.23 -2.28
CA ALA G 207 -16.01 -5.85 -3.59
C ALA G 207 -17.33 -5.13 -3.44
N LEU G 208 -18.13 -5.65 -2.53
CA LEU G 208 -19.41 -5.08 -2.23
C LEU G 208 -19.25 -3.70 -1.59
N LEU G 209 -18.29 -3.55 -0.68
CA LEU G 209 -18.04 -2.27 -0.03
C LEU G 209 -17.53 -1.17 -0.94
N CYS G 210 -16.76 -1.56 -1.95
CA CYS G 210 -16.22 -0.68 -2.98
C CYS G 210 -17.37 -0.17 -3.80
N THR G 211 -18.28 -1.06 -4.19
CA THR G 211 -19.38 -0.54 -4.97
C THR G 211 -20.43 0.12 -4.10
N TRP G 212 -20.54 -0.12 -2.80
CA TRP G 212 -21.56 0.68 -2.12
C TRP G 212 -21.15 2.11 -1.88
N ILE G 213 -19.86 2.36 -1.79
CA ILE G 213 -19.49 3.72 -1.59
C ILE G 213 -19.36 4.51 -2.88
N ALA G 214 -18.77 3.88 -3.90
CA ALA G 214 -18.43 4.62 -5.10
C ALA G 214 -19.67 5.01 -5.90
N VAL G 215 -20.69 4.13 -5.90
CA VAL G 215 -21.92 4.41 -6.63
C VAL G 215 -22.63 5.63 -6.09
N PHE G 216 -22.69 5.79 -4.76
CA PHE G 216 -23.30 6.98 -4.15
C PHE G 216 -22.77 8.31 -4.63
N GLN G 217 -21.46 8.43 -4.66
CA GLN G 217 -20.87 9.69 -5.09
C GLN G 217 -21.23 10.02 -6.55
N GLY G 218 -21.38 9.03 -7.42
CA GLY G 218 -21.77 9.35 -8.79
C GLY G 218 -23.29 9.59 -8.86
N TYR G 219 -24.06 8.73 -8.20
CA TYR G 219 -25.51 8.66 -8.25
C TYR G 219 -26.16 9.91 -7.68
N ALA G 220 -25.80 10.30 -6.47
CA ALA G 220 -26.48 11.48 -5.92
C ALA G 220 -25.61 12.75 -6.01
N CYS G 221 -25.02 13.04 -7.17
CA CYS G 221 -24.16 14.21 -7.31
C CYS G 221 -24.98 15.39 -7.76
N ASP G 222 -24.40 16.58 -7.83
CA ASP G 222 -25.17 17.64 -8.44
C ASP G 222 -24.60 17.59 -9.86
N PRO G 223 -25.35 17.30 -10.93
CA PRO G 223 -24.78 17.22 -12.27
C PRO G 223 -24.44 18.52 -13.00
N THR G 224 -23.40 19.18 -12.49
CA THR G 224 -22.76 20.40 -12.95
C THR G 224 -21.27 20.13 -12.94
N PRO G 225 -20.39 20.90 -13.59
CA PRO G 225 -19.00 20.44 -13.49
C PRO G 225 -18.36 20.71 -12.14
N GLU G 226 -18.87 21.67 -11.37
CA GLU G 226 -18.28 21.87 -10.06
C GLU G 226 -18.77 20.79 -9.09
N GLY G 227 -20.05 20.40 -9.17
CA GLY G 227 -20.54 19.40 -8.23
C GLY G 227 -19.97 18.01 -8.45
N ILE G 228 -19.81 17.63 -9.70
CA ILE G 228 -19.20 16.38 -10.10
C ILE G 228 -17.72 16.30 -9.73
N ALA G 229 -16.95 17.37 -9.90
CA ALA G 229 -15.54 17.22 -9.53
C ALA G 229 -15.43 17.19 -7.99
N THR G 230 -16.37 17.80 -7.26
CA THR G 230 -16.23 17.75 -5.80
C THR G 230 -16.52 16.33 -5.35
N ALA G 231 -17.54 15.69 -5.94
CA ALA G 231 -17.89 14.33 -5.58
C ALA G 231 -16.77 13.38 -5.93
N MET G 232 -15.97 13.62 -6.97
CA MET G 232 -14.87 12.69 -7.26
C MET G 232 -13.78 12.81 -6.20
N THR G 233 -13.62 13.98 -5.57
CA THR G 233 -12.62 14.12 -4.53
C THR G 233 -13.16 13.54 -3.23
N ARG G 234 -14.48 13.52 -3.11
CA ARG G 234 -15.11 12.86 -1.97
C ARG G 234 -15.11 11.36 -2.08
N THR G 235 -14.97 10.80 -3.27
CA THR G 235 -14.86 9.36 -3.36
C THR G 235 -13.67 8.78 -2.70
N VAL G 236 -12.54 9.44 -2.71
CA VAL G 236 -11.41 8.74 -2.16
C VAL G 236 -11.36 9.02 -0.67
N VAL G 237 -12.16 9.96 -0.16
CA VAL G 237 -12.20 10.15 1.28
C VAL G 237 -12.84 8.97 1.99
N TYR G 238 -13.88 8.39 1.40
CA TYR G 238 -14.60 7.38 2.13
C TYR G 238 -14.30 5.96 1.72
N SER G 239 -13.81 5.77 0.49
CA SER G 239 -13.64 4.43 -0.05
C SER G 239 -12.26 3.99 0.35
N SER G 240 -11.34 4.89 0.75
CA SER G 240 -9.98 4.40 0.95
C SER G 240 -9.82 3.57 2.21
N LEU G 241 -10.48 3.90 3.33
CA LEU G 241 -10.16 3.13 4.52
C LEU G 241 -11.40 2.50 5.13
N CYS G 242 -12.39 2.13 4.29
CA CYS G 242 -13.58 1.46 4.79
C CYS G 242 -13.76 0.11 4.14
N VAL G 243 -12.69 -0.40 3.56
CA VAL G 243 -12.69 -1.69 2.90
C VAL G 243 -11.78 -2.70 3.53
N LEU G 244 -11.47 -2.58 4.82
CA LEU G 244 -10.55 -3.54 5.43
C LEU G 244 -11.13 -4.09 6.72
N GLY G 245 -12.42 -4.48 6.74
CA GLY G 245 -13.09 -4.80 8.00
C GLY G 245 -12.80 -6.24 8.31
N PHE G 246 -12.66 -7.06 7.28
CA PHE G 246 -12.53 -8.50 7.42
C PHE G 246 -11.14 -8.98 7.06
N ASP G 247 -10.08 -8.43 7.63
CA ASP G 247 -8.75 -8.91 7.32
C ASP G 247 -8.44 -10.14 8.14
N PHE G 248 -8.34 -10.01 9.45
CA PHE G 248 -7.96 -11.17 10.23
C PHE G 248 -9.08 -12.16 10.48
N VAL G 249 -10.33 -11.73 10.29
CA VAL G 249 -11.48 -12.61 10.40
C VAL G 249 -11.40 -13.80 9.44
N LEU G 250 -10.99 -13.59 8.20
CA LEU G 250 -10.93 -14.66 7.21
C LEU G 250 -9.49 -15.00 6.90
N THR G 251 -8.52 -14.27 7.46
CA THR G 251 -7.15 -14.68 7.27
C THR G 251 -6.94 -15.84 8.23
N ALA G 252 -7.46 -15.73 9.45
CA ALA G 252 -7.41 -16.82 10.41
C ALA G 252 -8.15 -18.07 9.94
N VAL G 253 -9.27 -17.92 9.22
CA VAL G 253 -10.03 -19.08 8.72
C VAL G 253 -9.68 -19.65 7.36
N MET G 254 -9.44 -18.81 6.35
CA MET G 254 -9.26 -19.31 5.00
C MET G 254 -7.79 -19.39 4.69
N PHE G 255 -7.03 -18.38 5.12
CA PHE G 255 -5.60 -18.41 4.88
C PHE G 255 -4.87 -19.17 5.99
N GLY G 256 -5.61 -19.49 7.06
CA GLY G 256 -5.11 -20.37 8.10
C GLY G 256 -4.06 -19.68 8.94
N GLY G 257 -4.27 -18.40 9.23
CA GLY G 257 -3.28 -17.70 10.03
C GLY G 257 -3.56 -17.90 11.51
N MET H 1 24.82 -4.41 -5.19
CA MET H 1 23.74 -3.49 -5.47
C MET H 1 23.55 -3.21 -6.94
N ASN H 2 23.71 -4.21 -7.80
CA ASN H 2 23.64 -3.96 -9.22
C ASN H 2 22.30 -4.44 -9.69
N THR H 3 21.86 -5.59 -9.17
CA THR H 3 20.55 -6.15 -9.43
C THR H 3 19.51 -5.19 -8.91
N ILE H 4 19.79 -4.54 -7.78
CA ILE H 4 18.86 -3.53 -7.29
C ILE H 4 18.76 -2.37 -8.27
N ALA H 5 19.87 -1.94 -8.86
CA ALA H 5 19.84 -0.82 -9.78
C ALA H 5 19.22 -1.25 -11.10
N TRP H 6 19.37 -2.53 -11.45
CA TRP H 6 18.84 -3.13 -12.67
C TRP H 6 17.33 -3.06 -12.67
N LEU H 7 16.71 -3.36 -11.53
CA LEU H 7 15.28 -3.36 -11.33
C LEU H 7 14.81 -1.92 -11.14
N GLY H 8 15.71 -1.08 -10.60
CA GLY H 8 15.40 0.31 -10.28
C GLY H 8 15.73 1.25 -11.42
N ARG H 9 15.20 1.00 -12.62
CA ARG H 9 15.36 1.87 -13.79
C ARG H 9 14.01 2.26 -14.36
N LEU H 10 13.04 2.45 -13.48
CA LEU H 10 11.65 2.68 -13.85
C LEU H 10 11.36 4.16 -13.75
N VAL H 11 12.32 4.92 -13.21
CA VAL H 11 12.15 6.33 -12.96
C VAL H 11 12.29 7.11 -14.25
N ILE H 12 12.95 6.53 -15.24
CA ILE H 12 13.11 7.08 -16.58
C ILE H 12 12.04 6.57 -17.53
N GLU H 13 11.45 5.42 -17.24
CA GLU H 13 10.68 4.70 -18.24
C GLU H 13 9.33 5.41 -18.50
N ARG H 14 8.66 5.82 -17.43
CA ARG H 14 7.33 6.39 -17.53
C ARG H 14 7.35 7.90 -17.78
N ILE H 15 7.91 8.34 -18.92
CA ILE H 15 7.85 9.75 -19.28
C ILE H 15 7.35 9.95 -20.73
N ARG H 16 6.04 10.01 -20.98
CA ARG H 16 5.53 9.88 -22.31
C ARG H 16 5.50 11.27 -22.99
N GLY H 17 4.56 12.13 -22.58
CA GLY H 17 4.45 13.48 -23.11
C GLY H 17 4.89 14.50 -22.08
N ILE H 18 5.31 14.00 -20.91
CA ILE H 18 5.55 14.78 -19.71
C ILE H 18 6.70 15.73 -19.96
N GLY H 19 7.71 15.24 -20.69
CA GLY H 19 8.97 15.93 -20.95
C GLY H 19 8.78 17.18 -21.78
N VAL H 20 7.63 17.35 -22.44
CA VAL H 20 7.36 18.62 -23.10
C VAL H 20 7.27 19.74 -22.08
N ALA H 21 6.70 19.48 -20.91
CA ALA H 21 6.71 20.56 -19.93
C ALA H 21 8.03 20.65 -19.21
N ALA H 22 9.09 21.16 -19.85
CA ALA H 22 10.40 21.24 -19.28
C ALA H 22 10.63 22.68 -18.86
N LEU H 23 10.53 23.58 -19.85
CA LEU H 23 10.66 25.00 -19.64
C LEU H 23 9.33 25.59 -19.18
N MET H 24 8.26 24.80 -19.30
CA MET H 24 6.98 25.21 -18.73
C MET H 24 7.02 25.24 -17.21
N LEU H 25 7.75 24.33 -16.55
CA LEU H 25 7.84 24.21 -15.09
C LEU H 25 8.86 25.20 -14.62
N LEU H 26 9.80 25.55 -15.50
CA LEU H 26 10.82 26.53 -15.15
C LEU H 26 10.18 27.91 -15.01
N GLN H 27 9.43 28.32 -16.03
CA GLN H 27 8.87 29.65 -16.01
C GLN H 27 7.54 29.77 -15.26
N ILE H 28 7.51 29.58 -13.94
CA ILE H 28 6.33 29.68 -13.10
C ILE H 28 6.56 30.81 -12.09
N ILE H 29 7.79 31.34 -12.03
CA ILE H 29 8.07 32.53 -11.24
C ILE H 29 8.62 33.58 -12.21
N PHE H 30 8.36 33.41 -13.51
CA PHE H 30 8.89 34.27 -14.58
C PHE H 30 8.15 35.62 -14.52
N SER H 31 6.82 35.52 -14.46
CA SER H 31 5.79 36.55 -14.45
C SER H 31 5.24 36.76 -13.02
N LEU H 32 6.12 36.98 -12.03
CA LEU H 32 5.93 37.45 -10.65
C LEU H 32 5.51 36.49 -9.55
N PRO H 33 6.45 35.97 -8.79
CA PRO H 33 6.21 34.89 -7.85
C PRO H 33 5.17 35.19 -6.76
N SER H 34 3.93 34.79 -7.02
CA SER H 34 2.85 34.97 -6.05
C SER H 34 2.88 33.96 -4.92
N ALA H 35 2.26 34.31 -3.79
CA ALA H 35 2.20 33.42 -2.63
C ALA H 35 1.09 33.88 -1.68
N GLY H 36 0.49 32.93 -0.97
CA GLY H 36 -0.56 33.27 -0.04
C GLY H 36 -1.66 32.26 0.04
N GLY H 37 -2.66 32.56 0.86
CA GLY H 37 -3.80 31.67 1.02
C GLY H 37 -4.87 32.11 0.03
N PHE H 38 -5.11 31.31 -1.00
CA PHE H 38 -6.14 31.63 -1.98
C PHE H 38 -7.24 30.60 -2.04
N GLY H 39 -8.27 30.87 -2.82
CA GLY H 39 -9.46 30.02 -2.90
C GLY H 39 -9.24 28.53 -3.27
N ARG H 40 -8.37 28.27 -4.25
CA ARG H 40 -8.15 26.91 -4.71
C ARG H 40 -6.87 26.36 -4.11
N PHE H 41 -6.00 27.28 -3.77
CA PHE H 41 -4.70 27.04 -3.18
C PHE H 41 -4.85 26.34 -1.84
N VAL H 42 -5.78 26.84 -1.01
CA VAL H 42 -6.14 26.29 0.27
C VAL H 42 -6.96 25.03 0.11
N TYR H 43 -7.79 24.92 -0.93
CA TYR H 43 -8.50 23.66 -1.11
C TYR H 43 -7.58 22.54 -1.52
N GLN H 44 -6.52 22.83 -2.26
CA GLN H 44 -5.58 21.77 -2.50
C GLN H 44 -4.82 21.36 -1.24
N MET H 45 -4.54 22.33 -0.37
CA MET H 45 -3.96 22.12 0.93
C MET H 45 -4.86 21.32 1.83
N HIS H 46 -6.19 21.38 1.68
CA HIS H 46 -7.08 20.51 2.44
C HIS H 46 -6.94 19.07 1.98
N ARG H 47 -6.82 18.87 0.66
CA ARG H 47 -6.73 17.56 0.10
C ARG H 47 -5.44 16.84 0.40
N VAL H 48 -4.38 17.64 0.46
CA VAL H 48 -3.08 17.11 0.77
C VAL H 48 -2.82 17.05 2.27
N GLY H 49 -3.33 18.04 3.02
CA GLY H 49 -3.01 18.28 4.41
C GLY H 49 -4.11 17.82 5.35
N VAL H 50 -5.14 18.65 5.50
CA VAL H 50 -6.19 18.60 6.53
C VAL H 50 -6.96 17.29 6.54
N MET H 51 -7.33 16.79 5.35
CA MET H 51 -8.06 15.55 5.25
C MET H 51 -7.21 14.36 5.47
N SER H 52 -5.94 14.53 5.13
CA SER H 52 -4.97 13.46 5.20
C SER H 52 -4.54 13.22 6.61
N LEU H 53 -4.72 14.17 7.52
CA LEU H 53 -4.49 13.99 8.94
C LEU H 53 -5.34 12.87 9.54
N LEU H 54 -6.57 12.75 9.09
CA LEU H 54 -7.42 11.64 9.51
C LEU H 54 -7.07 10.32 8.82
N ILE H 55 -6.56 10.40 7.58
CA ILE H 55 -6.16 9.22 6.84
C ILE H 55 -4.94 8.59 7.47
N ILE H 56 -4.01 9.41 7.84
CA ILE H 56 -2.82 9.02 8.55
C ILE H 56 -3.02 8.39 9.90
N THR H 57 -3.94 8.93 10.68
CA THR H 57 -4.17 8.31 11.96
C THR H 57 -4.88 6.96 11.76
N VAL H 58 -5.93 6.90 10.95
CA VAL H 58 -6.61 5.61 10.79
C VAL H 58 -5.89 4.56 9.95
N SER H 59 -5.09 4.94 8.97
CA SER H 59 -4.40 3.89 8.24
C SER H 59 -3.25 3.37 9.06
N GLY H 60 -2.72 4.22 9.93
CA GLY H 60 -1.75 3.81 10.92
C GLY H 60 -2.33 2.84 11.91
N LEU H 61 -3.62 2.97 12.26
CA LEU H 61 -4.17 1.93 13.10
C LEU H 61 -4.41 0.65 12.30
N PHE H 62 -4.71 0.73 11.00
CA PHE H 62 -4.83 -0.52 10.26
C PHE H 62 -3.51 -1.25 10.14
N ILE H 63 -2.41 -0.54 9.92
CA ILE H 63 -1.11 -1.17 9.70
C ILE H 63 -0.58 -1.67 11.02
N GLY H 64 -0.71 -0.80 12.03
CA GLY H 64 -0.13 -1.03 13.33
C GLY H 64 -0.67 -2.27 13.99
N LEU H 65 -1.99 -2.46 13.92
CA LEU H 65 -2.67 -3.58 14.55
C LEU H 65 -2.37 -4.88 13.82
N VAL H 66 -2.23 -4.85 12.50
CA VAL H 66 -1.86 -6.03 11.74
C VAL H 66 -0.44 -6.49 12.08
N LEU H 67 0.47 -5.54 12.22
CA LEU H 67 1.85 -5.90 12.49
C LEU H 67 2.05 -6.08 14.00
N GLY H 68 1.10 -5.64 14.84
CA GLY H 68 1.12 -5.92 16.28
C GLY H 68 0.88 -7.41 16.54
N LEU H 69 0.00 -8.12 15.80
CA LEU H 69 -0.22 -9.56 15.99
C LEU H 69 1.02 -10.27 15.42
N GLN H 70 1.60 -9.70 14.36
CA GLN H 70 2.77 -10.31 13.71
C GLN H 70 3.92 -10.34 14.71
N GLY H 71 4.08 -9.23 15.44
CA GLY H 71 5.10 -9.03 16.47
C GLY H 71 5.03 -10.13 17.51
N TYR H 72 3.83 -10.47 17.98
CA TYR H 72 3.50 -11.55 18.89
C TYR H 72 3.78 -12.90 18.30
N SER H 73 3.44 -13.10 17.03
CA SER H 73 3.62 -14.41 16.45
C SER H 73 5.08 -14.69 16.11
N ILE H 74 5.89 -13.65 15.96
CA ILE H 74 7.32 -13.84 15.75
C ILE H 74 7.94 -14.37 17.04
N LEU H 75 7.50 -13.89 18.21
CA LEU H 75 7.96 -14.39 19.50
C LEU H 75 7.68 -15.87 19.62
N VAL H 76 6.47 -16.26 19.27
CA VAL H 76 6.01 -17.63 19.28
C VAL H 76 6.73 -18.52 18.28
N ASN H 77 6.88 -18.05 17.05
CA ASN H 77 7.57 -18.84 16.05
C ASN H 77 9.09 -18.77 16.02
N VAL H 78 9.66 -17.59 15.77
CA VAL H 78 11.12 -17.43 15.72
C VAL H 78 11.91 -17.32 17.02
N GLY H 79 11.44 -16.53 17.97
CA GLY H 79 11.99 -16.26 19.31
C GLY H 79 12.07 -14.79 19.77
N SER H 80 12.59 -14.71 21.00
CA SER H 80 12.82 -13.57 21.90
C SER H 80 13.89 -12.56 21.51
N GLU H 81 14.73 -12.90 20.53
CA GLU H 81 15.74 -11.99 20.02
C GLU H 81 15.29 -11.09 18.87
N SER H 82 14.08 -11.34 18.35
CA SER H 82 13.49 -10.56 17.27
C SER H 82 12.01 -10.30 17.56
N MET H 83 11.62 -10.38 18.83
CA MET H 83 10.25 -10.21 19.27
C MET H 83 9.73 -8.80 19.28
N LEU H 84 8.38 -8.66 19.26
CA LEU H 84 7.73 -7.38 19.45
C LEU H 84 8.19 -6.33 18.43
N GLY H 85 8.84 -5.23 18.86
CA GLY H 85 9.24 -4.21 17.91
C GLY H 85 10.72 -4.23 17.56
N THR H 86 11.39 -5.38 17.77
CA THR H 86 12.81 -5.50 17.54
C THR H 86 12.96 -5.61 16.04
N MET H 87 12.15 -6.48 15.44
CA MET H 87 12.19 -6.73 14.02
C MET H 87 10.91 -6.36 13.26
N VAL H 88 10.01 -5.57 13.88
CA VAL H 88 8.81 -5.03 13.22
C VAL H 88 8.81 -3.54 12.92
N SER H 89 9.24 -2.74 13.90
CA SER H 89 9.46 -1.30 13.76
C SER H 89 10.67 -1.00 12.93
N LEU H 90 11.57 -1.97 12.93
CA LEU H 90 12.71 -2.04 12.03
C LEU H 90 12.30 -1.96 10.56
N THR H 91 11.30 -2.73 10.16
CA THR H 91 10.95 -2.75 8.75
C THR H 91 9.87 -1.74 8.45
N LEU H 92 9.02 -1.46 9.45
CA LEU H 92 7.91 -0.55 9.26
C LEU H 92 8.31 0.91 9.06
N LEU H 93 9.14 1.49 9.93
CA LEU H 93 9.45 2.90 9.75
C LEU H 93 10.25 3.15 8.49
N ARG H 94 11.34 2.42 8.27
CA ARG H 94 12.45 2.29 7.36
C ARG H 94 11.96 1.95 5.93
N GLU H 95 11.40 0.78 5.68
CA GLU H 95 11.22 0.41 4.28
C GLU H 95 9.78 0.19 3.84
N LEU H 96 8.88 -0.24 4.71
CA LEU H 96 7.51 -0.64 4.36
C LEU H 96 6.54 0.53 4.19
N ALA H 97 6.44 1.41 5.20
CA ALA H 97 5.39 2.42 5.31
C ALA H 97 5.52 3.37 4.15
N PRO H 98 6.73 3.84 3.84
CA PRO H 98 7.00 4.73 2.74
C PRO H 98 6.24 4.41 1.44
N VAL H 99 6.06 3.13 1.06
CA VAL H 99 5.38 2.75 -0.19
C VAL H 99 3.91 3.13 -0.15
N VAL H 100 3.27 2.85 0.99
CA VAL H 100 1.85 3.12 1.11
C VAL H 100 1.60 4.61 1.14
N ALA H 101 2.51 5.36 1.76
CA ALA H 101 2.41 6.81 1.86
C ALA H 101 2.41 7.41 0.46
N ALA H 102 3.29 6.90 -0.42
CA ALA H 102 3.40 7.38 -1.78
C ALA H 102 2.14 6.99 -2.50
N LEU H 103 1.58 5.83 -2.26
CA LEU H 103 0.32 5.57 -2.95
C LEU H 103 -0.85 6.46 -2.50
N LEU H 104 -0.88 6.88 -1.23
CA LEU H 104 -1.94 7.72 -0.70
C LEU H 104 -1.66 9.23 -0.82
N PHE H 105 -0.57 9.62 -1.48
CA PHE H 105 -0.27 11.01 -1.78
C PHE H 105 -0.01 11.23 -3.25
N ALA H 106 0.97 10.55 -3.82
CA ALA H 106 1.37 10.76 -5.20
C ALA H 106 0.27 10.24 -6.11
N GLY H 107 -0.35 9.13 -5.69
CA GLY H 107 -1.49 8.54 -6.35
C GLY H 107 -2.80 9.31 -6.11
N ARG H 108 -3.30 9.28 -4.88
CA ARG H 108 -4.53 9.98 -4.48
C ARG H 108 -4.58 11.50 -4.68
N ALA H 109 -3.63 12.28 -4.16
CA ALA H 109 -3.80 13.72 -4.24
C ALA H 109 -3.32 14.23 -5.58
N GLY H 110 -2.35 13.55 -6.21
CA GLY H 110 -1.78 13.89 -7.50
C GLY H 110 -2.85 13.88 -8.58
N SER H 111 -3.72 12.87 -8.55
CA SER H 111 -4.73 12.67 -9.59
C SER H 111 -5.86 13.65 -9.36
N ALA H 112 -6.13 13.95 -8.08
CA ALA H 112 -7.15 14.89 -7.67
C ALA H 112 -6.86 16.32 -8.16
N LEU H 113 -5.60 16.70 -8.12
CA LEU H 113 -5.03 17.96 -8.61
C LEU H 113 -5.27 18.09 -10.08
N THR H 114 -4.93 17.03 -10.80
CA THR H 114 -5.01 16.92 -12.24
C THR H 114 -6.42 17.10 -12.73
N ALA H 115 -7.32 16.49 -11.96
CA ALA H 115 -8.73 16.47 -12.24
C ALA H 115 -9.23 17.89 -12.16
N GLU H 116 -8.84 18.67 -11.15
CA GLU H 116 -9.23 20.08 -11.09
C GLU H 116 -8.63 20.94 -12.20
N ILE H 117 -7.35 20.74 -12.55
CA ILE H 117 -6.70 21.55 -13.57
C ILE H 117 -7.34 21.34 -14.94
N GLY H 118 -7.79 20.12 -15.17
CA GLY H 118 -8.37 19.71 -16.45
C GLY H 118 -9.57 20.58 -16.77
N SER H 119 -10.39 20.86 -15.77
CA SER H 119 -11.59 21.66 -15.84
C SER H 119 -11.33 23.13 -16.03
N MET H 120 -10.10 23.63 -15.89
CA MET H 120 -9.87 25.03 -16.24
C MET H 120 -9.90 25.27 -17.74
N LYS H 121 -9.41 24.25 -18.47
CA LYS H 121 -9.31 24.28 -19.91
C LYS H 121 -10.72 24.08 -20.48
N GLN H 122 -11.48 23.12 -19.93
CA GLN H 122 -12.86 22.84 -20.30
C GLN H 122 -13.83 24.00 -19.96
N SER H 123 -13.75 24.64 -18.77
CA SER H 123 -14.69 25.70 -18.35
C SER H 123 -14.11 26.99 -17.76
N GLU H 124 -13.49 26.93 -16.58
CA GLU H 124 -13.29 28.16 -15.80
C GLU H 124 -12.15 29.15 -16.03
N GLN H 125 -10.93 28.77 -16.40
CA GLN H 125 -9.94 29.83 -16.53
C GLN H 125 -9.28 29.85 -17.91
N LEU H 126 -8.46 28.83 -18.17
CA LEU H 126 -7.67 28.70 -19.37
C LEU H 126 -8.44 28.69 -20.67
N ALA H 127 -9.70 28.26 -20.65
CA ALA H 127 -10.54 28.28 -21.84
C ALA H 127 -10.58 29.62 -22.57
N SER H 128 -10.66 30.71 -21.80
CA SER H 128 -10.84 32.04 -22.32
C SER H 128 -9.48 32.73 -22.31
N MET H 129 -8.67 32.43 -21.30
CA MET H 129 -7.41 33.11 -21.10
C MET H 129 -6.26 32.67 -21.99
N GLU H 130 -6.22 31.45 -22.51
CA GLU H 130 -5.11 31.04 -23.37
C GLU H 130 -5.35 31.74 -24.68
N MET H 131 -6.63 31.77 -25.10
CA MET H 131 -7.04 32.29 -26.38
C MET H 131 -6.64 33.76 -26.47
N ILE H 132 -6.85 34.52 -25.38
CA ILE H 132 -6.44 35.93 -25.31
C ILE H 132 -4.91 36.13 -25.39
N GLY H 133 -4.19 35.41 -24.54
CA GLY H 133 -2.73 35.33 -24.41
C GLY H 133 -2.27 35.76 -23.03
N VAL H 134 -3.05 35.40 -22.01
CA VAL H 134 -2.74 35.74 -20.63
C VAL H 134 -1.92 34.54 -20.25
N ASP H 135 -0.64 34.77 -19.96
CA ASP H 135 0.38 33.77 -19.61
C ASP H 135 -0.12 32.45 -19.02
N PRO H 136 -0.22 31.37 -19.81
CA PRO H 136 -0.69 30.05 -19.43
C PRO H 136 -0.01 29.34 -18.25
N LEU H 137 1.23 29.71 -17.98
CA LEU H 137 2.02 28.96 -17.04
C LEU H 137 1.70 29.59 -15.69
N LYS H 138 1.60 30.91 -15.69
CA LYS H 138 1.21 31.75 -14.55
C LYS H 138 -0.27 31.52 -14.20
N GLN H 139 -1.06 31.22 -15.23
CA GLN H 139 -2.50 31.00 -15.15
C GLN H 139 -2.86 29.75 -14.35
N ILE H 140 -2.39 28.57 -14.78
CA ILE H 140 -2.74 27.36 -14.06
C ILE H 140 -1.60 26.55 -13.43
N VAL H 141 -0.34 26.78 -13.75
CA VAL H 141 0.65 25.93 -13.09
C VAL H 141 1.18 26.50 -11.79
N SER H 142 1.59 27.76 -11.85
CA SER H 142 2.25 28.49 -10.78
C SER H 142 1.38 28.54 -9.49
N PRO H 143 0.06 28.80 -9.50
CA PRO H 143 -0.71 28.85 -8.27
C PRO H 143 -1.34 27.55 -7.80
N ARG H 144 -1.04 26.45 -8.48
CA ARG H 144 -1.60 25.18 -8.07
C ARG H 144 -0.50 24.17 -7.80
N LEU H 145 0.67 24.36 -8.40
CA LEU H 145 1.77 23.42 -8.26
C LEU H 145 2.30 23.47 -6.85
N TRP H 146 2.56 24.70 -6.40
CA TRP H 146 3.16 24.93 -5.11
C TRP H 146 2.24 24.52 -3.99
N ALA H 147 0.91 24.57 -4.19
CA ALA H 147 -0.04 24.26 -3.13
C ALA H 147 0.11 22.82 -2.64
N GLY H 148 0.44 21.90 -3.55
CA GLY H 148 0.36 20.50 -3.20
C GLY H 148 1.75 19.91 -3.00
N ILE H 149 2.80 20.73 -2.95
CA ILE H 149 4.12 20.12 -2.79
C ILE H 149 4.97 20.66 -1.62
N VAL H 150 4.52 21.68 -0.89
CA VAL H 150 5.32 22.23 0.21
C VAL H 150 5.26 21.38 1.48
N SER H 151 4.06 20.99 1.94
CA SER H 151 3.96 20.13 3.12
C SER H 151 4.02 18.64 2.85
N LEU H 152 3.86 18.28 1.57
CA LEU H 152 3.83 16.93 1.04
C LEU H 152 5.00 16.02 1.43
N PRO H 153 6.30 16.40 1.33
CA PRO H 153 7.33 15.49 1.72
C PRO H 153 7.55 15.37 3.22
N MET H 154 6.96 16.28 3.98
CA MET H 154 7.03 16.21 5.42
C MET H 154 5.97 15.22 5.83
N LEU H 155 4.81 15.39 5.20
CA LEU H 155 3.66 14.56 5.44
C LEU H 155 3.92 13.12 5.07
N THR H 156 4.72 12.87 4.04
CA THR H 156 5.06 11.52 3.65
C THR H 156 5.83 10.84 4.77
N VAL H 157 6.70 11.59 5.45
CA VAL H 157 7.46 11.04 6.57
C VAL H 157 6.59 10.94 7.82
N ILE H 158 5.71 11.92 8.01
CA ILE H 158 4.81 11.92 9.16
C ILE H 158 3.91 10.70 9.15
N PHE H 159 3.49 10.22 7.97
CA PHE H 159 2.74 8.98 7.82
C PHE H 159 3.35 7.82 8.53
N ALA H 160 4.64 7.72 8.36
CA ALA H 160 5.37 6.63 8.94
C ALA H 160 5.70 6.94 10.40
N ALA H 161 5.88 8.23 10.72
CA ALA H 161 6.24 8.64 12.07
C ALA H 161 5.12 8.32 13.06
N ILE H 162 3.88 8.55 12.65
CA ILE H 162 2.68 8.29 13.43
C ILE H 162 2.46 6.80 13.65
N GLY H 163 3.03 5.95 12.80
CA GLY H 163 2.95 4.50 13.00
C GLY H 163 3.82 4.10 14.19
N ILE H 164 4.81 4.91 14.50
CA ILE H 164 5.68 4.68 15.65
C ILE H 164 5.12 5.33 16.92
N VAL H 165 4.55 6.53 16.77
CA VAL H 165 3.97 7.26 17.87
C VAL H 165 2.69 6.56 18.35
N GLY H 166 1.90 6.02 17.42
CA GLY H 166 0.67 5.28 17.72
C GLY H 166 0.92 3.80 17.87
N GLY H 167 2.12 3.38 17.48
CA GLY H 167 2.51 1.98 17.55
C GLY H 167 2.68 1.63 19.04
N LYS H 168 3.29 2.53 19.84
CA LYS H 168 3.37 2.27 21.27
C LYS H 168 2.05 2.39 22.01
N LEU H 169 1.05 3.09 21.45
CA LEU H 169 -0.25 3.09 22.09
C LEU H 169 -0.91 1.73 21.97
N VAL H 170 -0.85 1.14 20.79
CA VAL H 170 -1.47 -0.17 20.62
C VAL H 170 -0.49 -1.29 20.99
N GLY H 171 0.80 -1.00 21.22
CA GLY H 171 1.74 -2.02 21.69
C GLY H 171 1.39 -2.35 23.15
N VAL H 172 1.05 -1.29 23.90
CA VAL H 172 0.47 -1.35 25.24
C VAL H 172 -0.94 -1.91 25.31
N ASP H 173 -1.84 -1.49 24.45
CA ASP H 173 -3.16 -2.12 24.49
C ASP H 173 -3.29 -3.54 24.01
N PHE H 174 -2.45 -4.00 23.11
CA PHE H 174 -2.60 -5.38 22.70
C PHE H 174 -1.84 -6.16 23.78
N LEU H 175 -0.60 -5.78 24.10
CA LEU H 175 0.09 -6.59 25.10
C LEU H 175 0.50 -5.88 26.38
N GLY H 176 1.24 -4.79 26.26
CA GLY H 176 1.81 -4.16 27.44
C GLY H 176 3.24 -3.73 27.16
N VAL H 177 3.58 -3.52 25.88
CA VAL H 177 4.95 -3.28 25.50
C VAL H 177 5.40 -1.96 26.05
N ASP H 178 6.52 -1.96 26.78
CA ASP H 178 7.00 -0.73 27.38
C ASP H 178 7.36 0.26 26.30
N GLU H 179 6.88 1.48 26.52
CA GLU H 179 7.01 2.62 25.64
C GLU H 179 8.42 3.09 25.44
N GLY H 180 9.24 3.09 26.51
CA GLY H 180 10.63 3.52 26.48
C GLY H 180 11.53 2.49 25.86
N SER H 181 11.21 1.20 25.93
CA SER H 181 12.05 0.20 25.31
C SER H 181 11.66 0.13 23.85
N PHE H 182 10.41 0.53 23.55
CA PHE H 182 9.97 0.53 22.14
C PHE H 182 10.73 1.66 21.44
N TRP H 183 10.73 2.84 22.08
CA TRP H 183 11.40 4.05 21.67
C TRP H 183 12.90 3.87 21.54
N SER H 184 13.59 3.33 22.53
CA SER H 184 15.04 3.26 22.44
C SER H 184 15.45 2.11 21.52
N GLY H 185 14.58 1.09 21.44
CA GLY H 185 14.77 -0.04 20.55
C GLY H 185 14.70 0.46 19.11
N MET H 186 13.69 1.31 18.80
CA MET H 186 13.43 1.85 17.48
C MET H 186 14.61 2.56 16.89
N GLN H 187 15.20 3.44 17.69
CA GLN H 187 16.36 4.26 17.34
C GLN H 187 17.56 3.46 16.94
N ASN H 188 17.86 2.46 17.75
CA ASN H 188 18.99 1.58 17.58
C ASN H 188 18.80 0.65 16.39
N ASN H 189 17.57 0.18 16.16
CA ASN H 189 17.32 -0.73 15.06
C ASN H 189 17.55 -0.13 13.68
N VAL H 190 17.09 1.11 13.50
CA VAL H 190 17.41 1.72 12.24
C VAL H 190 18.52 2.75 12.17
N GLN H 191 19.17 3.14 13.27
CA GLN H 191 20.27 4.12 13.25
C GLN H 191 19.72 5.40 12.59
N PHE H 192 18.62 5.84 13.20
CA PHE H 192 17.73 6.95 12.82
C PHE H 192 18.31 8.25 12.30
N GLY H 193 19.39 8.73 12.92
CA GLY H 193 20.00 10.01 12.63
C GLY H 193 20.87 9.97 11.39
N HIS H 194 21.04 8.78 10.83
CA HIS H 194 21.80 8.70 9.59
C HIS H 194 20.95 8.05 8.53
N ASP H 195 20.05 7.14 8.87
CA ASP H 195 19.35 6.43 7.82
C ASP H 195 17.97 7.05 7.58
N VAL H 196 17.26 7.44 8.65
CA VAL H 196 15.87 7.89 8.47
C VAL H 196 15.91 9.37 8.11
N VAL H 197 17.00 10.05 8.45
CA VAL H 197 17.27 11.41 8.00
C VAL H 197 17.42 11.39 6.48
N ASN H 198 18.05 10.35 5.92
CA ASN H 198 18.21 10.20 4.49
C ASN H 198 16.91 9.69 3.89
N GLY H 199 16.00 9.09 4.67
CA GLY H 199 14.70 8.70 4.09
C GLY H 199 13.83 9.91 3.89
N ILE H 200 14.16 11.03 4.55
CA ILE H 200 13.45 12.27 4.25
C ILE H 200 13.72 12.69 2.80
N ILE H 201 14.95 12.50 2.33
CA ILE H 201 15.36 12.82 0.96
C ILE H 201 14.58 12.02 -0.08
N LYS H 202 14.39 10.74 0.22
CA LYS H 202 13.62 9.79 -0.56
C LYS H 202 12.19 10.28 -0.77
N SER H 203 11.59 10.80 0.30
CA SER H 203 10.31 11.45 0.19
C SER H 203 10.31 12.82 -0.47
N ILE H 204 11.44 13.56 -0.49
CA ILE H 204 11.44 14.80 -1.28
C ILE H 204 11.43 14.45 -2.74
N VAL H 205 12.10 13.35 -3.10
CA VAL H 205 12.13 12.93 -4.50
C VAL H 205 10.71 12.56 -4.92
N PHE H 206 9.95 11.94 -4.01
CA PHE H 206 8.55 11.64 -4.27
C PHE H 206 7.75 12.90 -4.48
N ALA H 207 8.08 14.02 -3.83
CA ALA H 207 7.35 15.26 -4.06
C ALA H 207 7.69 15.84 -5.41
N LEU H 208 8.95 15.64 -5.79
CA LEU H 208 9.45 16.13 -7.03
C LEU H 208 8.84 15.38 -8.21
N LEU H 209 8.47 14.12 -8.01
CA LEU H 209 7.74 13.36 -9.03
C LEU H 209 6.37 13.91 -9.39
N CYS H 210 5.72 14.52 -8.41
CA CYS H 210 4.40 15.12 -8.53
C CYS H 210 4.52 16.35 -9.36
N THR H 211 5.65 17.04 -9.26
CA THR H 211 5.78 18.18 -10.14
C THR H 211 5.96 17.77 -11.59
N TRP H 212 6.50 16.62 -11.95
CA TRP H 212 6.50 16.37 -13.39
C TRP H 212 5.22 15.72 -13.89
N ILE H 213 4.67 14.82 -13.12
CA ILE H 213 3.68 13.98 -13.72
C ILE H 213 2.32 14.64 -13.82
N ALA H 214 1.92 15.34 -12.75
CA ALA H 214 0.54 15.76 -12.65
C ALA H 214 0.24 16.94 -13.58
N VAL H 215 1.25 17.76 -13.88
CA VAL H 215 1.03 19.05 -14.51
C VAL H 215 0.63 18.89 -15.96
N PHE H 216 1.39 18.12 -16.74
CA PHE H 216 1.15 18.01 -18.19
C PHE H 216 -0.20 17.45 -18.60
N GLN H 217 -0.62 16.41 -17.90
CA GLN H 217 -1.90 15.82 -18.23
C GLN H 217 -3.08 16.76 -17.92
N GLY H 218 -2.96 17.61 -16.90
CA GLY H 218 -4.02 18.60 -16.68
C GLY H 218 -3.91 19.73 -17.72
N TYR H 219 -2.68 20.13 -18.02
CA TYR H 219 -2.34 21.20 -18.95
C TYR H 219 -2.89 20.96 -20.34
N ALA H 220 -2.66 19.77 -20.91
CA ALA H 220 -3.22 19.54 -22.23
C ALA H 220 -4.24 18.39 -22.26
N CYS H 221 -5.38 18.52 -21.57
CA CYS H 221 -6.36 17.45 -21.51
C CYS H 221 -7.33 17.57 -22.66
N ASP H 222 -8.25 16.63 -22.83
CA ASP H 222 -9.22 16.87 -23.89
C ASP H 222 -10.36 17.41 -23.04
N PRO H 223 -11.08 18.49 -23.40
CA PRO H 223 -12.13 19.05 -22.57
C PRO H 223 -13.53 18.39 -22.65
N THR H 224 -13.56 17.12 -22.26
CA THR H 224 -14.68 16.19 -22.21
C THR H 224 -14.58 15.49 -20.88
N PRO H 225 -15.63 14.93 -20.26
CA PRO H 225 -15.31 14.25 -19.01
C PRO H 225 -14.67 12.90 -19.20
N GLU H 226 -14.81 12.27 -20.36
CA GLU H 226 -14.12 11.01 -20.55
C GLU H 226 -12.62 11.25 -20.75
N GLY H 227 -12.25 12.35 -21.42
CA GLY H 227 -10.82 12.63 -21.57
C GLY H 227 -10.10 12.90 -20.26
N ILE H 228 -10.79 13.52 -19.32
CA ILE H 228 -10.33 13.70 -17.96
C ILE H 228 -10.16 12.40 -17.20
N ALA H 229 -11.07 11.44 -17.34
CA ALA H 229 -10.83 10.20 -16.63
C ALA H 229 -9.70 9.43 -17.34
N THR H 230 -9.48 9.65 -18.65
CA THR H 230 -8.35 8.97 -19.28
C THR H 230 -7.07 9.60 -18.75
N ALA H 231 -7.05 10.92 -18.58
CA ALA H 231 -5.90 11.61 -18.01
C ALA H 231 -5.65 11.15 -16.59
N MET H 232 -6.68 10.85 -15.79
CA MET H 232 -6.39 10.33 -14.44
C MET H 232 -5.88 8.89 -14.52
N THR H 233 -6.32 8.12 -15.53
CA THR H 233 -5.79 6.78 -15.69
C THR H 233 -4.31 6.85 -15.99
N ARG H 234 -3.93 7.81 -16.84
CA ARG H 234 -2.53 7.99 -17.18
C ARG H 234 -1.68 8.35 -15.99
N THR H 235 -2.16 9.16 -15.07
CA THR H 235 -1.38 9.43 -13.88
C THR H 235 -1.27 8.30 -12.93
N VAL H 236 -2.20 7.37 -12.94
CA VAL H 236 -1.93 6.23 -12.11
C VAL H 236 -0.84 5.39 -12.77
N VAL H 237 -0.84 5.28 -14.10
CA VAL H 237 0.19 4.48 -14.74
C VAL H 237 1.57 5.12 -14.59
N TYR H 238 1.64 6.45 -14.65
CA TYR H 238 2.94 7.07 -14.56
C TYR H 238 3.54 7.05 -13.17
N SER H 239 2.72 7.23 -12.13
CA SER H 239 3.23 7.39 -10.79
C SER H 239 3.46 6.01 -10.23
N SER H 240 2.81 4.95 -10.76
CA SER H 240 3.03 3.67 -10.12
C SER H 240 4.41 3.10 -10.35
N LEU H 241 5.12 3.44 -11.44
CA LEU H 241 6.42 2.81 -11.60
C LEU H 241 7.55 3.74 -11.20
N CYS H 242 7.31 5.06 -11.26
CA CYS H 242 8.34 6.02 -10.92
C CYS H 242 8.74 5.93 -9.46
N VAL H 243 7.74 5.78 -8.60
CA VAL H 243 7.95 5.50 -7.19
C VAL H 243 8.64 4.19 -6.93
N LEU H 244 8.32 3.13 -7.66
CA LEU H 244 8.92 1.84 -7.36
C LEU H 244 10.38 1.81 -7.80
N GLY H 245 10.78 2.63 -8.79
CA GLY H 245 12.15 2.61 -9.28
C GLY H 245 13.03 3.18 -8.19
N PHE H 246 12.53 4.21 -7.50
CA PHE H 246 13.22 4.80 -6.38
C PHE H 246 13.09 3.99 -5.12
N ASP H 247 12.08 3.13 -4.99
CA ASP H 247 12.03 2.22 -3.88
C ASP H 247 13.16 1.22 -3.96
N PHE H 248 13.56 0.85 -5.16
CA PHE H 248 14.77 0.05 -5.27
C PHE H 248 16.05 0.82 -4.94
N VAL H 249 16.31 1.91 -5.66
CA VAL H 249 17.60 2.58 -5.62
C VAL H 249 17.88 3.26 -4.29
N LEU H 250 16.91 3.99 -3.73
CA LEU H 250 17.16 4.85 -2.58
C LEU H 250 16.98 4.05 -1.30
N THR H 251 16.42 2.85 -1.36
CA THR H 251 16.42 2.02 -0.18
C THR H 251 17.86 1.53 -0.03
N ALA H 252 18.47 1.13 -1.14
CA ALA H 252 19.86 0.69 -1.12
C ALA H 252 20.86 1.83 -0.84
N VAL H 253 20.56 3.05 -1.27
CA VAL H 253 21.49 4.17 -1.11
C VAL H 253 21.25 5.18 0.00
N MET H 254 20.01 5.61 0.22
CA MET H 254 19.74 6.56 1.27
C MET H 254 19.68 5.83 2.60
N PHE H 255 18.94 4.74 2.65
CA PHE H 255 18.82 3.99 3.90
C PHE H 255 20.04 3.10 4.12
N GLY H 256 20.47 2.40 3.07
CA GLY H 256 21.66 1.58 3.12
C GLY H 256 21.30 0.12 3.21
N GLY H 257 20.22 -0.29 2.54
CA GLY H 257 19.84 -1.69 2.60
C GLY H 257 20.61 -2.47 1.54
N LEU I 1 -56.18 13.82 -20.50
CA LEU I 1 -56.83 14.79 -19.63
C LEU I 1 -56.04 14.95 -18.32
N ILE I 2 -55.31 16.06 -18.24
CA ILE I 2 -54.56 16.40 -17.03
C ILE I 2 -55.14 17.65 -16.33
N GLU I 3 -55.61 17.46 -15.11
CA GLU I 3 -56.20 18.55 -14.34
C GLU I 3 -55.22 19.11 -13.31
N VAL I 4 -54.91 20.40 -13.45
CA VAL I 4 -53.98 21.09 -12.57
C VAL I 4 -54.71 22.18 -11.80
N LYS I 5 -54.61 22.13 -10.46
CA LYS I 5 -55.29 23.08 -9.59
C LYS I 5 -54.39 23.50 -8.44
N ASN I 6 -54.12 24.80 -8.35
CA ASN I 6 -53.38 25.39 -7.22
C ASN I 6 -52.02 24.73 -6.97
N LEU I 7 -51.22 24.60 -8.01
CA LEU I 7 -49.98 23.85 -7.94
C LEU I 7 -48.89 24.72 -7.31
N SER I 8 -48.38 24.26 -6.16
CA SER I 8 -47.32 24.94 -5.45
C SER I 8 -46.15 23.98 -5.21
N PHE I 9 -44.94 24.47 -5.49
CA PHE I 9 -43.75 23.62 -5.53
C PHE I 9 -42.60 24.34 -4.84
N ASN I 10 -42.02 23.69 -3.82
CA ASN I 10 -40.76 24.15 -3.24
C ASN I 10 -39.62 23.20 -3.58
N ARG I 11 -38.70 23.65 -4.43
CA ARG I 11 -37.58 22.83 -4.90
C ARG I 11 -36.49 22.86 -3.84
N GLY I 12 -36.64 21.99 -2.83
CA GLY I 12 -35.65 21.88 -1.76
C GLY I 12 -35.83 23.03 -0.79
N GLU I 13 -34.94 24.02 -0.89
CA GLU I 13 -35.01 25.22 -0.04
C GLU I 13 -35.51 26.44 -0.83
N ARG I 14 -35.57 26.33 -2.15
CA ARG I 14 -35.97 27.44 -3.01
C ARG I 14 -37.43 27.28 -3.44
N VAL I 15 -38.28 28.20 -3.00
CA VAL I 15 -39.70 28.21 -3.37
C VAL I 15 -39.84 28.66 -4.83
N ILE I 16 -40.50 27.81 -5.64
CA ILE I 16 -40.57 28.05 -7.09
C ILE I 16 -41.93 28.62 -7.53
N TYR I 17 -43.01 27.93 -7.21
CA TYR I 17 -44.36 28.30 -7.66
C TYR I 17 -45.30 28.58 -6.50
N ASP I 18 -45.92 29.76 -6.51
CA ASP I 18 -47.04 30.05 -5.63
C ASP I 18 -48.35 29.76 -6.36
N ASN I 19 -49.13 28.83 -5.82
CA ASN I 19 -50.35 28.28 -6.47
C ASN I 19 -50.62 28.77 -7.90
N ILE I 20 -50.32 27.94 -8.88
CA ILE I 20 -50.57 28.26 -10.29
C ILE I 20 -51.60 27.31 -10.92
N SER I 21 -52.13 27.70 -12.08
CA SER I 21 -53.15 26.94 -12.79
C SER I 21 -53.04 27.11 -14.30
N LEU I 22 -53.79 26.31 -15.05
CA LEU I 22 -53.73 26.30 -16.51
C LEU I 22 -54.95 25.61 -17.09
N ASN I 23 -55.14 25.75 -18.39
CA ASN I 23 -56.25 25.13 -19.10
C ASN I 23 -55.73 24.49 -20.38
N ILE I 24 -54.94 23.44 -20.21
CA ILE I 24 -54.38 22.70 -21.34
C ILE I 24 -55.13 21.39 -21.53
N ARG I 25 -55.93 21.32 -22.60
CA ARG I 25 -56.82 20.19 -22.84
C ARG I 25 -56.21 19.16 -23.79
N ARG I 26 -56.91 18.04 -23.97
CA ARG I 26 -56.41 16.94 -24.80
C ARG I 26 -56.29 17.34 -26.26
N GLY I 27 -55.05 17.51 -26.71
CA GLY I 27 -54.76 17.94 -28.08
C GLY I 27 -54.43 19.41 -28.25
N GLN I 28 -54.51 20.17 -27.16
CA GLN I 28 -54.31 21.61 -27.21
C GLN I 28 -52.81 21.94 -27.22
N ILE I 29 -52.42 22.87 -28.10
CA ILE I 29 -51.02 23.24 -28.24
C ILE I 29 -50.83 24.59 -27.55
N THR I 30 -50.07 24.58 -26.46
CA THR I 30 -49.81 25.80 -25.70
C THR I 30 -48.31 25.95 -25.47
N ALA I 31 -47.92 27.03 -24.81
CA ALA I 31 -46.52 27.22 -24.40
C ALA I 31 -46.45 27.82 -23.00
N ILE I 32 -45.37 27.52 -22.27
CA ILE I 32 -45.13 28.09 -20.95
C ILE I 32 -43.79 28.81 -20.95
N MET I 33 -43.81 30.13 -20.71
CA MET I 33 -42.59 30.93 -20.77
C MET I 33 -42.11 31.43 -19.41
N GLY I 34 -40.81 31.68 -19.35
CA GLY I 34 -40.16 32.26 -18.18
C GLY I 34 -38.65 32.24 -18.36
N PRO I 35 -37.92 32.91 -17.45
CA PRO I 35 -36.45 32.91 -17.50
C PRO I 35 -35.84 31.52 -17.28
N SER I 36 -34.70 31.27 -17.92
CA SER I 36 -33.98 30.01 -17.72
C SER I 36 -33.48 29.90 -16.29
N GLY I 37 -33.72 28.76 -15.66
CA GLY I 37 -33.31 28.51 -14.28
C GLY I 37 -34.34 28.95 -13.24
N THR I 38 -35.61 28.85 -13.59
CA THR I 38 -36.71 29.18 -12.67
C THR I 38 -37.66 28.00 -12.45
N GLY I 39 -37.16 26.78 -12.66
CA GLY I 39 -37.95 25.57 -12.45
C GLY I 39 -38.89 25.22 -13.58
N LYS I 40 -38.47 25.45 -14.82
CA LYS I 40 -39.32 25.19 -15.99
C LYS I 40 -39.26 23.69 -16.29
N THR I 41 -38.08 23.13 -16.12
CA THR I 41 -37.88 21.70 -16.25
C THR I 41 -38.60 20.93 -15.15
N THR I 42 -38.57 21.46 -13.93
CA THR I 42 -39.15 20.77 -12.79
C THR I 42 -40.68 20.88 -12.81
N LEU I 43 -41.19 21.92 -13.47
CA LEU I 43 -42.63 22.02 -13.75
C LEU I 43 -43.12 20.86 -14.59
N LEU I 44 -42.35 20.53 -15.62
CA LEU I 44 -42.71 19.44 -16.54
C LEU I 44 -42.63 18.09 -15.85
N ARG I 45 -41.76 17.99 -14.86
CA ARG I 45 -41.66 16.77 -14.04
C ARG I 45 -42.89 16.59 -13.14
N LEU I 46 -43.50 17.69 -12.71
CA LEU I 46 -44.71 17.63 -11.89
C LEU I 46 -45.90 17.16 -12.74
N ILE I 47 -45.95 17.63 -13.98
CA ILE I 47 -47.04 17.27 -14.89
C ILE I 47 -46.96 15.79 -15.28
N GLY I 48 -45.73 15.31 -15.49
CA GLY I 48 -45.48 13.89 -15.74
C GLY I 48 -45.77 13.00 -14.53
N GLY I 49 -45.20 13.35 -13.38
CA GLY I 49 -45.42 12.60 -12.15
C GLY I 49 -44.15 12.05 -11.55
N GLN I 50 -43.05 12.79 -11.70
CA GLN I 50 -41.75 12.37 -11.18
C GLN I 50 -41.47 12.98 -9.80
N LEU I 51 -41.76 14.27 -9.66
CA LEU I 51 -41.52 15.01 -8.41
C LEU I 51 -42.85 15.18 -7.66
N VAL I 52 -42.77 15.40 -6.35
CA VAL I 52 -43.95 15.59 -5.51
C VAL I 52 -44.11 17.04 -5.06
N PRO I 53 -45.25 17.63 -5.41
CA PRO I 53 -45.55 19.03 -5.08
C PRO I 53 -46.01 19.10 -3.63
N ASP I 54 -45.98 20.30 -3.05
CA ASP I 54 -46.40 20.50 -1.66
C ASP I 54 -47.92 20.62 -1.55
N GLN I 55 -48.50 21.55 -2.29
CA GLN I 55 -49.95 21.76 -2.29
C GLN I 55 -50.51 21.61 -3.71
N GLY I 56 -51.80 21.34 -3.82
CA GLY I 56 -52.48 21.23 -5.11
C GLY I 56 -52.55 19.81 -5.63
N GLU I 57 -53.25 19.65 -6.77
CA GLU I 57 -53.48 18.34 -7.38
C GLU I 57 -53.05 18.31 -8.84
N VAL I 58 -52.47 17.18 -9.26
CA VAL I 58 -52.23 16.89 -10.67
C VAL I 58 -52.79 15.52 -11.00
N LEU I 59 -54.00 15.50 -11.57
CA LEU I 59 -54.76 14.26 -11.71
C LEU I 59 -54.88 13.87 -13.18
N LEU I 60 -54.91 12.56 -13.44
CA LEU I 60 -55.10 12.05 -14.79
C LEU I 60 -56.54 11.53 -14.89
N ASP I 61 -57.43 12.37 -15.41
CA ASP I 61 -58.86 12.06 -15.46
C ASP I 61 -59.41 11.80 -14.06
N GLY I 62 -58.98 12.63 -13.11
CA GLY I 62 -59.49 12.60 -11.74
C GLY I 62 -58.96 11.41 -10.94
N LYS I 63 -57.75 10.97 -11.30
CA LYS I 63 -57.12 9.81 -10.68
C LYS I 63 -55.69 10.15 -10.28
N ASP I 64 -55.26 9.61 -9.14
CA ASP I 64 -53.87 9.75 -8.67
C ASP I 64 -53.01 8.59 -9.17
N ILE I 65 -52.07 8.89 -10.07
CA ILE I 65 -51.23 7.86 -10.70
C ILE I 65 -49.87 7.63 -10.02
N ALA I 66 -49.85 7.58 -8.69
CA ALA I 66 -48.61 7.34 -7.95
C ALA I 66 -48.08 5.91 -8.12
N GLN I 67 -49.00 4.95 -8.22
CA GLN I 67 -48.64 3.53 -8.32
C GLN I 67 -48.59 3.02 -9.77
N MET I 68 -48.93 3.87 -10.73
CA MET I 68 -48.90 3.50 -12.14
C MET I 68 -47.63 4.04 -12.79
N SER I 69 -47.15 3.40 -13.87
CA SER I 69 -45.96 3.93 -14.54
C SER I 69 -46.32 5.00 -15.58
N ARG I 70 -45.32 5.72 -16.10
CA ARG I 70 -45.52 6.74 -17.14
C ARG I 70 -45.90 6.17 -18.51
N GLN I 71 -45.41 4.97 -18.81
CA GLN I 71 -45.77 4.25 -20.04
C GLN I 71 -47.20 3.74 -20.05
N ARG I 72 -47.70 3.34 -18.87
CA ARG I 72 -49.09 2.95 -18.70
C ARG I 72 -50.02 4.16 -18.53
N ALA I 73 -49.46 5.28 -18.08
CA ALA I 73 -50.19 6.55 -17.98
C ALA I 73 -50.20 7.36 -19.27
N ARG I 74 -49.51 6.88 -20.31
CA ARG I 74 -49.55 7.53 -21.63
C ARG I 74 -49.00 8.94 -21.58
N MET I 75 -47.83 9.09 -20.96
CA MET I 75 -47.15 10.38 -20.88
C MET I 75 -45.73 10.26 -21.44
N GLY I 76 -45.12 11.39 -21.77
CA GLY I 76 -43.75 11.43 -22.30
C GLY I 76 -43.33 12.85 -22.66
N MET I 77 -42.18 12.95 -23.32
CA MET I 77 -41.64 14.25 -23.72
C MET I 77 -40.40 14.15 -24.59
N LEU I 78 -40.03 15.28 -25.20
CA LEU I 78 -38.84 15.40 -26.02
C LEU I 78 -37.81 16.16 -25.18
N PHE I 79 -36.57 15.68 -25.19
CA PHE I 79 -35.54 16.17 -24.27
C PHE I 79 -34.53 17.05 -24.98
N GLN I 80 -33.64 17.66 -24.18
CA GLN I 80 -32.55 18.47 -24.71
C GLN I 80 -31.52 17.64 -25.47
N SER I 81 -31.23 16.44 -24.97
CA SER I 81 -30.28 15.52 -25.61
C SER I 81 -30.95 14.61 -26.65
N GLY I 82 -32.22 14.26 -26.39
CA GLY I 82 -33.01 13.34 -27.22
C GLY I 82 -33.18 11.94 -26.60
N ALA I 83 -32.55 11.70 -25.45
CA ALA I 83 -32.64 10.43 -24.74
C ALA I 83 -32.15 9.26 -25.61
N LEU I 84 -30.95 9.40 -26.16
CA LEU I 84 -30.34 8.35 -26.96
C LEU I 84 -29.03 7.92 -26.31
N PHE I 85 -28.90 6.62 -26.04
CA PHE I 85 -27.67 6.06 -25.50
C PHE I 85 -26.63 6.05 -26.62
N THR I 86 -25.34 6.32 -26.28
CA THR I 86 -24.33 6.43 -27.32
C THR I 86 -23.60 5.12 -27.62
N ASP I 87 -23.71 4.16 -26.70
CA ASP I 87 -23.12 2.83 -26.93
C ASP I 87 -24.12 1.80 -27.47
N MET I 88 -25.34 2.24 -27.76
CA MET I 88 -26.36 1.37 -28.36
C MET I 88 -26.84 1.91 -29.70
N SER I 89 -27.40 1.02 -30.52
CA SER I 89 -27.91 1.37 -31.85
C SER I 89 -29.23 2.13 -31.75
N VAL I 90 -29.62 2.81 -32.82
CA VAL I 90 -30.88 3.57 -32.86
C VAL I 90 -32.07 2.65 -32.58
N TYR I 91 -32.03 1.44 -33.13
CA TYR I 91 -33.03 0.42 -32.83
C TYR I 91 -33.15 0.19 -31.33
N GLU I 92 -31.99 -0.01 -30.69
CA GLU I 92 -31.93 -0.30 -29.25
C GLU I 92 -32.24 0.93 -28.40
N ASN I 93 -31.90 2.11 -28.91
CA ASN I 93 -32.09 3.36 -28.16
C ASN I 93 -33.55 3.62 -27.86
N VAL I 94 -34.39 3.42 -28.86
CA VAL I 94 -35.83 3.69 -28.75
C VAL I 94 -36.61 2.47 -28.29
N ALA I 95 -35.95 1.31 -28.26
CA ALA I 95 -36.53 0.11 -27.67
C ALA I 95 -36.33 -0.03 -26.16
N PHE I 96 -35.48 0.82 -25.57
CA PHE I 96 -35.04 0.66 -24.18
C PHE I 96 -36.11 1.08 -23.17
N PRO I 97 -36.77 2.20 -23.44
CA PRO I 97 -37.70 2.80 -22.49
C PRO I 97 -39.15 2.47 -22.78
N ILE I 98 -39.39 1.62 -23.77
CA ILE I 98 -40.74 1.18 -24.10
C ILE I 98 -40.94 -0.31 -23.82
N ARG I 99 -40.15 -0.87 -22.91
CA ARG I 99 -40.25 -2.29 -22.57
C ARG I 99 -41.47 -2.47 -21.67
N ALA I 100 -41.69 -1.52 -20.77
CA ALA I 100 -42.88 -1.53 -19.94
C ALA I 100 -44.07 -1.14 -20.81
N HIS I 101 -45.25 -1.63 -20.46
CA HIS I 101 -46.46 -1.43 -21.26
C HIS I 101 -46.36 -2.14 -22.62
N THR I 102 -46.87 -3.37 -22.69
CA THR I 102 -46.93 -4.13 -23.93
C THR I 102 -45.55 -4.50 -24.44
N LEU I 103 -44.82 -5.28 -23.66
CA LEU I 103 -43.53 -5.82 -24.07
C LEU I 103 -43.72 -6.79 -25.25
N SER I 104 -43.13 -6.46 -26.38
CA SER I 104 -43.17 -7.31 -27.56
C SER I 104 -42.06 -6.90 -28.53
N GLU I 105 -41.18 -7.86 -28.83
CA GLU I 105 -40.05 -7.63 -29.74
C GLU I 105 -40.48 -7.50 -31.20
N ASN I 106 -41.52 -8.25 -31.58
CA ASN I 106 -42.06 -8.17 -32.93
C ASN I 106 -42.82 -6.86 -33.18
N LEU I 107 -43.43 -6.32 -32.13
CA LEU I 107 -44.08 -5.01 -32.20
C LEU I 107 -43.04 -3.92 -32.43
N ILE I 108 -41.93 -4.03 -31.72
CA ILE I 108 -40.83 -3.06 -31.83
C ILE I 108 -40.18 -3.19 -33.21
N ALA I 109 -40.03 -4.43 -33.67
CA ALA I 109 -39.40 -4.71 -34.98
C ALA I 109 -40.08 -4.00 -36.13
N GLU I 110 -41.42 -3.93 -36.09
CA GLU I 110 -42.18 -3.20 -37.10
C GLU I 110 -42.17 -1.70 -36.82
N LEU I 111 -42.23 -1.33 -35.54
CA LEU I 111 -42.37 0.09 -35.15
C LEU I 111 -41.23 0.95 -35.65
N VAL I 112 -40.00 0.51 -35.40
CA VAL I 112 -38.82 1.35 -35.61
C VAL I 112 -38.66 1.69 -37.09
N ALA I 113 -38.85 0.71 -37.97
CA ALA I 113 -38.72 0.92 -39.41
C ALA I 113 -39.80 1.86 -39.98
N LEU I 114 -41.01 1.76 -39.45
CA LEU I 114 -42.16 2.48 -40.01
C LEU I 114 -42.17 3.96 -39.57
N LYS I 115 -41.84 4.20 -38.30
CA LYS I 115 -42.06 5.50 -37.68
C LYS I 115 -40.97 6.48 -38.11
N LEU I 116 -39.86 5.97 -38.63
CA LEU I 116 -38.76 6.80 -39.10
C LEU I 116 -38.91 7.22 -40.57
N GLU I 117 -40.02 6.81 -41.19
CA GLU I 117 -40.32 7.21 -42.57
C GLU I 117 -40.87 8.64 -42.58
N SER I 118 -41.41 9.08 -41.45
CA SER I 118 -41.91 10.46 -41.31
C SER I 118 -40.80 11.51 -41.30
N VAL I 119 -39.60 11.12 -40.91
CA VAL I 119 -38.44 12.02 -40.93
C VAL I 119 -37.43 11.66 -42.02
N GLY I 120 -37.58 10.48 -42.62
CA GLY I 120 -36.79 10.06 -43.79
C GLY I 120 -35.47 9.42 -43.39
N LEU I 121 -35.49 8.68 -42.28
CA LEU I 121 -34.31 8.01 -41.73
C LEU I 121 -34.58 6.51 -41.51
N ARG I 122 -35.27 5.89 -42.47
CA ARG I 122 -35.69 4.50 -42.35
C ARG I 122 -34.52 3.53 -42.18
N GLY I 123 -33.45 3.75 -42.94
CA GLY I 123 -32.27 2.88 -42.89
C GLY I 123 -31.16 3.42 -41.98
N THR I 124 -31.49 3.78 -40.74
CA THR I 124 -30.51 4.25 -39.77
C THR I 124 -30.58 3.48 -38.44
N GLU I 125 -31.29 2.37 -38.44
CA GLU I 125 -31.58 1.64 -37.20
C GLU I 125 -30.38 0.85 -36.69
N GLN I 126 -29.37 0.66 -37.55
CA GLN I 126 -28.13 -0.02 -37.18
C GLN I 126 -26.99 0.96 -36.83
N LEU I 127 -27.27 2.26 -36.88
CA LEU I 127 -26.24 3.29 -36.61
C LEU I 127 -26.32 3.80 -35.17
N MET I 128 -25.33 4.59 -34.77
CA MET I 128 -25.22 5.11 -33.41
C MET I 128 -25.20 6.65 -33.47
N PRO I 129 -25.57 7.33 -32.37
CA PRO I 129 -25.57 8.80 -32.29
C PRO I 129 -24.27 9.51 -32.69
N THR I 130 -23.12 8.87 -32.46
CA THR I 130 -21.83 9.41 -32.89
C THR I 130 -21.71 9.45 -34.42
N GLU I 131 -22.18 8.40 -35.08
CA GLU I 131 -22.14 8.32 -36.54
C GLU I 131 -23.11 9.29 -37.22
N LEU I 132 -24.28 9.49 -36.61
CA LEU I 132 -25.28 10.41 -37.14
C LEU I 132 -24.92 11.88 -36.89
N SER I 133 -25.58 12.76 -37.63
CA SER I 133 -25.45 14.20 -37.41
C SER I 133 -26.38 14.63 -36.27
N GLY I 134 -26.22 15.87 -35.81
CA GLY I 134 -27.08 16.45 -34.77
C GLY I 134 -28.55 16.54 -35.12
N GLY I 135 -28.84 16.92 -36.36
CA GLY I 135 -30.21 17.01 -36.85
C GLY I 135 -30.89 15.65 -36.92
N MET I 136 -30.14 14.66 -37.37
CA MET I 136 -30.66 13.30 -37.51
C MET I 136 -31.01 12.72 -36.15
N ASN I 137 -30.17 13.03 -35.16
CA ASN I 137 -30.38 12.58 -33.78
C ASN I 137 -31.66 13.16 -33.17
N ARG I 138 -31.98 14.40 -33.50
CA ARG I 138 -33.21 15.05 -33.06
C ARG I 138 -34.44 14.47 -33.75
N ARG I 139 -34.26 14.10 -35.02
CA ARG I 139 -35.34 13.47 -35.79
C ARG I 139 -35.70 12.07 -35.29
N VAL I 140 -34.69 11.32 -34.86
CA VAL I 140 -34.92 10.02 -34.23
C VAL I 140 -35.59 10.20 -32.87
N ALA I 141 -35.17 11.22 -32.13
CA ALA I 141 -35.73 11.51 -30.80
C ALA I 141 -37.20 11.92 -30.88
N LEU I 142 -37.56 12.59 -31.97
CA LEU I 142 -38.95 12.97 -32.22
C LEU I 142 -39.81 11.71 -32.37
N ALA I 143 -39.32 10.76 -33.15
CA ALA I 143 -40.01 9.49 -33.36
C ALA I 143 -40.09 8.64 -32.10
N ARG I 144 -39.06 8.75 -31.26
CA ARG I 144 -39.06 8.09 -29.95
C ARG I 144 -40.22 8.56 -29.07
N ALA I 145 -40.53 9.85 -29.13
CA ALA I 145 -41.58 10.42 -28.27
C ALA I 145 -42.96 9.86 -28.62
N ILE I 146 -43.16 9.46 -29.87
CA ILE I 146 -44.46 8.97 -30.32
C ILE I 146 -44.46 7.45 -30.51
N ALA I 147 -43.68 6.75 -29.69
CA ALA I 147 -43.49 5.31 -29.86
C ALA I 147 -44.74 4.54 -29.40
N LEU I 148 -45.25 4.90 -28.23
CA LEU I 148 -46.33 4.14 -27.57
C LEU I 148 -47.65 4.89 -27.62
N ASP I 149 -47.76 5.89 -28.50
CA ASP I 149 -48.95 6.72 -28.64
C ASP I 149 -49.38 7.39 -27.32
N PRO I 150 -48.47 8.18 -26.70
CA PRO I 150 -48.83 8.87 -25.47
C PRO I 150 -49.72 10.08 -25.75
N ASP I 151 -50.53 10.46 -24.75
CA ASP I 151 -51.38 11.64 -24.86
C ASP I 151 -50.54 12.88 -24.65
N LEU I 152 -49.72 12.88 -23.59
CA LEU I 152 -48.88 14.02 -23.23
C LEU I 152 -47.51 13.89 -23.90
N ILE I 153 -47.11 14.94 -24.62
CA ILE I 153 -45.73 15.07 -25.13
C ILE I 153 -45.23 16.48 -24.87
N MET I 154 -44.41 16.63 -23.84
CA MET I 154 -43.88 17.95 -23.46
C MET I 154 -42.59 18.20 -24.23
N TYR I 155 -42.23 19.48 -24.40
CA TYR I 155 -41.03 19.85 -25.13
C TYR I 155 -40.15 20.72 -24.24
N ASP I 156 -39.02 20.16 -23.79
CA ASP I 156 -38.06 20.88 -22.97
C ASP I 156 -36.84 21.27 -23.79
N GLU I 157 -36.90 22.47 -24.41
CA GLU I 157 -35.78 23.00 -25.19
C GLU I 157 -35.17 21.93 -26.09
N PRO I 158 -35.92 21.50 -27.12
CA PRO I 158 -35.48 20.41 -27.98
C PRO I 158 -34.07 20.57 -28.57
N PHE I 159 -33.71 21.79 -28.94
CA PHE I 159 -32.47 22.03 -29.69
C PHE I 159 -31.44 22.81 -28.86
N ALA I 160 -31.42 22.56 -27.55
CA ALA I 160 -30.49 23.21 -26.64
C ALA I 160 -29.03 22.85 -26.90
N GLY I 161 -28.79 21.62 -27.38
CA GLY I 161 -27.44 21.11 -27.60
C GLY I 161 -26.94 21.36 -29.02
N GLN I 162 -27.79 22.01 -29.84
CA GLN I 162 -27.43 22.40 -31.20
C GLN I 162 -27.03 23.87 -31.26
N ASP I 163 -26.31 24.23 -32.32
CA ASP I 163 -25.89 25.61 -32.54
C ASP I 163 -27.09 26.45 -32.96
N PRO I 164 -27.04 27.74 -32.64
CA PRO I 164 -28.09 28.68 -33.01
C PRO I 164 -28.37 28.65 -34.52
N ILE I 165 -27.28 28.57 -35.30
CA ILE I 165 -27.40 28.52 -36.77
C ILE I 165 -28.07 27.23 -37.23
N VAL I 166 -27.73 26.12 -36.58
CA VAL I 166 -28.34 24.82 -36.87
C VAL I 166 -29.80 24.76 -36.40
N LYS I 167 -30.09 25.44 -35.29
CA LYS I 167 -31.44 25.45 -34.73
C LYS I 167 -32.41 26.14 -35.70
N GLY I 168 -31.90 27.17 -36.39
CA GLY I 168 -32.70 27.95 -37.33
C GLY I 168 -33.31 27.06 -38.42
N VAL I 169 -32.52 26.12 -38.93
CA VAL I 169 -33.01 25.17 -39.92
C VAL I 169 -34.02 24.19 -39.32
N LEU I 170 -33.72 23.67 -38.14
CA LEU I 170 -34.56 22.63 -37.50
C LEU I 170 -35.84 23.20 -36.88
N THR I 171 -35.84 24.48 -36.51
CA THR I 171 -37.03 25.13 -35.97
C THR I 171 -38.09 25.33 -37.05
N ARG I 172 -37.64 25.65 -38.26
CA ARG I 172 -38.55 25.76 -39.41
C ARG I 172 -39.16 24.39 -39.73
N LEU I 173 -38.36 23.35 -39.60
CA LEU I 173 -38.84 21.99 -39.87
C LEU I 173 -39.85 21.54 -38.83
N ILE I 174 -39.52 21.72 -37.55
CA ILE I 174 -40.33 21.19 -36.45
C ILE I 174 -41.65 21.97 -36.30
N ARG I 175 -41.68 23.19 -36.82
CA ARG I 175 -42.89 24.03 -36.76
C ARG I 175 -44.09 23.32 -37.37
N SER I 176 -43.91 22.74 -38.56
CA SER I 176 -44.99 22.08 -39.29
C SER I 176 -45.27 20.69 -38.71
N LEU I 177 -44.24 20.07 -38.15
CA LEU I 177 -44.34 18.72 -37.60
C LEU I 177 -45.11 18.69 -36.28
N ARG I 178 -44.98 19.75 -35.48
CA ARG I 178 -45.77 19.89 -34.26
C ARG I 178 -47.26 20.10 -34.56
N GLU I 179 -47.56 20.89 -35.59
CA GLU I 179 -48.94 21.09 -36.02
C GLU I 179 -49.55 19.84 -36.67
N ALA I 180 -48.73 19.06 -37.38
CA ALA I 180 -49.19 17.81 -37.98
C ALA I 180 -49.47 16.78 -36.89
N LEU I 181 -48.64 16.78 -35.84
CA LEU I 181 -48.81 15.85 -34.72
C LEU I 181 -50.09 16.14 -33.95
N ASP I 182 -50.26 17.39 -33.54
CA ASP I 182 -51.51 17.85 -32.94
C ASP I 182 -51.94 17.11 -31.69
N LEU I 183 -50.98 16.84 -30.80
CA LEU I 183 -51.28 16.29 -29.49
C LEU I 183 -51.02 17.30 -28.38
N THR I 184 -51.43 16.95 -27.17
CA THR I 184 -51.23 17.77 -25.98
C THR I 184 -49.78 18.27 -25.88
N THR I 185 -49.55 19.52 -26.26
CA THR I 185 -48.20 20.06 -26.44
C THR I 185 -47.92 21.18 -25.44
N ILE I 186 -46.77 21.10 -24.77
CA ILE I 186 -46.28 22.17 -23.89
C ILE I 186 -44.89 22.54 -24.38
N ILE I 187 -44.77 23.72 -24.98
CA ILE I 187 -43.51 24.20 -25.49
C ILE I 187 -42.77 25.02 -24.45
N VAL I 188 -41.55 24.58 -24.10
CA VAL I 188 -40.64 25.37 -23.29
C VAL I 188 -39.37 25.68 -24.08
N SER I 189 -39.11 26.97 -24.31
CA SER I 189 -37.96 27.41 -25.10
C SER I 189 -37.52 28.80 -24.68
N HIS I 190 -36.24 29.10 -24.85
CA HIS I 190 -35.69 30.43 -24.58
C HIS I 190 -35.92 31.40 -25.74
N ASP I 191 -36.27 30.86 -26.92
CA ASP I 191 -36.59 31.68 -28.08
C ASP I 191 -38.08 32.00 -28.13
N VAL I 192 -38.40 33.29 -28.17
CA VAL I 192 -39.79 33.76 -28.18
C VAL I 192 -40.45 33.59 -29.55
N PRO I 193 -39.72 33.90 -30.62
CA PRO I 193 -40.23 33.81 -31.99
C PRO I 193 -40.80 32.40 -32.24
N GLU I 194 -40.12 31.39 -31.69
CA GLU I 194 -40.54 30.00 -31.84
C GLU I 194 -41.98 29.77 -31.35
N THR I 195 -42.34 30.39 -30.24
CA THR I 195 -43.59 30.09 -29.55
C THR I 195 -44.75 30.91 -30.08
N LEU I 196 -44.43 32.08 -30.65
CA LEU I 196 -45.44 33.01 -31.14
C LEU I 196 -46.24 32.45 -32.33
N SER I 197 -45.57 31.71 -33.20
CA SER I 197 -46.17 31.24 -34.45
C SER I 197 -46.92 29.92 -34.29
N ILE I 198 -46.59 29.18 -33.24
CA ILE I 198 -47.13 27.82 -33.05
C ILE I 198 -48.22 27.74 -31.98
N ALA I 199 -47.93 28.26 -30.79
CA ALA I 199 -48.82 28.09 -29.65
C ALA I 199 -50.11 28.92 -29.74
N ASP I 200 -51.19 28.35 -29.21
CA ASP I 200 -52.50 29.00 -29.20
C ASP I 200 -52.56 29.96 -28.02
N TYR I 201 -52.28 29.44 -26.83
CA TYR I 201 -52.27 30.21 -25.59
C TYR I 201 -50.88 30.10 -24.95
N ILE I 202 -50.42 31.19 -24.34
CA ILE I 202 -49.11 31.22 -23.69
C ILE I 202 -49.26 31.57 -22.21
N TYR I 203 -48.56 30.81 -21.36
CA TYR I 203 -48.58 31.01 -19.91
C TYR I 203 -47.26 31.63 -19.45
N VAL I 204 -47.27 32.94 -19.22
CA VAL I 204 -46.04 33.67 -18.90
C VAL I 204 -45.89 33.75 -17.39
N VAL I 205 -44.83 33.13 -16.87
CA VAL I 205 -44.51 33.19 -15.45
C VAL I 205 -43.81 34.48 -15.09
N ALA I 206 -44.37 35.21 -14.13
CA ALA I 206 -43.83 36.48 -13.67
C ALA I 206 -43.50 36.39 -12.18
N GLU I 207 -42.23 36.11 -11.90
CA GLU I 207 -41.74 36.04 -10.52
C GLU I 207 -42.43 34.94 -9.71
N GLY I 208 -42.48 33.73 -10.26
CA GLY I 208 -42.90 32.54 -9.51
C GLY I 208 -44.41 32.33 -9.49
N LYS I 209 -45.09 32.88 -10.49
CA LYS I 209 -46.54 32.69 -10.63
C LYS I 209 -46.98 33.10 -12.03
N ILE I 210 -47.86 32.29 -12.63
CA ILE I 210 -48.37 32.58 -13.98
C ILE I 210 -49.28 33.80 -13.89
N GLN I 211 -48.91 34.87 -14.58
CA GLN I 211 -49.70 36.10 -14.62
C GLN I 211 -50.24 36.38 -16.00
N GLY I 212 -49.43 36.17 -17.02
CA GLY I 212 -49.84 36.34 -18.41
C GLY I 212 -50.55 35.10 -18.93
N GLU I 213 -51.84 35.26 -19.24
CA GLU I 213 -52.68 34.16 -19.73
C GLU I 213 -53.45 34.66 -20.95
N GLY I 214 -52.96 34.33 -22.14
CA GLY I 214 -53.64 34.74 -23.36
C GLY I 214 -52.91 34.34 -24.63
N THR I 215 -53.42 34.82 -25.76
CA THR I 215 -52.87 34.49 -27.08
C THR I 215 -51.70 35.42 -27.41
N PRO I 216 -50.85 35.03 -28.39
CA PRO I 216 -49.74 35.88 -28.86
C PRO I 216 -50.12 37.31 -29.20
N GLU I 217 -51.30 37.48 -29.79
CA GLU I 217 -51.80 38.80 -30.15
C GLU I 217 -52.24 39.59 -28.92
N GLU I 218 -52.83 38.89 -27.95
CA GLU I 218 -53.27 39.51 -26.70
C GLU I 218 -52.08 39.87 -25.82
N LEU I 219 -51.00 39.12 -25.96
CA LEU I 219 -49.77 39.36 -25.19
C LEU I 219 -48.69 39.98 -26.08
N GLN I 220 -49.11 40.79 -27.05
CA GLN I 220 -48.20 41.48 -27.95
C GLN I 220 -47.79 42.85 -27.42
N ALA I 221 -49.04 43.24 -27.09
CA ALA I 221 -49.61 44.38 -26.32
C ALA I 221 -49.16 44.51 -24.76
N TYR I 222 -48.49 43.49 -24.13
CA TYR I 222 -47.99 43.36 -22.64
C TYR I 222 -48.95 43.27 -21.34
N ALA I 223 -48.90 42.20 -20.49
CA ALA I 223 -49.79 42.06 -19.34
C ALA I 223 -49.32 42.87 -18.14
N SER I 224 -48.01 43.07 -18.02
CA SER I 224 -47.41 43.70 -16.85
C SER I 224 -46.03 44.29 -17.15
N PRO I 225 -45.58 45.18 -16.28
CA PRO I 225 -44.23 45.77 -16.37
C PRO I 225 -43.14 44.70 -16.51
N PHE I 226 -43.29 43.58 -15.82
CA PHE I 226 -42.39 42.44 -15.99
C PHE I 226 -42.39 41.92 -17.42
N VAL I 227 -43.57 41.74 -17.99
CA VAL I 227 -43.70 41.19 -19.33
C VAL I 227 -43.19 42.21 -20.36
N LYS I 228 -43.37 43.49 -20.06
CA LYS I 228 -42.87 44.57 -20.90
C LYS I 228 -41.35 44.52 -21.03
N GLN I 229 -40.69 44.20 -19.93
CA GLN I 229 -39.24 44.02 -19.92
C GLN I 229 -38.79 42.63 -20.32
N PHE I 230 -39.67 41.64 -20.19
CA PHE I 230 -39.37 40.28 -20.63
C PHE I 230 -39.19 40.18 -22.14
N LEU I 231 -40.14 40.73 -22.90
CA LEU I 231 -40.02 40.77 -24.36
C LEU I 231 -39.92 42.21 -24.86
N THR I 232 -38.71 42.60 -25.27
CA THR I 232 -38.43 43.96 -25.73
C THR I 232 -38.82 44.12 -27.19
N GLY I 233 -38.96 45.37 -27.64
CA GLY I 233 -39.36 45.66 -29.02
C GLY I 233 -38.14 45.75 -29.95
N LEU J 1 -8.01 49.72 -36.36
CA LEU J 1 -8.00 49.36 -37.78
C LEU J 1 -7.48 47.95 -37.96
N ILE J 2 -8.39 47.05 -38.35
CA ILE J 2 -8.05 45.65 -38.62
C ILE J 2 -8.23 45.30 -40.10
N GLU J 3 -7.17 44.79 -40.71
CA GLU J 3 -7.21 44.39 -42.12
C GLU J 3 -6.66 42.97 -42.31
N VAL J 4 -7.51 42.10 -42.86
CA VAL J 4 -7.15 40.71 -43.13
C VAL J 4 -7.29 40.42 -44.61
N LYS J 5 -6.26 39.79 -45.19
CA LYS J 5 -6.21 39.55 -46.63
C LYS J 5 -5.86 38.08 -46.91
N ASN J 6 -6.79 37.38 -47.54
CA ASN J 6 -6.56 36.03 -48.07
C ASN J 6 -6.06 35.05 -47.00
N LEU J 7 -6.73 35.03 -45.85
CA LEU J 7 -6.30 34.20 -44.73
C LEU J 7 -6.79 32.77 -44.93
N SER J 8 -5.86 31.83 -44.87
CA SER J 8 -6.17 30.41 -45.02
C SER J 8 -5.44 29.60 -43.94
N PHE J 9 -6.12 28.58 -43.43
CA PHE J 9 -5.62 27.79 -42.31
C PHE J 9 -6.20 26.38 -42.38
N ASN J 10 -5.32 25.39 -42.37
CA ASN J 10 -5.74 23.99 -42.20
C ASN J 10 -5.37 23.46 -40.83
N ARG J 11 -6.40 23.22 -40.00
CA ARG J 11 -6.20 22.79 -38.62
C ARG J 11 -5.94 21.29 -38.61
N GLY J 12 -4.68 20.91 -38.79
CA GLY J 12 -4.29 19.51 -38.79
C GLY J 12 -4.62 18.89 -40.13
N GLU J 13 -5.67 18.08 -40.16
CA GLU J 13 -6.16 17.47 -41.41
C GLU J 13 -7.49 18.10 -41.86
N ARG J 14 -8.07 18.97 -41.04
CA ARG J 14 -9.37 19.58 -41.33
C ARG J 14 -9.17 21.01 -41.81
N VAL J 15 -9.51 21.27 -43.07
CA VAL J 15 -9.41 22.61 -43.66
C VAL J 15 -10.49 23.52 -43.06
N ILE J 16 -10.05 24.64 -42.47
CA ILE J 16 -10.96 25.56 -41.79
C ILE J 16 -11.30 26.80 -42.61
N TYR J 17 -10.27 27.52 -43.08
CA TYR J 17 -10.46 28.74 -43.87
C TYR J 17 -9.83 28.62 -45.25
N ASP J 18 -10.61 28.91 -46.28
CA ASP J 18 -10.07 29.07 -47.64
C ASP J 18 -10.10 30.54 -48.02
N ASN J 19 -8.91 31.10 -48.28
CA ASN J 19 -8.67 32.56 -48.41
C ASN J 19 -9.89 33.46 -48.12
N ILE J 20 -9.91 34.07 -46.93
CA ILE J 20 -10.96 35.02 -46.56
C ILE J 20 -10.38 36.40 -46.27
N SER J 21 -11.24 37.42 -46.28
CA SER J 21 -10.84 38.81 -46.08
C SER J 21 -11.94 39.62 -45.38
N LEU J 22 -11.54 40.71 -44.73
CA LEU J 22 -12.48 41.59 -44.04
C LEU J 22 -11.80 42.90 -43.68
N ASN J 23 -12.59 43.89 -43.28
CA ASN J 23 -12.09 45.20 -42.87
C ASN J 23 -12.95 45.73 -41.74
N ILE J 24 -12.41 45.66 -40.52
CA ILE J 24 -13.15 46.00 -39.31
C ILE J 24 -12.40 47.09 -38.54
N ARG J 25 -13.11 48.16 -38.19
CA ARG J 25 -12.54 49.30 -37.49
C ARG J 25 -12.38 49.01 -35.99
N ARG J 26 -11.65 49.89 -35.29
CA ARG J 26 -11.28 49.69 -33.89
C ARG J 26 -12.51 49.71 -32.99
N GLY J 27 -12.64 48.67 -32.16
CA GLY J 27 -13.64 48.63 -31.10
C GLY J 27 -15.03 48.22 -31.54
N GLN J 28 -15.12 47.52 -32.67
CA GLN J 28 -16.40 47.10 -33.22
C GLN J 28 -16.64 45.62 -32.92
N ILE J 29 -17.90 45.21 -32.94
CA ILE J 29 -18.29 43.85 -32.58
C ILE J 29 -17.88 42.94 -33.73
N THR J 30 -17.11 41.90 -33.40
CA THR J 30 -16.79 40.83 -34.35
C THR J 30 -17.50 39.56 -33.93
N ALA J 31 -17.69 38.65 -34.90
CA ALA J 31 -18.30 37.35 -34.62
C ALA J 31 -18.27 36.48 -35.87
N ILE J 32 -17.87 35.22 -35.70
CA ILE J 32 -18.04 34.19 -36.73
C ILE J 32 -18.91 33.08 -36.19
N MET J 33 -20.03 32.81 -36.84
CA MET J 33 -20.93 31.72 -36.43
C MET J 33 -21.37 30.83 -37.58
N GLY J 34 -21.67 29.58 -37.23
CA GLY J 34 -22.06 28.55 -38.18
C GLY J 34 -22.10 27.19 -37.49
N PRO J 35 -22.25 26.11 -38.27
CA PRO J 35 -22.21 24.76 -37.71
C PRO J 35 -20.88 24.43 -37.02
N SER J 36 -20.92 23.50 -36.07
CA SER J 36 -19.73 23.10 -35.33
C SER J 36 -18.70 22.52 -36.29
N GLY J 37 -17.45 22.96 -36.17
CA GLY J 37 -16.36 22.49 -37.02
C GLY J 37 -16.10 23.35 -38.24
N THR J 38 -16.53 24.61 -38.18
CA THR J 38 -16.32 25.56 -39.28
C THR J 38 -15.44 26.74 -38.87
N GLY J 39 -14.89 26.68 -37.66
CA GLY J 39 -13.99 27.71 -37.14
C GLY J 39 -14.68 28.97 -36.64
N LYS J 40 -15.49 28.83 -35.57
CA LYS J 40 -16.19 29.98 -35.00
C LYS J 40 -15.19 30.81 -34.23
N THR J 41 -14.29 30.13 -33.53
CA THR J 41 -13.33 30.77 -32.65
C THR J 41 -11.91 30.59 -33.15
N THR J 42 -11.76 30.04 -34.36
CA THR J 42 -10.43 29.80 -34.91
C THR J 42 -9.82 31.10 -35.43
N LEU J 43 -10.64 31.92 -36.10
CA LEU J 43 -10.19 33.24 -36.55
C LEU J 43 -9.62 34.05 -35.40
N LEU J 44 -10.27 33.95 -34.24
CA LEU J 44 -9.85 34.69 -33.05
C LEU J 44 -8.45 34.27 -32.61
N ARG J 45 -8.17 32.97 -32.70
CA ARG J 45 -6.87 32.43 -32.31
C ARG J 45 -5.78 32.77 -33.33
N LEU J 46 -6.15 32.87 -34.61
CA LEU J 46 -5.18 33.17 -35.67
C LEU J 46 -4.74 34.63 -35.60
N ILE J 47 -5.70 35.52 -35.36
CA ILE J 47 -5.41 36.95 -35.25
C ILE J 47 -4.67 37.24 -33.94
N GLY J 48 -5.09 36.58 -32.87
CA GLY J 48 -4.45 36.71 -31.55
C GLY J 48 -3.02 36.18 -31.54
N GLY J 49 -2.76 35.12 -32.29
CA GLY J 49 -1.41 34.59 -32.45
C GLY J 49 -1.18 33.30 -31.69
N GLN J 50 -2.27 32.60 -31.36
CA GLN J 50 -2.19 31.32 -30.66
C GLN J 50 -1.99 30.15 -31.63
N LEU J 51 -2.61 30.24 -32.80
CA LEU J 51 -2.42 29.27 -33.87
C LEU J 51 -1.69 29.93 -35.05
N VAL J 52 -0.93 29.14 -35.80
CA VAL J 52 -0.16 29.64 -36.93
C VAL J 52 -0.88 29.45 -38.25
N PRO J 53 -1.15 30.56 -38.94
CA PRO J 53 -1.89 30.55 -40.20
C PRO J 53 -0.96 30.06 -41.31
N ASP J 54 -1.54 29.49 -42.36
CA ASP J 54 -0.78 28.94 -43.48
C ASP J 54 -0.44 30.00 -44.52
N GLN J 55 -1.47 30.66 -45.05
CA GLN J 55 -1.30 31.71 -46.04
C GLN J 55 -2.03 32.97 -45.61
N GLY J 56 -1.64 34.11 -46.17
CA GLY J 56 -2.34 35.38 -45.96
C GLY J 56 -1.67 36.30 -44.95
N GLU J 57 -2.19 37.51 -44.82
CA GLU J 57 -1.65 38.51 -43.89
C GLU J 57 -2.73 39.05 -42.95
N VAL J 58 -2.34 39.26 -41.69
CA VAL J 58 -3.17 39.97 -40.72
C VAL J 58 -2.44 41.23 -40.28
N LEU J 59 -3.04 42.39 -40.57
CA LEU J 59 -2.39 43.67 -40.36
C LEU J 59 -3.09 44.46 -39.26
N LEU J 60 -2.32 45.17 -38.45
CA LEU J 60 -2.85 46.06 -37.44
C LEU J 60 -2.36 47.47 -37.75
N ASP J 61 -3.24 48.29 -38.31
CA ASP J 61 -2.85 49.61 -38.83
C ASP J 61 -1.77 49.49 -39.90
N GLY J 62 -1.91 48.47 -40.74
CA GLY J 62 -1.00 48.24 -41.87
C GLY J 62 0.38 47.75 -41.42
N LYS J 63 0.40 46.98 -40.34
CA LYS J 63 1.63 46.46 -39.77
C LYS J 63 1.49 44.96 -39.51
N ASP J 64 2.49 44.20 -39.96
CA ASP J 64 2.50 42.74 -39.80
C ASP J 64 2.69 42.35 -38.34
N ILE J 65 1.69 41.69 -37.75
CA ILE J 65 1.73 41.27 -36.35
C ILE J 65 1.89 39.76 -36.14
N ALA J 66 2.45 39.05 -37.11
CA ALA J 66 2.71 37.62 -36.96
C ALA J 66 3.77 37.30 -35.92
N GLN J 67 4.82 38.11 -35.88
CA GLN J 67 5.95 37.91 -34.96
C GLN J 67 5.87 38.78 -33.69
N MET J 68 4.89 39.67 -33.63
CA MET J 68 4.74 40.58 -32.51
C MET J 68 3.93 39.91 -31.39
N SER J 69 4.14 40.30 -30.12
CA SER J 69 3.41 39.67 -29.04
C SER J 69 2.12 40.42 -28.69
N ARG J 70 1.30 39.87 -27.77
CA ARG J 70 0.08 40.53 -27.30
C ARG J 70 0.31 41.88 -26.63
N GLN J 71 1.33 41.95 -25.77
CA GLN J 71 1.70 43.19 -25.09
C GLN J 71 2.36 44.21 -26.01
N ARG J 72 3.19 43.73 -26.94
CA ARG J 72 3.87 44.59 -27.90
C ARG J 72 2.89 45.23 -28.90
N ALA J 73 1.97 44.42 -29.42
CA ALA J 73 0.97 44.90 -30.39
C ALA J 73 -0.34 45.38 -29.76
N ARG J 74 -0.50 45.18 -28.44
CA ARG J 74 -1.69 45.64 -27.73
C ARG J 74 -2.96 45.00 -28.28
N MET J 75 -2.99 43.68 -28.27
CA MET J 75 -4.14 42.93 -28.75
C MET J 75 -4.99 42.44 -27.57
N GLY J 76 -6.27 42.18 -27.84
CA GLY J 76 -7.17 41.57 -26.84
C GLY J 76 -8.57 41.37 -27.40
N MET J 77 -9.44 40.75 -26.59
CA MET J 77 -10.82 40.51 -27.00
C MET J 77 -11.73 40.15 -25.83
N LEU J 78 -13.04 40.24 -26.08
CA LEU J 78 -14.06 39.94 -25.10
C LEU J 78 -14.63 38.57 -25.49
N PHE J 79 -14.85 37.72 -24.48
CA PHE J 79 -15.36 36.37 -24.72
C PHE J 79 -16.84 36.26 -24.42
N GLN J 80 -17.47 35.22 -24.97
CA GLN J 80 -18.91 34.99 -24.79
C GLN J 80 -19.30 34.96 -23.31
N SER J 81 -18.53 34.22 -22.51
CA SER J 81 -18.76 34.12 -21.06
C SER J 81 -18.54 35.47 -20.36
N GLY J 82 -17.52 36.21 -20.80
CA GLY J 82 -17.18 37.54 -20.29
C GLY J 82 -15.68 37.80 -20.18
N ALA J 83 -14.86 36.77 -20.42
CA ALA J 83 -13.41 36.86 -20.29
C ALA J 83 -12.97 37.33 -18.90
N LEU J 84 -13.53 36.70 -17.88
CA LEU J 84 -13.19 37.04 -16.49
C LEU J 84 -12.51 35.84 -15.84
N PHE J 85 -11.75 36.10 -14.76
CA PHE J 85 -11.08 35.05 -14.02
C PHE J 85 -12.07 34.48 -13.02
N THR J 86 -12.43 33.18 -13.15
CA THR J 86 -13.51 32.64 -12.33
C THR J 86 -13.16 32.49 -10.86
N ASP J 87 -11.93 32.08 -10.58
CA ASP J 87 -11.46 31.94 -9.20
C ASP J 87 -11.28 33.27 -8.47
N MET J 88 -10.91 34.31 -9.21
CA MET J 88 -10.57 35.61 -8.61
C MET J 88 -11.80 36.47 -8.37
N SER J 89 -11.64 37.51 -7.55
CA SER J 89 -12.72 38.46 -7.26
C SER J 89 -12.83 39.51 -8.36
N VAL J 90 -13.90 40.32 -8.32
CA VAL J 90 -14.14 41.34 -9.34
C VAL J 90 -13.01 42.38 -9.34
N TYR J 91 -12.55 42.76 -8.16
CA TYR J 91 -11.38 43.63 -8.03
C TYR J 91 -10.16 43.01 -8.68
N GLU J 92 -9.96 41.71 -8.44
CA GLU J 92 -8.78 41.00 -8.91
C GLU J 92 -8.89 40.63 -10.38
N ASN J 93 -10.11 40.64 -10.91
CA ASN J 93 -10.34 40.37 -12.34
C ASN J 93 -9.70 41.42 -13.23
N VAL J 94 -9.68 42.65 -12.74
CA VAL J 94 -9.17 43.79 -13.49
C VAL J 94 -7.86 44.32 -12.92
N ALA J 95 -7.44 43.76 -11.78
CA ALA J 95 -6.14 44.10 -11.19
C ALA J 95 -5.00 43.14 -11.56
N PHE J 96 -5.34 41.96 -12.06
CA PHE J 96 -4.34 40.91 -12.36
C PHE J 96 -3.71 41.08 -13.73
N PRO J 97 -4.53 41.38 -14.73
CA PRO J 97 -4.06 41.49 -16.12
C PRO J 97 -3.76 42.91 -16.54
N ILE J 98 -3.74 43.84 -15.58
CA ILE J 98 -3.23 45.18 -15.82
C ILE J 98 -1.76 45.35 -15.41
N ARG J 99 -1.19 44.29 -14.81
CA ARG J 99 0.24 44.27 -14.51
C ARG J 99 0.99 44.05 -15.82
N ALA J 100 0.54 43.08 -16.59
CA ALA J 100 1.04 42.89 -17.96
C ALA J 100 0.42 44.00 -18.81
N HIS J 101 1.08 44.34 -19.92
CA HIS J 101 0.66 45.45 -20.79
C HIS J 101 0.76 46.79 -20.06
N THR J 102 1.92 47.45 -20.20
CA THR J 102 2.17 48.75 -19.56
C THR J 102 2.20 48.64 -18.05
N LEU J 103 3.15 47.89 -17.54
CA LEU J 103 3.37 47.78 -16.10
C LEU J 103 3.68 49.16 -15.51
N SER J 104 2.92 49.55 -14.49
CA SER J 104 3.09 50.84 -13.84
C SER J 104 2.39 50.81 -12.48
N GLU J 105 3.07 51.33 -11.47
CA GLU J 105 2.58 51.33 -10.09
C GLU J 105 1.40 52.28 -9.87
N ASN J 106 1.46 53.46 -10.49
CA ASN J 106 0.39 54.44 -10.43
C ASN J 106 -0.83 54.00 -11.23
N LEU J 107 -0.61 53.24 -12.30
CA LEU J 107 -1.69 52.65 -13.09
C LEU J 107 -2.49 51.69 -12.23
N ILE J 108 -1.78 50.82 -11.50
CA ILE J 108 -2.43 49.79 -10.69
C ILE J 108 -3.14 50.44 -9.50
N ALA J 109 -2.45 51.37 -8.85
CA ALA J 109 -2.93 51.98 -7.60
C ALA J 109 -4.17 52.83 -7.79
N GLU J 110 -4.18 53.64 -8.85
CA GLU J 110 -5.22 54.65 -9.05
C GLU J 110 -6.37 54.10 -9.90
N LEU J 111 -6.07 53.76 -11.15
CA LEU J 111 -7.12 53.47 -12.15
C LEU J 111 -8.01 52.32 -11.73
N VAL J 112 -7.42 51.25 -11.20
CA VAL J 112 -8.15 50.03 -10.91
C VAL J 112 -9.28 50.30 -9.91
N ALA J 113 -8.98 51.05 -8.85
CA ALA J 113 -9.97 51.33 -7.80
C ALA J 113 -11.07 52.28 -8.27
N LEU J 114 -10.74 53.20 -9.18
CA LEU J 114 -11.63 54.32 -9.51
C LEU J 114 -12.57 53.97 -10.67
N LYS J 115 -12.10 53.10 -11.57
CA LYS J 115 -12.85 52.74 -12.77
C LYS J 115 -14.00 51.79 -12.42
N LEU J 116 -13.82 51.02 -11.34
CA LEU J 116 -14.89 50.16 -10.81
C LEU J 116 -16.02 50.98 -10.19
N GLU J 117 -15.69 52.13 -9.60
CA GLU J 117 -16.69 53.01 -9.00
C GLU J 117 -17.42 53.79 -10.10
N SER J 118 -16.73 54.06 -11.20
CA SER J 118 -17.34 54.77 -12.34
C SER J 118 -18.36 53.93 -13.11
N VAL J 119 -18.29 52.60 -12.96
CA VAL J 119 -19.29 51.70 -13.54
C VAL J 119 -20.42 51.36 -12.56
N GLY J 120 -20.08 51.14 -11.30
CA GLY J 120 -21.05 50.84 -10.24
C GLY J 120 -20.81 49.47 -9.60
N LEU J 121 -19.52 49.12 -9.46
CA LEU J 121 -19.09 47.79 -9.02
C LEU J 121 -18.37 47.87 -7.68
N ARG J 122 -18.67 48.91 -6.91
CA ARG J 122 -17.98 49.16 -5.62
C ARG J 122 -18.35 48.14 -4.54
N GLY J 123 -19.60 47.70 -4.53
CA GLY J 123 -20.09 46.75 -3.53
C GLY J 123 -19.96 45.29 -3.94
N THR J 124 -19.37 45.03 -5.12
CA THR J 124 -19.17 43.68 -5.61
C THR J 124 -17.69 43.32 -5.76
N GLU J 125 -16.81 44.15 -5.21
CA GLU J 125 -15.37 43.99 -5.39
C GLU J 125 -14.84 42.67 -4.82
N GLN J 126 -15.42 42.23 -3.71
CA GLN J 126 -14.99 41.02 -3.01
C GLN J 126 -15.76 39.76 -3.43
N LEU J 127 -16.72 39.91 -4.34
CA LEU J 127 -17.50 38.78 -4.85
C LEU J 127 -16.87 38.14 -6.09
N MET J 128 -17.22 36.88 -6.36
CA MET J 128 -16.62 36.12 -7.45
C MET J 128 -17.68 35.86 -8.52
N PRO J 129 -17.25 35.66 -9.80
CA PRO J 129 -18.16 35.34 -10.90
C PRO J 129 -19.15 34.18 -10.67
N THR J 130 -18.75 33.18 -9.91
CA THR J 130 -19.65 32.07 -9.54
C THR J 130 -20.82 32.55 -8.67
N GLU J 131 -20.53 33.45 -7.72
CA GLU J 131 -21.56 34.01 -6.84
C GLU J 131 -22.51 34.96 -7.56
N LEU J 132 -21.99 35.72 -8.51
CA LEU J 132 -22.78 36.71 -9.25
C LEU J 132 -23.67 36.07 -10.31
N SER J 133 -24.70 36.82 -10.72
CA SER J 133 -25.55 36.40 -11.83
C SER J 133 -24.90 36.78 -13.16
N GLY J 134 -25.49 36.31 -14.26
CA GLY J 134 -25.01 36.61 -15.62
C GLY J 134 -25.02 38.08 -15.99
N GLY J 135 -26.07 38.79 -15.54
CA GLY J 135 -26.19 40.22 -15.80
C GLY J 135 -25.15 41.04 -15.04
N MET J 136 -24.87 40.60 -13.81
CA MET J 136 -23.88 41.27 -12.97
C MET J 136 -22.47 41.00 -13.52
N ASN J 137 -22.28 39.80 -14.05
CA ASN J 137 -21.02 39.41 -14.69
C ASN J 137 -20.78 40.14 -16.01
N ARG J 138 -21.86 40.47 -16.71
CA ARG J 138 -21.78 41.24 -17.94
C ARG J 138 -21.29 42.67 -17.70
N ARG J 139 -21.76 43.26 -16.60
CA ARG J 139 -21.31 44.60 -16.19
C ARG J 139 -19.82 44.66 -15.91
N VAL J 140 -19.26 43.60 -15.29
CA VAL J 140 -17.82 43.51 -15.06
C VAL J 140 -17.10 43.26 -16.39
N ALA J 141 -17.71 42.43 -17.25
CA ALA J 141 -17.12 42.07 -18.53
C ALA J 141 -16.99 43.28 -19.46
N LEU J 142 -18.01 44.16 -19.43
CA LEU J 142 -18.02 45.36 -20.26
C LEU J 142 -16.92 46.32 -19.79
N ALA J 143 -16.72 46.38 -18.47
CA ALA J 143 -15.66 47.18 -17.87
C ALA J 143 -14.28 46.66 -18.20
N ARG J 144 -14.16 45.34 -18.35
CA ARG J 144 -12.88 44.71 -18.67
C ARG J 144 -12.55 44.82 -20.16
N ALA J 145 -13.57 44.94 -20.99
CA ALA J 145 -13.38 44.93 -22.45
C ALA J 145 -12.46 46.06 -22.91
N ILE J 146 -12.61 47.25 -22.33
CA ILE J 146 -11.79 48.40 -22.71
C ILE J 146 -10.88 48.85 -21.57
N ALA J 147 -10.49 47.92 -20.71
CA ALA J 147 -9.66 48.23 -19.54
C ALA J 147 -8.25 48.63 -19.97
N LEU J 148 -7.70 47.88 -20.94
CA LEU J 148 -6.33 48.11 -21.41
C LEU J 148 -6.30 49.04 -22.62
N ASP J 149 -7.47 49.28 -23.23
CA ASP J 149 -7.59 49.99 -24.51
C ASP J 149 -6.72 49.37 -25.61
N PRO J 150 -7.02 48.12 -26.02
CA PRO J 150 -6.22 47.49 -27.07
C PRO J 150 -6.32 48.23 -28.39
N ASP J 151 -5.26 48.16 -29.19
CA ASP J 151 -5.29 48.67 -30.56
C ASP J 151 -6.10 47.73 -31.43
N LEU J 152 -6.01 46.43 -31.13
CA LEU J 152 -6.78 45.40 -31.84
C LEU J 152 -7.84 44.79 -30.91
N ILE J 153 -9.11 45.05 -31.20
CA ILE J 153 -10.22 44.64 -30.35
C ILE J 153 -11.15 43.72 -31.12
N MET J 154 -11.39 42.53 -30.57
CA MET J 154 -12.37 41.61 -31.15
C MET J 154 -13.40 41.24 -30.09
N TYR J 155 -14.54 40.71 -30.54
CA TYR J 155 -15.54 40.17 -29.63
C TYR J 155 -15.83 38.72 -29.98
N ASP J 156 -16.73 38.10 -29.23
CA ASP J 156 -17.13 36.71 -29.47
C ASP J 156 -18.54 36.47 -28.92
N GLU J 157 -19.55 36.60 -29.78
CA GLU J 157 -20.94 36.30 -29.44
C GLU J 157 -21.36 37.05 -28.16
N PRO J 158 -21.52 38.38 -28.26
CA PRO J 158 -21.86 39.20 -27.10
C PRO J 158 -23.10 38.73 -26.34
N PHE J 159 -24.19 38.45 -27.05
CA PHE J 159 -25.45 38.05 -26.40
C PHE J 159 -26.20 37.00 -27.20
N ALA J 160 -25.49 36.00 -27.70
CA ALA J 160 -26.08 34.91 -28.49
C ALA J 160 -26.90 33.94 -27.66
N GLY J 161 -26.29 33.41 -26.60
CA GLY J 161 -26.90 32.36 -25.78
C GLY J 161 -27.23 32.84 -24.37
N GLN J 162 -28.03 33.91 -24.27
CA GLN J 162 -28.37 34.51 -22.99
C GLN J 162 -29.80 34.17 -22.59
N ASP J 163 -30.18 34.59 -21.38
CA ASP J 163 -31.52 34.35 -20.86
C ASP J 163 -32.53 35.21 -21.61
N PRO J 164 -33.80 34.81 -21.58
CA PRO J 164 -34.86 35.51 -22.28
C PRO J 164 -34.88 36.99 -21.94
N ILE J 165 -34.75 37.31 -20.66
CA ILE J 165 -34.71 38.69 -20.18
C ILE J 165 -33.38 39.36 -20.54
N VAL J 166 -32.29 38.68 -20.24
CA VAL J 166 -30.94 39.25 -20.37
C VAL J 166 -30.60 39.57 -21.83
N LYS J 167 -31.02 38.71 -22.75
CA LYS J 167 -30.77 38.90 -24.16
C LYS J 167 -31.43 40.18 -24.66
N GLY J 168 -32.65 40.44 -24.18
CA GLY J 168 -33.40 41.63 -24.54
C GLY J 168 -32.72 42.91 -24.02
N VAL J 169 -32.19 42.84 -22.80
CA VAL J 169 -31.48 43.97 -22.22
C VAL J 169 -30.16 44.25 -22.94
N LEU J 170 -29.39 43.19 -23.21
CA LEU J 170 -28.07 43.33 -23.84
C LEU J 170 -28.15 43.74 -25.32
N THR J 171 -29.26 43.44 -25.97
CA THR J 171 -29.46 43.84 -27.37
C THR J 171 -29.45 45.37 -27.52
N ARG J 172 -30.08 46.05 -26.58
CA ARG J 172 -30.16 47.51 -26.61
C ARG J 172 -28.95 48.11 -25.90
N LEU J 173 -28.49 47.46 -24.84
CA LEU J 173 -27.44 48.02 -23.99
C LEU J 173 -26.09 48.04 -24.73
N ILE J 174 -25.68 46.88 -25.24
CA ILE J 174 -24.38 46.76 -25.92
C ILE J 174 -24.36 47.55 -27.23
N ARG J 175 -25.50 47.57 -27.95
CA ARG J 175 -25.65 48.39 -29.16
C ARG J 175 -25.40 49.87 -28.86
N SER J 176 -25.96 50.36 -27.76
CA SER J 176 -25.88 51.77 -27.42
C SER J 176 -24.47 52.12 -26.92
N LEU J 177 -23.80 51.14 -26.34
CA LEU J 177 -22.41 51.30 -25.89
C LEU J 177 -21.44 51.36 -27.06
N ARG J 178 -21.71 50.59 -28.11
CA ARG J 178 -20.88 50.63 -29.32
C ARG J 178 -21.31 51.75 -30.27
N GLU J 179 -22.47 52.33 -30.04
CA GLU J 179 -22.97 53.42 -30.87
C GLU J 179 -22.14 54.71 -30.74
N ALA J 180 -21.38 54.83 -29.65
CA ALA J 180 -20.53 55.99 -29.42
C ALA J 180 -19.53 56.14 -30.58
N LEU J 181 -19.03 55.01 -31.07
CA LEU J 181 -18.09 55.00 -32.20
C LEU J 181 -18.83 54.83 -33.52
N ASP J 182 -19.66 53.78 -33.61
CA ASP J 182 -20.48 53.53 -34.79
C ASP J 182 -19.69 53.46 -36.09
N LEU J 183 -18.76 52.50 -36.19
CA LEU J 183 -17.91 52.38 -37.36
C LEU J 183 -18.16 51.06 -38.10
N THR J 184 -17.43 50.87 -39.19
CA THR J 184 -17.58 49.70 -40.05
C THR J 184 -17.57 48.40 -39.24
N THR J 185 -18.75 47.80 -39.06
CA THR J 185 -18.91 46.62 -38.23
C THR J 185 -19.35 45.41 -39.05
N ILE J 186 -18.70 44.27 -38.84
CA ILE J 186 -18.98 43.04 -39.58
C ILE J 186 -19.35 41.99 -38.55
N ILE J 187 -20.60 41.55 -38.58
CA ILE J 187 -21.08 40.49 -37.70
C ILE J 187 -21.65 39.33 -38.49
N VAL J 188 -21.22 38.12 -38.18
CA VAL J 188 -21.89 36.90 -38.63
C VAL J 188 -22.51 36.18 -37.43
N SER J 189 -23.84 36.20 -37.37
CA SER J 189 -24.58 35.73 -36.19
C SER J 189 -25.96 35.21 -36.60
N HIS J 190 -26.50 34.29 -35.82
CA HIS J 190 -27.89 33.83 -35.96
C HIS J 190 -28.89 34.98 -35.79
N ASP J 191 -28.65 35.85 -34.81
CA ASP J 191 -29.61 36.90 -34.46
C ASP J 191 -29.75 37.90 -35.61
N VAL J 192 -30.98 38.03 -36.10
CA VAL J 192 -31.27 38.96 -37.21
C VAL J 192 -31.24 40.42 -36.77
N PRO J 193 -31.79 40.71 -35.59
CA PRO J 193 -31.77 42.06 -35.03
C PRO J 193 -30.34 42.58 -34.94
N GLU J 194 -29.42 41.70 -34.52
CA GLU J 194 -28.02 42.06 -34.33
C GLU J 194 -27.34 42.47 -35.65
N THR J 195 -27.54 41.67 -36.69
CA THR J 195 -26.88 41.91 -37.98
C THR J 195 -27.56 43.01 -38.77
N LEU J 196 -28.84 43.23 -38.47
CA LEU J 196 -29.61 44.31 -39.08
C LEU J 196 -29.26 45.69 -38.53
N SER J 197 -29.26 45.82 -37.20
CA SER J 197 -29.22 47.13 -36.55
C SER J 197 -27.80 47.63 -36.30
N ILE J 198 -26.86 46.70 -36.12
CA ILE J 198 -25.48 47.04 -35.78
C ILE J 198 -24.52 46.91 -36.97
N ALA J 199 -24.50 45.73 -37.59
CA ALA J 199 -23.55 45.45 -38.68
C ALA J 199 -23.83 46.22 -39.97
N ASP J 200 -22.75 46.59 -40.65
CA ASP J 200 -22.81 47.36 -41.88
C ASP J 200 -22.66 46.42 -43.07
N TYR J 201 -21.73 45.47 -42.94
CA TYR J 201 -21.43 44.50 -43.99
C TYR J 201 -21.44 43.10 -43.36
N ILE J 202 -21.80 42.10 -44.16
CA ILE J 202 -21.83 40.71 -43.70
C ILE J 202 -21.03 39.81 -44.64
N TYR J 203 -20.10 39.03 -44.07
CA TYR J 203 -19.27 38.11 -44.83
C TYR J 203 -19.40 36.72 -44.23
N VAL J 204 -20.43 35.99 -44.64
CA VAL J 204 -20.70 34.65 -44.11
C VAL J 204 -19.68 33.67 -44.69
N VAL J 205 -18.91 33.04 -43.80
CA VAL J 205 -18.01 31.96 -44.20
C VAL J 205 -18.61 30.60 -43.88
N ALA J 206 -18.75 29.77 -44.91
CA ALA J 206 -19.37 28.45 -44.79
C ALA J 206 -18.73 27.51 -45.80
N GLU J 207 -18.37 26.31 -45.33
CA GLU J 207 -17.73 25.30 -46.17
C GLU J 207 -16.44 25.81 -46.83
N GLY J 208 -15.63 26.52 -46.06
CA GLY J 208 -14.31 26.96 -46.52
C GLY J 208 -14.18 28.46 -46.71
N LYS J 209 -14.83 29.00 -47.74
CA LYS J 209 -14.63 30.37 -48.17
C LYS J 209 -15.90 31.18 -47.92
N ILE J 210 -15.89 32.45 -48.34
CA ILE J 210 -17.03 33.34 -48.12
C ILE J 210 -18.13 32.95 -49.10
N GLN J 211 -19.31 32.66 -48.56
CA GLN J 211 -20.46 32.30 -49.38
C GLN J 211 -21.47 33.45 -49.49
N GLY J 212 -21.67 34.15 -48.38
CA GLY J 212 -22.57 35.31 -48.35
C GLY J 212 -21.78 36.62 -48.22
N GLU J 213 -22.11 37.58 -49.08
CA GLU J 213 -21.38 38.84 -49.18
C GLU J 213 -22.38 39.96 -49.44
N GLY J 214 -22.53 40.86 -48.48
CA GLY J 214 -23.34 42.06 -48.71
C GLY J 214 -24.08 42.55 -47.48
N THR J 215 -25.07 43.42 -47.71
CA THR J 215 -25.89 43.96 -46.63
C THR J 215 -27.08 43.03 -46.35
N PRO J 216 -27.73 43.20 -45.19
CA PRO J 216 -28.95 42.44 -44.84
C PRO J 216 -30.03 42.43 -45.91
N GLU J 217 -30.20 43.56 -46.59
CA GLU J 217 -31.17 43.68 -47.66
C GLU J 217 -30.72 42.92 -48.91
N GLU J 218 -29.41 42.93 -49.17
CA GLU J 218 -28.85 42.22 -50.33
C GLU J 218 -28.82 40.72 -50.09
N LEU J 219 -28.75 40.33 -48.82
CA LEU J 219 -28.73 38.92 -48.43
C LEU J 219 -30.08 38.50 -47.82
N GLN J 220 -31.16 39.06 -48.37
CA GLN J 220 -32.52 38.76 -47.92
C GLN J 220 -33.10 37.53 -48.62
N ALA J 221 -32.80 37.96 -49.88
CA ALA J 221 -32.93 37.37 -51.23
C ALA J 221 -32.09 36.00 -51.52
N TYR J 222 -31.30 35.43 -50.56
CA TYR J 222 -30.49 34.10 -50.55
C TYR J 222 -29.05 33.87 -51.28
N ALA J 223 -28.18 32.92 -50.85
CA ALA J 223 -26.89 32.65 -51.50
C ALA J 223 -26.68 31.17 -51.80
N SER J 224 -27.40 30.31 -51.08
CA SER J 224 -27.23 28.86 -51.22
C SER J 224 -28.45 28.10 -50.72
N PRO J 225 -28.58 26.84 -51.15
CA PRO J 225 -29.66 25.96 -50.69
C PRO J 225 -29.78 25.90 -49.16
N PHE J 226 -28.65 25.93 -48.47
CA PHE J 226 -28.64 26.01 -47.01
C PHE J 226 -29.28 27.30 -46.50
N VAL J 227 -28.87 28.42 -47.09
CA VAL J 227 -29.36 29.73 -46.66
C VAL J 227 -30.86 29.85 -46.96
N LYS J 228 -31.27 29.26 -48.09
CA LYS J 228 -32.67 29.26 -48.50
C LYS J 228 -33.56 28.62 -47.45
N GLN J 229 -33.09 27.52 -46.88
CA GLN J 229 -33.79 26.83 -45.79
C GLN J 229 -33.59 27.46 -44.43
N PHE J 230 -32.39 28.00 -44.20
CA PHE J 230 -32.07 28.60 -42.89
C PHE J 230 -32.91 29.83 -42.59
N LEU J 231 -32.93 30.78 -43.53
CA LEU J 231 -33.71 32.01 -43.37
C LEU J 231 -35.20 31.75 -43.56
N THR J 232 -36.03 32.45 -42.78
CA THR J 232 -37.47 32.33 -42.85
C THR J 232 -38.08 33.55 -43.53
N GLY J 233 -39.37 33.48 -43.85
CA GLY J 233 -40.07 34.59 -44.52
C GLY J 233 -40.85 35.45 -43.52
N VAL K 1 -15.64 57.52 -2.41
CA VAL K 1 -14.70 58.61 -2.12
C VAL K 1 -14.15 58.50 -0.72
N GLN K 2 -12.89 58.09 -0.64
CA GLN K 2 -12.12 58.26 0.58
C GLN K 2 -11.08 59.34 0.38
N TYR K 3 -10.40 59.71 1.47
CA TYR K 3 -9.47 60.85 1.45
C TYR K 3 -8.08 60.33 1.16
N LEU K 4 -7.82 60.01 -0.11
CA LEU K 4 -6.48 59.63 -0.56
C LEU K 4 -5.76 60.91 -1.01
N ASN K 5 -6.17 61.52 -2.13
CA ASN K 5 -7.53 61.95 -2.45
C ASN K 5 -8.02 61.20 -3.65
N GLN K 6 -9.16 60.55 -3.50
CA GLN K 6 -9.69 59.81 -4.62
C GLN K 6 -10.56 60.66 -5.51
N GLU K 7 -10.83 60.18 -6.73
CA GLU K 7 -11.73 60.89 -7.66
C GLU K 7 -13.14 60.90 -7.10
N LEU K 8 -13.80 62.05 -7.25
CA LEU K 8 -15.24 62.16 -7.03
C LEU K 8 -16.10 61.35 -8.00
N VAL K 9 -16.83 60.39 -7.45
CA VAL K 9 -17.58 59.47 -8.27
C VAL K 9 -19.02 59.61 -7.77
N VAL K 10 -19.97 59.09 -8.54
CA VAL K 10 -21.36 59.15 -8.13
C VAL K 10 -21.67 57.90 -7.39
N SER K 11 -22.28 58.10 -6.19
CA SER K 11 -22.47 56.88 -5.39
C SER K 11 -23.78 56.17 -5.73
N GLY K 12 -24.69 56.94 -6.28
CA GLY K 12 -26.01 56.52 -6.65
C GLY K 12 -26.03 56.07 -8.12
N LYS K 13 -27.02 56.59 -8.81
CA LYS K 13 -27.30 56.23 -10.16
C LYS K 13 -26.14 56.60 -11.11
N ILE K 14 -25.64 55.60 -11.83
CA ILE K 14 -24.45 55.76 -12.68
C ILE K 14 -24.94 56.10 -14.06
N ASP K 15 -24.40 57.19 -14.61
CA ASP K 15 -24.67 57.58 -16.00
C ASP K 15 -23.70 58.68 -16.42
N PHE K 16 -23.44 58.85 -17.70
CA PHE K 16 -22.58 59.89 -18.25
C PHE K 16 -23.08 61.31 -17.92
N GLU K 17 -24.35 61.60 -18.17
CA GLU K 17 -24.87 62.92 -17.80
C GLU K 17 -24.88 63.20 -16.29
N ASN K 18 -25.15 62.18 -15.48
CA ASN K 18 -25.04 62.26 -14.01
C ASN K 18 -23.64 62.49 -13.45
N ALA K 19 -22.63 61.83 -14.02
CA ALA K 19 -21.27 62.08 -13.61
C ALA K 19 -20.75 63.45 -14.03
N GLU K 20 -21.13 63.93 -15.23
CA GLU K 20 -20.70 65.26 -15.68
C GLU K 20 -21.39 66.35 -14.89
N GLN K 21 -22.63 66.13 -14.48
CA GLN K 21 -23.32 67.08 -13.59
C GLN K 21 -22.69 67.10 -12.19
N GLN K 22 -22.26 65.93 -11.73
CA GLN K 22 -21.61 65.80 -10.43
C GLN K 22 -20.25 66.50 -10.42
N TYR K 23 -19.57 66.48 -11.55
CA TYR K 23 -18.28 67.17 -11.69
C TYR K 23 -18.46 68.70 -11.55
N GLN K 24 -19.54 69.22 -12.12
CA GLN K 24 -19.83 70.66 -12.04
C GLN K 24 -20.33 71.02 -10.67
N ALA K 25 -21.09 70.12 -10.07
CA ALA K 25 -21.55 70.28 -8.68
C ALA K 25 -20.38 70.24 -7.68
N GLY K 26 -19.39 69.39 -7.91
CA GLY K 26 -18.25 69.30 -6.99
C GLY K 26 -17.32 70.51 -7.20
N LEU K 27 -17.28 71.02 -8.42
CA LEU K 27 -16.53 72.27 -8.70
C LEU K 27 -17.07 73.45 -7.93
N ALA K 28 -18.38 73.63 -7.93
CA ALA K 28 -18.94 74.75 -7.17
C ALA K 28 -18.83 74.58 -5.66
N ILE K 29 -19.01 73.36 -5.17
CA ILE K 29 -19.04 73.10 -3.74
C ILE K 29 -17.69 72.85 -3.08
N ILE K 30 -16.86 72.01 -3.70
CA ILE K 30 -15.65 71.56 -3.06
C ILE K 30 -14.43 72.36 -3.57
N LYS K 31 -14.32 72.52 -4.88
CA LYS K 31 -13.11 73.15 -5.45
C LYS K 31 -13.09 74.65 -5.16
N LYS K 32 -14.25 75.24 -4.94
CA LYS K 32 -14.29 76.65 -4.51
C LYS K 32 -13.53 76.94 -3.21
N GLN K 33 -13.52 75.98 -2.30
CA GLN K 33 -12.84 76.10 -1.01
C GLN K 33 -11.46 75.41 -1.04
N THR K 34 -10.78 75.45 -2.18
CA THR K 34 -9.40 74.96 -2.27
C THR K 34 -9.19 73.47 -1.99
N SER K 35 -9.85 72.59 -2.74
CA SER K 35 -9.64 71.16 -2.58
C SER K 35 -10.03 70.46 -3.84
N PHE K 36 -9.16 69.57 -4.29
CA PHE K 36 -9.37 68.91 -5.58
C PHE K 36 -9.28 67.39 -5.54
N PRO K 37 -10.28 66.72 -4.96
CA PRO K 37 -10.37 65.27 -4.96
C PRO K 37 -10.81 64.86 -6.37
N LEU K 38 -9.86 64.78 -7.29
CA LEU K 38 -10.14 64.51 -8.71
C LEU K 38 -8.92 63.97 -9.41
N ILE K 39 -8.97 62.67 -9.74
CA ILE K 39 -8.03 62.03 -10.62
C ILE K 39 -8.83 61.63 -11.87
N VAL K 40 -8.66 62.36 -12.97
CA VAL K 40 -9.63 62.34 -14.03
C VAL K 40 -9.46 60.97 -14.72
N ASP K 41 -10.47 60.14 -14.54
CA ASP K 41 -10.51 58.79 -15.07
C ASP K 41 -11.43 58.79 -16.31
N LEU K 42 -10.82 58.64 -17.47
CA LEU K 42 -11.51 58.58 -18.76
C LEU K 42 -11.47 57.22 -19.47
N LYS K 43 -11.06 56.16 -18.75
CA LYS K 43 -10.84 54.87 -19.34
C LYS K 43 -12.10 54.15 -19.81
N GLN K 44 -13.22 54.44 -19.13
CA GLN K 44 -14.48 53.73 -19.41
C GLN K 44 -15.32 54.47 -20.46
N LEU K 45 -14.82 55.59 -20.94
CA LEU K 45 -15.50 56.35 -21.98
C LEU K 45 -14.82 56.05 -23.34
N GLU K 46 -15.61 55.88 -24.41
CA GLU K 46 -15.07 55.60 -25.75
C GLU K 46 -14.81 56.84 -26.60
N HIS K 47 -15.59 57.88 -26.38
CA HIS K 47 -15.48 59.12 -27.11
C HIS K 47 -16.16 60.21 -26.29
N GLY K 48 -15.59 61.39 -26.29
CA GLY K 48 -16.10 62.49 -25.49
C GLY K 48 -17.25 63.17 -26.23
N ASN K 49 -17.97 63.98 -25.49
CA ASN K 49 -19.11 64.73 -26.01
C ASN K 49 -18.97 66.20 -25.64
N THR K 50 -20.04 66.98 -25.84
CA THR K 50 -20.00 68.40 -25.48
C THR K 50 -19.77 68.59 -23.98
N LEU K 51 -20.42 67.74 -23.17
CA LEU K 51 -20.24 67.81 -21.73
C LEU K 51 -18.85 67.45 -21.29
N ALA K 52 -18.19 66.52 -21.98
CA ALA K 52 -16.81 66.19 -21.59
C ALA K 52 -15.88 67.34 -21.98
N LEU K 53 -16.18 68.03 -23.08
CA LEU K 53 -15.37 69.17 -23.46
C LEU K 53 -15.60 70.34 -22.51
N ALA K 54 -16.81 70.48 -21.98
CA ALA K 54 -17.14 71.64 -21.18
C ALA K 54 -16.39 71.67 -19.85
N VAL K 55 -16.30 70.52 -19.20
CA VAL K 55 -15.72 70.44 -17.86
C VAL K 55 -14.18 70.52 -17.90
N LEU K 56 -13.60 70.15 -19.04
CA LEU K 56 -12.16 70.25 -19.22
C LEU K 56 -11.71 71.73 -19.22
N VAL K 57 -12.53 72.58 -19.82
CA VAL K 57 -12.29 74.00 -19.80
C VAL K 57 -12.55 74.59 -18.43
N GLN K 58 -13.60 74.11 -17.74
CA GLN K 58 -13.91 74.64 -16.43
C GLN K 58 -12.85 74.29 -15.40
N TRP K 59 -12.28 73.10 -15.53
CA TRP K 59 -11.22 72.65 -14.61
C TRP K 59 -9.95 73.49 -14.76
N LEU K 60 -9.67 73.85 -16.00
CA LEU K 60 -8.55 74.71 -16.29
C LEU K 60 -8.66 76.06 -15.60
N ARG K 61 -9.89 76.60 -15.54
CA ARG K 61 -10.14 77.89 -14.92
C ARG K 61 -10.03 77.80 -13.41
N GLN K 62 -10.42 76.65 -12.86
CA GLN K 62 -10.60 76.51 -11.41
C GLN K 62 -9.30 76.18 -10.67
N THR K 63 -8.79 74.97 -10.88
CA THR K 63 -7.84 74.39 -9.93
C THR K 63 -6.41 74.92 -10.01
N PRO K 64 -5.92 75.10 -11.23
CA PRO K 64 -4.55 75.54 -11.47
C PRO K 64 -4.07 76.75 -10.67
N GLN K 65 -4.98 77.65 -10.36
CA GLN K 65 -4.64 78.81 -9.54
C GLN K 65 -4.11 78.47 -8.15
N LYS K 66 -4.61 77.38 -7.56
CA LYS K 66 -4.21 77.00 -6.21
C LYS K 66 -3.21 75.86 -6.14
N SER K 67 -3.34 74.90 -7.06
CA SER K 67 -2.51 73.72 -6.99
C SER K 67 -2.42 73.00 -8.31
N GLY K 68 -2.02 71.80 -8.31
CA GLY K 68 -1.83 70.89 -9.41
C GLY K 68 -3.13 70.07 -9.52
N LEU K 69 -3.20 69.19 -10.51
CA LEU K 69 -4.40 68.38 -10.73
C LEU K 69 -4.08 67.17 -11.58
N HIS K 70 -4.56 65.99 -11.19
CA HIS K 70 -4.10 64.75 -11.79
C HIS K 70 -4.87 64.39 -13.02
N PHE K 71 -4.14 64.35 -14.14
CA PHE K 71 -4.65 63.80 -15.38
C PHE K 71 -3.77 62.60 -15.71
N LYS K 72 -4.01 61.47 -15.05
CA LYS K 72 -3.22 60.26 -15.23
C LYS K 72 -4.07 59.16 -15.83
N ASN K 73 -3.41 58.20 -16.46
CA ASN K 73 -4.07 56.98 -16.95
C ASN K 73 -5.22 57.12 -17.96
N VAL K 74 -4.99 57.80 -19.12
CA VAL K 74 -6.11 57.97 -20.04
C VAL K 74 -5.89 57.14 -21.29
N PRO K 75 -6.97 56.75 -21.93
CA PRO K 75 -6.88 55.93 -23.14
C PRO K 75 -6.56 56.82 -24.35
N GLU K 76 -6.32 56.25 -25.52
CA GLU K 76 -5.91 57.09 -26.65
C GLU K 76 -7.05 57.93 -27.23
N LYS K 77 -8.27 57.41 -27.15
CA LYS K 77 -9.45 58.04 -27.73
C LYS K 77 -9.88 59.29 -26.93
N MET K 78 -9.68 59.23 -25.61
CA MET K 78 -10.02 60.34 -24.73
C MET K 78 -8.80 61.23 -24.53
N LEU K 79 -7.61 60.76 -24.83
CA LEU K 79 -6.47 61.65 -24.91
C LEU K 79 -6.62 62.69 -26.03
N LYS K 80 -7.21 62.32 -27.16
CA LYS K 80 -7.43 63.25 -28.27
C LYS K 80 -8.49 64.28 -27.89
N ILE K 81 -9.40 63.91 -26.98
CA ILE K 81 -10.38 64.85 -26.48
C ILE K 81 -9.70 65.89 -25.59
N ILE K 82 -8.70 65.46 -24.79
CA ILE K 82 -7.90 66.40 -23.96
C ILE K 82 -7.08 67.32 -24.85
N GLN K 83 -6.53 66.76 -25.92
CA GLN K 83 -5.75 67.52 -26.91
C GLN K 83 -6.60 68.46 -27.77
N ALA K 84 -7.87 68.12 -27.91
CA ALA K 84 -8.81 69.02 -28.54
C ALA K 84 -9.05 70.29 -27.73
N CYS K 85 -9.01 70.20 -26.40
CA CYS K 85 -9.11 71.39 -25.55
C CYS K 85 -7.76 72.10 -25.37
N HIS K 86 -6.68 71.46 -25.84
CA HIS K 86 -5.31 71.98 -25.74
C HIS K 86 -4.80 72.16 -24.31
N LEU K 87 -4.98 71.13 -23.47
CA LEU K 87 -4.51 71.22 -22.10
C LEU K 87 -3.06 70.74 -22.01
N GLN K 88 -2.62 69.94 -22.98
CA GLN K 88 -1.28 69.37 -22.95
C GLN K 88 -0.14 70.40 -22.88
N GLU K 89 -0.32 71.55 -23.53
CA GLU K 89 0.69 72.61 -23.60
C GLU K 89 0.96 73.31 -22.26
N ASP K 90 -0.04 73.41 -21.39
CA ASP K 90 0.04 74.19 -20.16
C ASP K 90 -0.69 73.62 -18.94
N LEU K 91 -0.82 72.30 -18.86
CA LEU K 91 -1.52 71.66 -17.74
C LEU K 91 -0.96 70.25 -17.60
N HIS K 92 -0.98 69.76 -16.36
CA HIS K 92 -0.51 68.42 -16.05
C HIS K 92 -1.24 67.40 -16.90
N LEU K 93 -0.47 66.52 -17.51
CA LEU K 93 -0.98 65.46 -18.35
C LEU K 93 0.10 64.42 -18.54
N VAL L 1 -38.79 -2.76 -45.45
CA VAL L 1 -39.55 -4.01 -45.60
C VAL L 1 -38.64 -5.21 -45.63
N GLN L 2 -38.96 -6.16 -44.75
CA GLN L 2 -38.13 -7.35 -44.62
C GLN L 2 -38.89 -8.55 -45.16
N TYR L 3 -38.47 -9.74 -44.75
CA TYR L 3 -39.08 -11.00 -45.21
C TYR L 3 -39.78 -11.66 -44.05
N LEU L 4 -40.91 -11.08 -43.63
CA LEU L 4 -41.70 -11.60 -42.51
C LEU L 4 -42.61 -12.70 -43.06
N ASN L 5 -43.71 -12.36 -43.74
CA ASN L 5 -43.81 -11.30 -44.75
C ASN L 5 -44.99 -10.43 -44.45
N GLN L 6 -44.97 -9.23 -44.98
CA GLN L 6 -46.04 -8.31 -44.67
C GLN L 6 -46.46 -7.47 -45.85
N GLU L 7 -47.69 -6.95 -45.82
CA GLU L 7 -48.16 -6.00 -46.83
C GLU L 7 -47.43 -4.66 -46.65
N LEU L 8 -47.33 -3.91 -47.74
CA LEU L 8 -46.78 -2.56 -47.70
C LEU L 8 -47.81 -1.45 -47.79
N VAL L 9 -48.14 -0.88 -46.63
CA VAL L 9 -49.20 0.10 -46.55
C VAL L 9 -48.53 1.33 -45.92
N VAL L 10 -49.14 2.49 -46.06
CA VAL L 10 -48.62 3.68 -45.44
C VAL L 10 -49.04 3.68 -44.01
N SER L 11 -48.02 3.81 -43.12
CA SER L 11 -48.41 3.59 -41.72
C SER L 11 -48.77 4.89 -41.02
N GLY L 12 -48.20 5.97 -41.51
CA GLY L 12 -48.26 7.27 -40.94
C GLY L 12 -48.81 8.28 -41.96
N LYS L 13 -48.21 9.45 -41.91
CA LYS L 13 -48.56 10.54 -42.75
C LYS L 13 -48.16 10.28 -44.22
N ILE L 14 -49.11 10.52 -45.14
CA ILE L 14 -48.86 10.39 -46.57
C ILE L 14 -48.06 11.59 -46.99
N ASP L 15 -46.87 11.34 -47.55
CA ASP L 15 -45.93 12.41 -47.92
C ASP L 15 -45.15 11.99 -49.16
N PHE L 16 -44.10 12.71 -49.50
CA PHE L 16 -43.31 12.52 -50.72
C PHE L 16 -42.78 11.09 -50.86
N GLU L 17 -42.33 10.47 -49.77
CA GLU L 17 -41.60 9.22 -49.89
C GLU L 17 -42.47 7.96 -49.91
N ASN L 18 -43.79 8.14 -49.78
CA ASN L 18 -44.74 7.01 -49.68
C ASN L 18 -46.07 7.17 -50.38
N ALA L 19 -46.30 8.32 -51.03
CA ALA L 19 -47.54 8.54 -51.73
C ALA L 19 -47.70 7.70 -52.98
N GLU L 20 -46.65 7.62 -53.81
CA GLU L 20 -46.72 6.80 -55.03
C GLU L 20 -45.76 5.63 -54.96
N GLN L 21 -44.74 5.73 -54.13
CA GLN L 21 -43.69 4.68 -54.09
C GLN L 21 -44.20 3.39 -53.46
N GLN L 22 -44.96 3.53 -52.37
CA GLN L 22 -45.48 2.37 -51.64
C GLN L 22 -46.79 1.88 -52.25
N TYR L 23 -47.55 2.80 -52.85
CA TYR L 23 -48.84 2.47 -53.45
C TYR L 23 -48.64 1.54 -54.68
N GLN L 24 -47.73 1.91 -55.55
CA GLN L 24 -47.48 1.14 -56.77
C GLN L 24 -46.83 -0.19 -56.44
N ALA L 25 -45.98 -0.18 -55.44
CA ALA L 25 -45.29 -1.39 -54.99
C ALA L 25 -46.26 -2.42 -54.34
N GLY L 26 -47.33 -1.93 -53.71
CA GLY L 26 -48.32 -2.85 -53.14
C GLY L 26 -49.05 -3.58 -54.29
N LEU L 27 -49.41 -2.84 -55.33
CA LEU L 27 -50.13 -3.43 -56.48
C LEU L 27 -49.22 -4.29 -57.34
N ALA L 28 -47.95 -3.92 -57.46
CA ALA L 28 -47.09 -4.66 -58.37
C ALA L 28 -46.37 -5.84 -57.73
N ILE L 29 -45.92 -5.67 -56.49
CA ILE L 29 -45.12 -6.69 -55.83
C ILE L 29 -45.85 -7.52 -54.77
N ILE L 30 -46.53 -6.85 -53.85
CA ILE L 30 -47.17 -7.54 -52.75
C ILE L 30 -48.35 -8.39 -53.25
N LYS L 31 -49.12 -7.86 -54.19
CA LYS L 31 -50.22 -8.65 -54.77
C LYS L 31 -49.67 -9.81 -55.59
N LYS L 32 -48.62 -9.58 -56.37
CA LYS L 32 -48.09 -10.65 -57.21
C LYS L 32 -47.40 -11.78 -56.47
N GLN L 33 -46.65 -11.44 -55.42
CA GLN L 33 -45.88 -12.39 -54.63
C GLN L 33 -46.68 -12.87 -53.41
N THR L 34 -47.92 -12.41 -53.26
CA THR L 34 -48.81 -12.91 -52.21
C THR L 34 -48.32 -12.77 -50.77
N SER L 35 -48.02 -11.55 -50.32
CA SER L 35 -47.68 -11.33 -48.93
C SER L 35 -48.85 -10.68 -48.25
N PHE L 36 -49.89 -11.46 -48.03
CA PHE L 36 -51.18 -10.90 -47.62
C PHE L 36 -51.30 -10.64 -46.12
N PRO L 37 -50.70 -11.49 -45.29
CA PRO L 37 -50.65 -11.29 -43.85
C PRO L 37 -50.01 -9.93 -43.61
N LEU L 38 -50.47 -9.23 -42.58
CA LEU L 38 -49.94 -7.91 -42.21
C LEU L 38 -49.97 -7.71 -40.72
N ILE L 39 -48.78 -7.61 -40.13
CA ILE L 39 -48.59 -7.13 -38.77
C ILE L 39 -48.02 -5.71 -38.91
N VAL L 40 -48.71 -4.72 -38.35
CA VAL L 40 -48.30 -3.35 -38.53
C VAL L 40 -48.59 -2.65 -37.20
N ASP L 41 -47.60 -1.88 -36.76
CA ASP L 41 -47.70 -1.02 -35.60
C ASP L 41 -48.08 0.38 -36.06
N LEU L 42 -49.27 0.81 -35.67
CA LEU L 42 -49.83 2.10 -36.04
C LEU L 42 -49.94 3.12 -34.89
N LYS L 43 -49.10 2.99 -33.86
CA LYS L 43 -49.11 3.86 -32.72
C LYS L 43 -48.52 5.25 -32.97
N GLN L 44 -47.70 5.36 -34.03
CA GLN L 44 -47.05 6.63 -34.37
C GLN L 44 -48.03 7.60 -35.05
N LEU L 45 -49.16 7.08 -35.53
CA LEU L 45 -50.14 7.87 -36.24
C LEU L 45 -51.34 8.13 -35.30
N GLU L 46 -51.81 9.38 -35.20
CA GLU L 46 -53.00 9.73 -34.41
C GLU L 46 -54.32 9.19 -34.98
N HIS L 47 -54.55 9.46 -36.26
CA HIS L 47 -55.72 8.97 -36.95
C HIS L 47 -55.38 8.93 -38.45
N GLY L 48 -56.12 8.13 -39.19
CA GLY L 48 -55.84 7.95 -40.61
C GLY L 48 -56.75 8.87 -41.42
N ASN L 49 -56.84 8.57 -42.69
CA ASN L 49 -57.61 9.36 -43.66
C ASN L 49 -58.17 8.46 -44.73
N THR L 50 -58.83 9.05 -45.74
CA THR L 50 -59.56 8.26 -46.72
C THR L 50 -58.61 7.45 -47.60
N LEU L 51 -57.51 8.08 -48.01
CA LEU L 51 -56.58 7.43 -48.92
C LEU L 51 -55.83 6.30 -48.27
N ALA L 52 -55.55 6.40 -46.97
CA ALA L 52 -54.87 5.26 -46.33
C ALA L 52 -55.85 4.09 -46.18
N LEU L 53 -57.13 4.39 -45.98
CA LEU L 53 -58.11 3.30 -45.89
C LEU L 53 -58.43 2.74 -47.28
N ALA L 54 -58.29 3.55 -48.32
CA ALA L 54 -58.60 3.09 -49.67
C ALA L 54 -57.68 1.96 -50.11
N VAL L 55 -56.44 1.99 -49.64
CA VAL L 55 -55.49 0.89 -49.88
C VAL L 55 -55.97 -0.41 -49.22
N LEU L 56 -56.56 -0.30 -48.03
CA LEU L 56 -57.02 -1.48 -47.30
C LEU L 56 -58.30 -2.05 -47.92
N VAL L 57 -59.05 -1.18 -48.60
CA VAL L 57 -60.22 -1.61 -49.34
C VAL L 57 -59.84 -2.38 -50.58
N GLN L 58 -58.64 -2.11 -51.14
CA GLN L 58 -58.15 -2.92 -52.23
C GLN L 58 -57.71 -4.30 -51.75
N TRP L 59 -57.25 -4.37 -50.51
CA TRP L 59 -56.82 -5.65 -49.91
C TRP L 59 -58.01 -6.46 -49.38
N LEU L 60 -59.08 -5.74 -49.14
CA LEU L 60 -60.31 -6.35 -48.69
C LEU L 60 -60.81 -7.40 -49.67
N ARG L 61 -60.60 -7.15 -50.96
CA ARG L 61 -61.11 -8.03 -52.02
C ARG L 61 -60.20 -9.22 -52.25
N GLN L 62 -58.96 -9.10 -51.78
CA GLN L 62 -57.92 -10.04 -52.16
C GLN L 62 -57.58 -11.05 -51.05
N THR L 63 -57.43 -10.56 -49.82
CA THR L 63 -56.86 -11.38 -48.75
C THR L 63 -57.71 -12.54 -48.25
N PRO L 64 -59.01 -12.27 -48.08
CA PRO L 64 -59.93 -13.27 -47.55
C PRO L 64 -59.89 -14.65 -48.22
N GLN L 65 -59.76 -14.69 -49.53
CA GLN L 65 -59.86 -15.94 -50.27
C GLN L 65 -58.49 -16.55 -50.62
N LYS L 66 -57.41 -15.94 -50.14
CA LYS L 66 -56.07 -16.43 -50.49
C LYS L 66 -55.27 -16.96 -49.31
N SER L 67 -55.22 -16.20 -48.23
CA SER L 67 -54.38 -16.59 -47.12
C SER L 67 -55.04 -16.33 -45.78
N GLY L 68 -54.31 -16.38 -44.74
CA GLY L 68 -54.65 -16.12 -43.37
C GLY L 68 -54.30 -14.64 -43.12
N LEU L 69 -54.48 -14.18 -41.88
CA LEU L 69 -54.33 -12.75 -41.58
C LEU L 69 -54.36 -12.54 -40.06
N HIS L 70 -53.29 -11.96 -39.51
CA HIS L 70 -53.24 -11.74 -38.07
C HIS L 70 -52.49 -10.49 -37.71
N PHE L 71 -53.22 -9.57 -37.07
CA PHE L 71 -52.67 -8.31 -36.63
C PHE L 71 -52.28 -8.49 -35.18
N LYS L 72 -51.36 -7.69 -34.68
CA LYS L 72 -50.97 -7.70 -33.27
C LYS L 72 -51.00 -6.30 -32.70
N ASN L 73 -51.60 -6.17 -31.53
CA ASN L 73 -51.58 -4.91 -30.75
C ASN L 73 -52.08 -3.63 -31.43
N VAL L 74 -53.38 -3.59 -31.85
CA VAL L 74 -53.83 -2.37 -32.52
C VAL L 74 -54.28 -1.35 -31.49
N PRO L 75 -53.80 -0.13 -31.62
CA PRO L 75 -54.09 0.91 -30.64
C PRO L 75 -55.54 1.37 -30.79
N GLU L 76 -56.11 1.97 -29.75
CA GLU L 76 -57.58 2.13 -29.75
C GLU L 76 -58.06 3.29 -30.61
N LYS L 77 -57.14 4.18 -30.98
CA LYS L 77 -57.41 5.28 -31.91
C LYS L 77 -57.65 4.76 -33.34
N MET L 78 -56.86 3.78 -33.75
CA MET L 78 -56.93 3.25 -35.10
C MET L 78 -58.01 2.17 -35.19
N LEU L 79 -58.43 1.63 -34.07
CA LEU L 79 -59.63 0.79 -34.07
C LEU L 79 -60.89 1.58 -34.47
N LYS L 80 -60.95 2.87 -34.11
CA LYS L 80 -62.13 3.68 -34.42
C LYS L 80 -62.14 4.08 -35.89
N ILE L 81 -60.95 4.32 -36.45
CA ILE L 81 -60.86 4.83 -37.81
C ILE L 81 -61.09 3.69 -38.80
N ILE L 82 -60.48 2.52 -38.54
CA ILE L 82 -60.51 1.39 -39.49
C ILE L 82 -61.88 0.72 -39.51
N GLN L 83 -62.50 0.64 -38.33
CA GLN L 83 -63.84 0.04 -38.17
C GLN L 83 -64.96 0.87 -38.81
N ALA L 84 -64.73 2.17 -38.88
CA ALA L 84 -65.76 3.06 -39.37
C ALA L 84 -66.16 2.76 -40.82
N CYS L 85 -65.23 2.29 -41.64
CA CYS L 85 -65.54 1.94 -43.03
C CYS L 85 -65.75 0.44 -43.23
N HIS L 86 -66.06 -0.27 -42.14
CA HIS L 86 -66.37 -1.71 -42.14
C HIS L 86 -65.21 -2.60 -42.61
N LEU L 87 -64.00 -2.33 -42.12
CA LEU L 87 -62.89 -3.20 -42.41
C LEU L 87 -62.60 -4.11 -41.20
N GLN L 88 -62.98 -3.67 -40.02
CA GLN L 88 -62.83 -4.48 -38.83
C GLN L 88 -63.82 -5.63 -38.67
N GLU L 89 -64.98 -5.53 -39.34
CA GLU L 89 -66.00 -6.57 -39.37
C GLU L 89 -65.66 -7.75 -40.29
N ASP L 90 -64.99 -7.51 -41.40
CA ASP L 90 -64.60 -8.54 -42.35
C ASP L 90 -63.16 -9.06 -42.27
N LEU L 91 -62.20 -8.18 -41.95
CA LEU L 91 -60.80 -8.56 -41.87
C LEU L 91 -60.44 -8.64 -40.38
N HIS L 92 -59.40 -9.42 -40.10
CA HIS L 92 -58.79 -9.48 -38.77
C HIS L 92 -58.18 -8.15 -38.44
N LEU L 93 -58.26 -7.80 -37.17
CA LEU L 93 -57.73 -6.55 -36.65
C LEU L 93 -57.62 -6.66 -35.15
#